data_9LN0
# 
_entry.id   9LN0 
# 
_audit_conform.dict_name       mmcif_pdbx.dic 
_audit_conform.dict_version    5.407 
_audit_conform.dict_location   http://mmcif.pdb.org/dictionaries/ascii/mmcif_pdbx.dic 
# 
loop_
_database_2.database_id 
_database_2.database_code 
_database_2.pdbx_database_accession 
_database_2.pdbx_DOI 
PDB   9LN0         pdb_00009ln0 10.2210/pdb9ln0/pdb 
WWPDB D_1300055999 ?            ?                   
# 
_pdbx_audit_revision_history.ordinal             1 
_pdbx_audit_revision_history.data_content_type   'Structure model' 
_pdbx_audit_revision_history.major_revision      1 
_pdbx_audit_revision_history.minor_revision      0 
_pdbx_audit_revision_history.revision_date       2025-11-19 
_pdbx_audit_revision_history.part_number         ? 
# 
_pdbx_audit_revision_details.ordinal             1 
_pdbx_audit_revision_details.revision_ordinal    1 
_pdbx_audit_revision_details.data_content_type   'Structure model' 
_pdbx_audit_revision_details.provider            repository 
_pdbx_audit_revision_details.type                'Initial release' 
_pdbx_audit_revision_details.description         ? 
_pdbx_audit_revision_details.details             ? 
# 
_pdbx_database_status.status_code                     REL 
_pdbx_database_status.status_code_sf                  REL 
_pdbx_database_status.status_code_mr                  ? 
_pdbx_database_status.entry_id                        9LN0 
_pdbx_database_status.recvd_initial_deposition_date   2025-01-20 
_pdbx_database_status.SG_entry                        N 
_pdbx_database_status.deposit_site                    PDBJ 
_pdbx_database_status.process_site                    PDBC 
_pdbx_database_status.status_code_cs                  ? 
_pdbx_database_status.status_code_nmr_data            ? 
_pdbx_database_status.methods_development_category    ? 
_pdbx_database_status.pdb_format_compatible           N 
# 
_pdbx_contact_author.id                 2 
_pdbx_contact_author.email              wangyaxin@tju.edu.cn 
_pdbx_contact_author.name_first         yaxin 
_pdbx_contact_author.name_last          Wang 
_pdbx_contact_author.name_mi            ? 
_pdbx_contact_author.role               'principal investigator/group leader' 
_pdbx_contact_author.identifier_ORCID   0000-0002-3507-3969 
# 
loop_
_audit_author.name 
_audit_author.pdbx_ordinal 
_audit_author.identifier_ORCID 
'Wang, Y.X.' 1 ? 
'Dong, B.J.' 2 ? 
# 
_citation.abstract                  ? 
_citation.abstract_id_CAS           ? 
_citation.book_id_ISBN              ? 
_citation.book_publisher            ? 
_citation.book_publisher_city       ? 
_citation.book_title                ? 
_citation.coordinate_linkage        ? 
_citation.country                   UK 
_citation.database_id_Medline       ? 
_citation.details                   ? 
_citation.id                        primary 
_citation.journal_abbrev            Int.J.Biol.Macromol. 
_citation.journal_id_ASTM           IJBMDR 
_citation.journal_id_CSD            0708 
_citation.journal_id_ISSN           0141-8130 
_citation.journal_full              ? 
_citation.journal_issue             ? 
_citation.journal_volume            320 
_citation.language                  ? 
_citation.page_first                146110 
_citation.page_last                 146110 
_citation.title                     
'Structural and functional characterization of thermostable dUTPase P45 from Pyrococcus furiosus with enhanced PCR efficiency.' 
_citation.year                      2025 
_citation.database_id_CSD           ? 
_citation.pdbx_database_id_DOI      10.1016/j.ijbiomac.2025.146110 
_citation.pdbx_database_id_PubMed   40680961 
_citation.pdbx_database_id_patent   ? 
_citation.unpublished_flag          ? 
# 
loop_
_citation_author.citation_id 
_citation_author.name 
_citation_author.ordinal 
_citation_author.identifier_ORCID 
primary 'Dong, B.'  1 ? 
primary 'Li, J.'    2 ? 
primary 'Zhang, L.' 3 ? 
primary 'Zhang, B.' 4 ? 
primary 'Xu, B.'    5 ? 
primary 'Ye, S.'    6 ? 
primary 'Wang, Y.'  7 ? 
# 
loop_
_entity.id 
_entity.type 
_entity.src_method 
_entity.pdbx_description 
_entity.formula_weight 
_entity.pdbx_number_of_molecules 
_entity.pdbx_ec 
_entity.pdbx_mutation 
_entity.pdbx_fragment 
_entity.details 
1 polymer man 'dCTP deaminase' 17893.748 1  3.5.4.13 ? ? ? 
2 water   nat water            18.015    63 ?        ? ? ? 
# 
_entity_name_com.entity_id   1 
_entity_name_com.name        'dUTPase, Deoxycytidine triphosphate deaminase' 
# 
_entity_poly.entity_id                      1 
_entity_poly.type                           'polypeptide(L)' 
_entity_poly.nstd_linkage                   no 
_entity_poly.nstd_monomer                   no 
_entity_poly.pdbx_seq_one_letter_code       
;MLLPDWKIRKEILIEPFSEESLQPAGYDLRVGREAFVKGKLIDVEKEGKVVIPPREYALILTLERIKLPDDVMGDMKIRS
SLAREGVIGSFAWVDPGWDGNLTLMLYNASNEPVELRYGERFVQIAFIRLEGPARNPYRGNYQGSTRLAFSKRKKL
;
_entity_poly.pdbx_seq_one_letter_code_can   
;MLLPDWKIRKEILIEPFSEESLQPAGYDLRVGREAFVKGKLIDVEKEGKVVIPPREYALILTLERIKLPDDVMGDMKIRS
SLAREGVIGSFAWVDPGWDGNLTLMLYNASNEPVELRYGERFVQIAFIRLEGPARNPYRGNYQGSTRLAFSKRKKL
;
_entity_poly.pdbx_strand_id                 A 
_entity_poly.pdbx_target_identifier         ? 
# 
_pdbx_entity_nonpoly.entity_id   2 
_pdbx_entity_nonpoly.name        water 
_pdbx_entity_nonpoly.comp_id     HOH 
# 
loop_
_entity_poly_seq.entity_id 
_entity_poly_seq.num 
_entity_poly_seq.mon_id 
_entity_poly_seq.hetero 
1 1   MET n 
1 2   LEU n 
1 3   LEU n 
1 4   PRO n 
1 5   ASP n 
1 6   TRP n 
1 7   LYS n 
1 8   ILE n 
1 9   ARG n 
1 10  LYS n 
1 11  GLU n 
1 12  ILE n 
1 13  LEU n 
1 14  ILE n 
1 15  GLU n 
1 16  PRO n 
1 17  PHE n 
1 18  SER n 
1 19  GLU n 
1 20  GLU n 
1 21  SER n 
1 22  LEU n 
1 23  GLN n 
1 24  PRO n 
1 25  ALA n 
1 26  GLY n 
1 27  TYR n 
1 28  ASP n 
1 29  LEU n 
1 30  ARG n 
1 31  VAL n 
1 32  GLY n 
1 33  ARG n 
1 34  GLU n 
1 35  ALA n 
1 36  PHE n 
1 37  VAL n 
1 38  LYS n 
1 39  GLY n 
1 40  LYS n 
1 41  LEU n 
1 42  ILE n 
1 43  ASP n 
1 44  VAL n 
1 45  GLU n 
1 46  LYS n 
1 47  GLU n 
1 48  GLY n 
1 49  LYS n 
1 50  VAL n 
1 51  VAL n 
1 52  ILE n 
1 53  PRO n 
1 54  PRO n 
1 55  ARG n 
1 56  GLU n 
1 57  TYR n 
1 58  ALA n 
1 59  LEU n 
1 60  ILE n 
1 61  LEU n 
1 62  THR n 
1 63  LEU n 
1 64  GLU n 
1 65  ARG n 
1 66  ILE n 
1 67  LYS n 
1 68  LEU n 
1 69  PRO n 
1 70  ASP n 
1 71  ASP n 
1 72  VAL n 
1 73  MET n 
1 74  GLY n 
1 75  ASP n 
1 76  MET n 
1 77  LYS n 
1 78  ILE n 
1 79  ARG n 
1 80  SER n 
1 81  SER n 
1 82  LEU n 
1 83  ALA n 
1 84  ARG n 
1 85  GLU n 
1 86  GLY n 
1 87  VAL n 
1 88  ILE n 
1 89  GLY n 
1 90  SER n 
1 91  PHE n 
1 92  ALA n 
1 93  TRP n 
1 94  VAL n 
1 95  ASP n 
1 96  PRO n 
1 97  GLY n 
1 98  TRP n 
1 99  ASP n 
1 100 GLY n 
1 101 ASN n 
1 102 LEU n 
1 103 THR n 
1 104 LEU n 
1 105 MET n 
1 106 LEU n 
1 107 TYR n 
1 108 ASN n 
1 109 ALA n 
1 110 SER n 
1 111 ASN n 
1 112 GLU n 
1 113 PRO n 
1 114 VAL n 
1 115 GLU n 
1 116 LEU n 
1 117 ARG n 
1 118 TYR n 
1 119 GLY n 
1 120 GLU n 
1 121 ARG n 
1 122 PHE n 
1 123 VAL n 
1 124 GLN n 
1 125 ILE n 
1 126 ALA n 
1 127 PHE n 
1 128 ILE n 
1 129 ARG n 
1 130 LEU n 
1 131 GLU n 
1 132 GLY n 
1 133 PRO n 
1 134 ALA n 
1 135 ARG n 
1 136 ASN n 
1 137 PRO n 
1 138 TYR n 
1 139 ARG n 
1 140 GLY n 
1 141 ASN n 
1 142 TYR n 
1 143 GLN n 
1 144 GLY n 
1 145 SER n 
1 146 THR n 
1 147 ARG n 
1 148 LEU n 
1 149 ALA n 
1 150 PHE n 
1 151 SER n 
1 152 LYS n 
1 153 ARG n 
1 154 LYS n 
1 155 LYS n 
1 156 LEU n 
# 
_entity_src_gen.entity_id                          1 
_entity_src_gen.pdbx_src_id                        1 
_entity_src_gen.pdbx_alt_source_flag               sample 
_entity_src_gen.pdbx_seq_type                      'Biological sequence' 
_entity_src_gen.pdbx_beg_seq_num                   1 
_entity_src_gen.pdbx_end_seq_num                   156 
_entity_src_gen.gene_src_common_name               ? 
_entity_src_gen.gene_src_genus                     ? 
_entity_src_gen.pdbx_gene_src_gene                 'dcd, PF1996' 
_entity_src_gen.gene_src_species                   ? 
_entity_src_gen.gene_src_strain                    ? 
_entity_src_gen.gene_src_tissue                    ? 
_entity_src_gen.gene_src_tissue_fraction           ? 
_entity_src_gen.gene_src_details                   ? 
_entity_src_gen.pdbx_gene_src_fragment             ? 
_entity_src_gen.pdbx_gene_src_scientific_name      'Pyrococcus furiosus DSM 3638' 
_entity_src_gen.pdbx_gene_src_ncbi_taxonomy_id     186497 
_entity_src_gen.pdbx_gene_src_variant              ? 
_entity_src_gen.pdbx_gene_src_cell_line            ? 
_entity_src_gen.pdbx_gene_src_atcc                 ? 
_entity_src_gen.pdbx_gene_src_organ                ? 
_entity_src_gen.pdbx_gene_src_organelle            ? 
_entity_src_gen.pdbx_gene_src_cell                 ? 
_entity_src_gen.pdbx_gene_src_cellular_location    ? 
_entity_src_gen.host_org_common_name               ? 
_entity_src_gen.pdbx_host_org_scientific_name      'Escherichia coli' 
_entity_src_gen.pdbx_host_org_ncbi_taxonomy_id     562 
_entity_src_gen.host_org_genus                     ? 
_entity_src_gen.pdbx_host_org_gene                 ? 
_entity_src_gen.pdbx_host_org_organ                ? 
_entity_src_gen.host_org_species                   ? 
_entity_src_gen.pdbx_host_org_tissue               ? 
_entity_src_gen.pdbx_host_org_tissue_fraction      ? 
_entity_src_gen.pdbx_host_org_strain               ? 
_entity_src_gen.pdbx_host_org_variant              ? 
_entity_src_gen.pdbx_host_org_cell_line            ? 
_entity_src_gen.pdbx_host_org_atcc                 ? 
_entity_src_gen.pdbx_host_org_culture_collection   ? 
_entity_src_gen.pdbx_host_org_cell                 ? 
_entity_src_gen.pdbx_host_org_organelle            ? 
_entity_src_gen.pdbx_host_org_cellular_location    ? 
_entity_src_gen.pdbx_host_org_vector_type          ? 
_entity_src_gen.pdbx_host_org_vector               ? 
_entity_src_gen.host_org_details                   ? 
_entity_src_gen.expression_system_id               ? 
_entity_src_gen.plasmid_name                       ? 
_entity_src_gen.plasmid_details                    ? 
_entity_src_gen.pdbx_description                   ? 
# 
loop_
_chem_comp.id 
_chem_comp.type 
_chem_comp.mon_nstd_flag 
_chem_comp.name 
_chem_comp.pdbx_synonyms 
_chem_comp.formula 
_chem_comp.formula_weight 
ALA 'L-peptide linking' y ALANINE         ? 'C3 H7 N O2'     89.093  
ARG 'L-peptide linking' y ARGININE        ? 'C6 H15 N4 O2 1' 175.209 
ASN 'L-peptide linking' y ASPARAGINE      ? 'C4 H8 N2 O3'    132.118 
ASP 'L-peptide linking' y 'ASPARTIC ACID' ? 'C4 H7 N O4'     133.103 
GLN 'L-peptide linking' y GLUTAMINE       ? 'C5 H10 N2 O3'   146.144 
GLU 'L-peptide linking' y 'GLUTAMIC ACID' ? 'C5 H9 N O4'     147.129 
GLY 'peptide linking'   y GLYCINE         ? 'C2 H5 N O2'     75.067  
HOH non-polymer         . WATER           ? 'H2 O'           18.015  
ILE 'L-peptide linking' y ISOLEUCINE      ? 'C6 H13 N O2'    131.173 
LEU 'L-peptide linking' y LEUCINE         ? 'C6 H13 N O2'    131.173 
LYS 'L-peptide linking' y LYSINE          ? 'C6 H15 N2 O2 1' 147.195 
MET 'L-peptide linking' y METHIONINE      ? 'C5 H11 N O2 S'  149.211 
PHE 'L-peptide linking' y PHENYLALANINE   ? 'C9 H11 N O2'    165.189 
PRO 'L-peptide linking' y PROLINE         ? 'C5 H9 N O2'     115.130 
SER 'L-peptide linking' y SERINE          ? 'C3 H7 N O3'     105.093 
THR 'L-peptide linking' y THREONINE       ? 'C4 H9 N O3'     119.119 
TRP 'L-peptide linking' y TRYPTOPHAN      ? 'C11 H12 N2 O2'  204.225 
TYR 'L-peptide linking' y TYROSINE        ? 'C9 H11 N O3'    181.189 
VAL 'L-peptide linking' y VALINE          ? 'C5 H11 N O2'    117.146 
# 
loop_
_pdbx_poly_seq_scheme.asym_id 
_pdbx_poly_seq_scheme.entity_id 
_pdbx_poly_seq_scheme.seq_id 
_pdbx_poly_seq_scheme.mon_id 
_pdbx_poly_seq_scheme.ndb_seq_num 
_pdbx_poly_seq_scheme.pdb_seq_num 
_pdbx_poly_seq_scheme.auth_seq_num 
_pdbx_poly_seq_scheme.pdb_mon_id 
_pdbx_poly_seq_scheme.auth_mon_id 
_pdbx_poly_seq_scheme.pdb_strand_id 
_pdbx_poly_seq_scheme.pdb_ins_code 
_pdbx_poly_seq_scheme.hetero 
A 1 1   MET 1   1   1   MET MET A . n 
A 1 2   LEU 2   2   2   LEU LEU A . n 
A 1 3   LEU 3   3   3   LEU LEU A . n 
A 1 4   PRO 4   4   4   PRO PRO A . n 
A 1 5   ASP 5   5   5   ASP ASP A . n 
A 1 6   TRP 6   6   6   TRP TRP A . n 
A 1 7   LYS 7   7   7   LYS LYS A . n 
A 1 8   ILE 8   8   8   ILE ILE A . n 
A 1 9   ARG 9   9   9   ARG ARG A . n 
A 1 10  LYS 10  10  10  LYS LYS A . n 
A 1 11  GLU 11  11  11  GLU GLU A . n 
A 1 12  ILE 12  12  12  ILE ILE A . n 
A 1 13  LEU 13  13  13  LEU LEU A . n 
A 1 14  ILE 14  14  14  ILE ILE A . n 
A 1 15  GLU 15  15  15  GLU GLU A . n 
A 1 16  PRO 16  16  16  PRO PRO A . n 
A 1 17  PHE 17  17  17  PHE PHE A . n 
A 1 18  SER 18  18  18  SER SER A . n 
A 1 19  GLU 19  19  19  GLU GLU A . n 
A 1 20  GLU 20  20  20  GLU GLU A . n 
A 1 21  SER 21  21  21  SER SER A . n 
A 1 22  LEU 22  22  22  LEU LEU A . n 
A 1 23  GLN 23  23  23  GLN GLN A . n 
A 1 24  PRO 24  24  24  PRO PRO A . n 
A 1 25  ALA 25  25  25  ALA ALA A . n 
A 1 26  GLY 26  26  26  GLY GLY A . n 
A 1 27  TYR 27  27  27  TYR TYR A . n 
A 1 28  ASP 28  28  28  ASP ASP A . n 
A 1 29  LEU 29  29  29  LEU LEU A . n 
A 1 30  ARG 30  30  30  ARG ARG A . n 
A 1 31  VAL 31  31  31  VAL VAL A . n 
A 1 32  GLY 32  32  32  GLY GLY A . n 
A 1 33  ARG 33  33  33  ARG ARG A . n 
A 1 34  GLU 34  34  34  GLU GLU A . n 
A 1 35  ALA 35  35  35  ALA ALA A . n 
A 1 36  PHE 36  36  36  PHE PHE A . n 
A 1 37  VAL 37  37  37  VAL VAL A . n 
A 1 38  LYS 38  38  38  LYS LYS A . n 
A 1 39  GLY 39  39  39  GLY GLY A . n 
A 1 40  LYS 40  40  40  LYS LYS A . n 
A 1 41  LEU 41  41  41  LEU LEU A . n 
A 1 42  ILE 42  42  42  ILE ILE A . n 
A 1 43  ASP 43  43  43  ASP ASP A . n 
A 1 44  VAL 44  44  44  VAL VAL A . n 
A 1 45  GLU 45  45  45  GLU GLU A . n 
A 1 46  LYS 46  46  46  LYS LYS A . n 
A 1 47  GLU 47  47  47  GLU GLU A . n 
A 1 48  GLY 48  48  48  GLY GLY A . n 
A 1 49  LYS 49  49  49  LYS LYS A . n 
A 1 50  VAL 50  50  50  VAL VAL A . n 
A 1 51  VAL 51  51  51  VAL VAL A . n 
A 1 52  ILE 52  52  52  ILE ILE A . n 
A 1 53  PRO 53  53  53  PRO PRO A . n 
A 1 54  PRO 54  54  54  PRO PRO A . n 
A 1 55  ARG 55  55  55  ARG ARG A . n 
A 1 56  GLU 56  56  56  GLU GLU A . n 
A 1 57  TYR 57  57  57  TYR TYR A . n 
A 1 58  ALA 58  58  58  ALA ALA A . n 
A 1 59  LEU 59  59  59  LEU LEU A . n 
A 1 60  ILE 60  60  60  ILE ILE A . n 
A 1 61  LEU 61  61  61  LEU LEU A . n 
A 1 62  THR 62  62  62  THR THR A . n 
A 1 63  LEU 63  63  63  LEU LEU A . n 
A 1 64  GLU 64  64  64  GLU GLU A . n 
A 1 65  ARG 65  65  65  ARG ARG A . n 
A 1 66  ILE 66  66  66  ILE ILE A . n 
A 1 67  LYS 67  67  67  LYS LYS A . n 
A 1 68  LEU 68  68  68  LEU LEU A . n 
A 1 69  PRO 69  69  69  PRO PRO A . n 
A 1 70  ASP 70  70  70  ASP ASP A . n 
A 1 71  ASP 71  71  71  ASP ASP A . n 
A 1 72  VAL 72  72  72  VAL VAL A . n 
A 1 73  MET 73  73  73  MET MET A . n 
A 1 74  GLY 74  74  74  GLY GLY A . n 
A 1 75  ASP 75  75  75  ASP ASP A . n 
A 1 76  MET 76  76  76  MET MET A . n 
A 1 77  LYS 77  77  77  LYS LYS A . n 
A 1 78  ILE 78  78  78  ILE ILE A . n 
A 1 79  ARG 79  79  79  ARG ARG A . n 
A 1 80  SER 80  80  80  SER SER A . n 
A 1 81  SER 81  81  81  SER SER A . n 
A 1 82  LEU 82  82  82  LEU LEU A . n 
A 1 83  ALA 83  83  83  ALA ALA A . n 
A 1 84  ARG 84  84  84  ARG ARG A . n 
A 1 85  GLU 85  85  85  GLU GLU A . n 
A 1 86  GLY 86  86  86  GLY GLY A . n 
A 1 87  VAL 87  87  87  VAL VAL A . n 
A 1 88  ILE 88  88  88  ILE ILE A . n 
A 1 89  GLY 89  89  89  GLY GLY A . n 
A 1 90  SER 90  90  90  SER SER A . n 
A 1 91  PHE 91  91  91  PHE PHE A . n 
A 1 92  ALA 92  92  92  ALA ALA A . n 
A 1 93  TRP 93  93  93  TRP TRP A . n 
A 1 94  VAL 94  94  94  VAL VAL A . n 
A 1 95  ASP 95  95  95  ASP ASP A . n 
A 1 96  PRO 96  96  96  PRO PRO A . n 
A 1 97  GLY 97  97  97  GLY GLY A . n 
A 1 98  TRP 98  98  98  TRP TRP A . n 
A 1 99  ASP 99  99  99  ASP ASP A . n 
A 1 100 GLY 100 100 100 GLY GLY A . n 
A 1 101 ASN 101 101 101 ASN ASN A . n 
A 1 102 LEU 102 102 102 LEU LEU A . n 
A 1 103 THR 103 103 103 THR THR A . n 
A 1 104 LEU 104 104 104 LEU LEU A . n 
A 1 105 MET 105 105 105 MET MET A . n 
A 1 106 LEU 106 106 106 LEU LEU A . n 
A 1 107 TYR 107 107 107 TYR TYR A . n 
A 1 108 ASN 108 108 108 ASN ASN A . n 
A 1 109 ALA 109 109 109 ALA ALA A . n 
A 1 110 SER 110 110 110 SER SER A . n 
A 1 111 ASN 111 111 111 ASN ASN A . n 
A 1 112 GLU 112 112 112 GLU GLU A . n 
A 1 113 PRO 113 113 113 PRO PRO A . n 
A 1 114 VAL 114 114 114 VAL VAL A . n 
A 1 115 GLU 115 115 115 GLU GLU A . n 
A 1 116 LEU 116 116 116 LEU LEU A . n 
A 1 117 ARG 117 117 117 ARG ARG A . n 
A 1 118 TYR 118 118 118 TYR TYR A . n 
A 1 119 GLY 119 119 119 GLY GLY A . n 
A 1 120 GLU 120 120 120 GLU GLU A . n 
A 1 121 ARG 121 121 121 ARG ARG A . n 
A 1 122 PHE 122 122 122 PHE PHE A . n 
A 1 123 VAL 123 123 123 VAL VAL A . n 
A 1 124 GLN 124 124 124 GLN GLN A . n 
A 1 125 ILE 125 125 125 ILE ILE A . n 
A 1 126 ALA 126 126 126 ALA ALA A . n 
A 1 127 PHE 127 127 127 PHE PHE A . n 
A 1 128 ILE 128 128 128 ILE ILE A . n 
A 1 129 ARG 129 129 129 ARG ARG A . n 
A 1 130 LEU 130 130 130 LEU LEU A . n 
A 1 131 GLU 131 131 131 GLU GLU A . n 
A 1 132 GLY 132 132 132 GLY GLY A . n 
A 1 133 PRO 133 133 133 PRO PRO A . n 
A 1 134 ALA 134 134 134 ALA ALA A . n 
A 1 135 ARG 135 135 135 ARG ARG A . n 
A 1 136 ASN 136 136 136 ASN ASN A . n 
A 1 137 PRO 137 137 137 PRO PRO A . n 
A 1 138 TYR 138 138 138 TYR TYR A . n 
A 1 139 ARG 139 139 139 ARG ARG A . n 
A 1 140 GLY 140 140 140 GLY GLY A . n 
A 1 141 ASN 141 141 141 ASN ASN A . n 
A 1 142 TYR 142 142 142 TYR TYR A . n 
A 1 143 GLN 143 143 143 GLN GLN A . n 
A 1 144 GLY 144 144 144 GLY GLY A . n 
A 1 145 SER 145 145 145 SER SER A . n 
A 1 146 THR 146 146 146 THR THR A . n 
A 1 147 ARG 147 147 147 ARG ARG A . n 
A 1 148 LEU 148 148 148 LEU LEU A . n 
A 1 149 ALA 149 149 149 ALA ALA A . n 
A 1 150 PHE 150 150 150 PHE PHE A . n 
A 1 151 SER 151 151 151 SER SER A . n 
A 1 152 LYS 152 152 152 LYS LYS A . n 
A 1 153 ARG 153 153 153 ARG ARG A . n 
A 1 154 LYS 154 154 154 LYS LYS A . n 
A 1 155 LYS 155 155 ?   ?   ?   A . n 
A 1 156 LEU 156 156 ?   ?   ?   A . n 
# 
loop_
_pdbx_nonpoly_scheme.asym_id 
_pdbx_nonpoly_scheme.entity_id 
_pdbx_nonpoly_scheme.mon_id 
_pdbx_nonpoly_scheme.ndb_seq_num 
_pdbx_nonpoly_scheme.pdb_seq_num 
_pdbx_nonpoly_scheme.auth_seq_num 
_pdbx_nonpoly_scheme.pdb_mon_id 
_pdbx_nonpoly_scheme.auth_mon_id 
_pdbx_nonpoly_scheme.pdb_strand_id 
_pdbx_nonpoly_scheme.pdb_ins_code 
B 2 HOH 1  201 44 HOH HOH A . 
B 2 HOH 2  202 28 HOH HOH A . 
B 2 HOH 3  203 8  HOH HOH A . 
B 2 HOH 4  204 52 HOH HOH A . 
B 2 HOH 5  205 24 HOH HOH A . 
B 2 HOH 6  206 32 HOH HOH A . 
B 2 HOH 7  207 70 HOH HOH A . 
B 2 HOH 8  208 9  HOH HOH A . 
B 2 HOH 9  209 22 HOH HOH A . 
B 2 HOH 10 210 65 HOH HOH A . 
B 2 HOH 11 211 10 HOH HOH A . 
B 2 HOH 12 212 3  HOH HOH A . 
B 2 HOH 13 213 20 HOH HOH A . 
B 2 HOH 14 214 11 HOH HOH A . 
B 2 HOH 15 215 76 HOH HOH A . 
B 2 HOH 16 216 54 HOH HOH A . 
B 2 HOH 17 217 37 HOH HOH A . 
B 2 HOH 18 218 25 HOH HOH A . 
B 2 HOH 19 219 41 HOH HOH A . 
B 2 HOH 20 220 43 HOH HOH A . 
B 2 HOH 21 221 23 HOH HOH A . 
B 2 HOH 22 222 75 HOH HOH A . 
B 2 HOH 23 223 7  HOH HOH A . 
B 2 HOH 24 224 31 HOH HOH A . 
B 2 HOH 25 225 4  HOH HOH A . 
B 2 HOH 26 226 58 HOH HOH A . 
B 2 HOH 27 227 53 HOH HOH A . 
B 2 HOH 28 228 61 HOH HOH A . 
B 2 HOH 29 229 42 HOH HOH A . 
B 2 HOH 30 230 79 HOH HOH A . 
B 2 HOH 31 231 56 HOH HOH A . 
B 2 HOH 32 232 46 HOH HOH A . 
B 2 HOH 33 233 35 HOH HOH A . 
B 2 HOH 34 234 36 HOH HOH A . 
B 2 HOH 35 235 45 HOH HOH A . 
B 2 HOH 36 236 51 HOH HOH A . 
B 2 HOH 37 237 66 HOH HOH A . 
B 2 HOH 38 238 29 HOH HOH A . 
B 2 HOH 39 239 40 HOH HOH A . 
B 2 HOH 40 240 68 HOH HOH A . 
B 2 HOH 41 241 27 HOH HOH A . 
B 2 HOH 42 242 72 HOH HOH A . 
B 2 HOH 43 243 48 HOH HOH A . 
B 2 HOH 44 244 57 HOH HOH A . 
B 2 HOH 45 245 19 HOH HOH A . 
B 2 HOH 46 246 38 HOH HOH A . 
B 2 HOH 47 247 74 HOH HOH A . 
B 2 HOH 48 248 73 HOH HOH A . 
B 2 HOH 49 249 33 HOH HOH A . 
B 2 HOH 50 250 62 HOH HOH A . 
B 2 HOH 51 251 47 HOH HOH A . 
B 2 HOH 52 252 39 HOH HOH A . 
B 2 HOH 53 253 63 HOH HOH A . 
B 2 HOH 54 254 69 HOH HOH A . 
B 2 HOH 55 255 1  HOH HOH A . 
B 2 HOH 56 256 5  HOH HOH A . 
B 2 HOH 57 257 15 HOH HOH A . 
B 2 HOH 58 258 80 HOH HOH A . 
B 2 HOH 59 259 6  HOH HOH A . 
B 2 HOH 60 260 12 HOH HOH A . 
B 2 HOH 61 261 50 HOH HOH A . 
B 2 HOH 62 262 78 HOH HOH A . 
B 2 HOH 63 263 71 HOH HOH A . 
# 
loop_
_software.citation_id 
_software.classification 
_software.compiler_name 
_software.compiler_version 
_software.contact_author 
_software.contact_author_email 
_software.date 
_software.description 
_software.dependencies 
_software.hardware 
_software.language 
_software.location 
_software.mods 
_software.name 
_software.os 
_software.os_version 
_software.type 
_software.version 
_software.pdbx_ordinal 
? refinement       ? ? ? ? ? ? ? ? ? ? ? PHENIX   ? ? ? 1.19_4092 1 
? refinement       ? ? ? ? ? ? ? ? ? ? ? PHENIX   ? ? ? 1.19_4092 2 
? 'data reduction' ? ? ? ? ? ? ? ? ? ? ? HKL-3000 ? ? ? .         3 
? 'data scaling'   ? ? ? ? ? ? ? ? ? ? ? HKL-3000 ? ? ? .         4 
? phasing          ? ? ? ? ? ? ? ? ? ? ? PHASER   ? ? ? .         5 
# 
_cell.angle_alpha                  90.000 
_cell.angle_alpha_esd              ? 
_cell.angle_beta                   90.000 
_cell.angle_beta_esd               ? 
_cell.angle_gamma                  90.000 
_cell.angle_gamma_esd              ? 
_cell.entry_id                     9LN0 
_cell.details                      ? 
_cell.formula_units_Z              ? 
_cell.length_a                     98.646 
_cell.length_a_esd                 ? 
_cell.length_b                     98.646 
_cell.length_b_esd                 ? 
_cell.length_c                     98.646 
_cell.length_c_esd                 ? 
_cell.volume                       959927.512 
_cell.volume_esd                   ? 
_cell.Z_PDB                        24 
_cell.reciprocal_angle_alpha       ? 
_cell.reciprocal_angle_beta        ? 
_cell.reciprocal_angle_gamma       ? 
_cell.reciprocal_angle_alpha_esd   ? 
_cell.reciprocal_angle_beta_esd    ? 
_cell.reciprocal_angle_gamma_esd   ? 
_cell.reciprocal_length_a          ? 
_cell.reciprocal_length_b          ? 
_cell.reciprocal_length_c          ? 
_cell.reciprocal_length_a_esd      ? 
_cell.reciprocal_length_b_esd      ? 
_cell.reciprocal_length_c_esd      ? 
_cell.pdbx_unique_axis             ? 
_cell.pdbx_esd_method              ? 
# 
_symmetry.entry_id                         9LN0 
_symmetry.cell_setting                     ? 
_symmetry.Int_Tables_number                197 
_symmetry.space_group_name_Hall            'I 2 2 3' 
_symmetry.space_group_name_H-M             'I 2 3' 
_symmetry.pdbx_full_space_group_name_H-M   ? 
# 
_exptl.absorpt_coefficient_mu     ? 
_exptl.absorpt_correction_T_max   ? 
_exptl.absorpt_correction_T_min   ? 
_exptl.absorpt_correction_type    ? 
_exptl.absorpt_process_details    ? 
_exptl.entry_id                   9LN0 
_exptl.crystals_number            1 
_exptl.details                    ? 
_exptl.method                     'X-RAY DIFFRACTION' 
_exptl.method_details             ? 
# 
_exptl_crystal.colour                       ? 
_exptl_crystal.density_diffrn               ? 
_exptl_crystal.density_Matthews             2.24 
_exptl_crystal.density_method               ? 
_exptl_crystal.density_percent_sol          44.97 
_exptl_crystal.description                  ? 
_exptl_crystal.F_000                        ? 
_exptl_crystal.id                           1 
_exptl_crystal.preparation                  ? 
_exptl_crystal.size_max                     ? 
_exptl_crystal.size_mid                     ? 
_exptl_crystal.size_min                     ? 
_exptl_crystal.size_rad                     ? 
_exptl_crystal.colour_lustre                ? 
_exptl_crystal.colour_modifier              ? 
_exptl_crystal.colour_primary               ? 
_exptl_crystal.density_meas                 ? 
_exptl_crystal.density_meas_esd             ? 
_exptl_crystal.density_meas_gt              ? 
_exptl_crystal.density_meas_lt              ? 
_exptl_crystal.density_meas_temp            ? 
_exptl_crystal.density_meas_temp_esd        ? 
_exptl_crystal.density_meas_temp_gt         ? 
_exptl_crystal.density_meas_temp_lt         ? 
_exptl_crystal.pdbx_crystal_image_url       ? 
_exptl_crystal.pdbx_crystal_image_format    ? 
_exptl_crystal.pdbx_mosaicity               ? 
_exptl_crystal.pdbx_mosaicity_esd           ? 
_exptl_crystal.pdbx_mosaic_method           ? 
_exptl_crystal.pdbx_mosaic_block_size       ? 
_exptl_crystal.pdbx_mosaic_block_size_esd   ? 
# 
_exptl_crystal_grow.apparatus       ? 
_exptl_crystal_grow.atmosphere      ? 
_exptl_crystal_grow.crystal_id      1 
_exptl_crystal_grow.details         ? 
_exptl_crystal_grow.method          'VAPOR DIFFUSION, SITTING DROP' 
_exptl_crystal_grow.method_ref      ? 
_exptl_crystal_grow.pH              ? 
_exptl_crystal_grow.pressure        ? 
_exptl_crystal_grow.pressure_esd    ? 
_exptl_crystal_grow.seeding         ? 
_exptl_crystal_grow.seeding_ref     ? 
_exptl_crystal_grow.temp_details    ? 
_exptl_crystal_grow.temp_esd        ? 
_exptl_crystal_grow.time            ? 
_exptl_crystal_grow.pdbx_details    '8% TacsimateTM (pH 8.0), 20% PEG 3350' 
_exptl_crystal_grow.pdbx_pH_range   ? 
_exptl_crystal_grow.temp            289 
# 
_diffrn.ambient_environment              ? 
_diffrn.ambient_temp                     100 
_diffrn.ambient_temp_details             ? 
_diffrn.ambient_temp_esd                 ? 
_diffrn.crystal_id                       1 
_diffrn.crystal_support                  ? 
_diffrn.crystal_treatment                ? 
_diffrn.details                          ? 
_diffrn.id                               1 
_diffrn.ambient_pressure                 ? 
_diffrn.ambient_pressure_esd             ? 
_diffrn.ambient_pressure_gt              ? 
_diffrn.ambient_pressure_lt              ? 
_diffrn.ambient_temp_gt                  ? 
_diffrn.ambient_temp_lt                  ? 
_diffrn.pdbx_serial_crystal_experiment   N 
# 
_diffrn_detector.details                      ? 
_diffrn_detector.detector                     PIXEL 
_diffrn_detector.diffrn_id                    1 
_diffrn_detector.type                         'DECTRIS PILATUS 6M' 
_diffrn_detector.area_resol_mean              ? 
_diffrn_detector.dtime                        ? 
_diffrn_detector.pdbx_frames_total            ? 
_diffrn_detector.pdbx_collection_time_total   ? 
_diffrn_detector.pdbx_collection_date         2024-01-31 
_diffrn_detector.pdbx_frequency               ? 
_diffrn_detector.id                           ? 
_diffrn_detector.number_of_axes               ? 
# 
_diffrn_radiation.collimation                      ? 
_diffrn_radiation.diffrn_id                        1 
_diffrn_radiation.filter_edge                      ? 
_diffrn_radiation.inhomogeneity                    ? 
_diffrn_radiation.monochromator                    ? 
_diffrn_radiation.polarisn_norm                    ? 
_diffrn_radiation.polarisn_ratio                   ? 
_diffrn_radiation.probe                            ? 
_diffrn_radiation.type                             ? 
_diffrn_radiation.xray_symbol                      ? 
_diffrn_radiation.wavelength_id                    1 
_diffrn_radiation.pdbx_monochromatic_or_laue_m_l   M 
_diffrn_radiation.pdbx_wavelength_list             ? 
_diffrn_radiation.pdbx_wavelength                  ? 
_diffrn_radiation.pdbx_diffrn_protocol             'SINGLE WAVELENGTH' 
_diffrn_radiation.pdbx_analyzer                    ? 
_diffrn_radiation.pdbx_scattering_type             x-ray 
# 
_diffrn_radiation_wavelength.id           1 
_diffrn_radiation_wavelength.wavelength   0.97853 
_diffrn_radiation_wavelength.wt           1.0 
# 
_diffrn_source.current                     ? 
_diffrn_source.details                     ? 
_diffrn_source.diffrn_id                   1 
_diffrn_source.power                       ? 
_diffrn_source.size                        ? 
_diffrn_source.source                      SYNCHROTRON 
_diffrn_source.target                      ? 
_diffrn_source.type                        'SSRF BEAMLINE BL18U1' 
_diffrn_source.voltage                     ? 
_diffrn_source.take-off_angle              ? 
_diffrn_source.pdbx_wavelength_list        0.97853 
_diffrn_source.pdbx_wavelength             ? 
_diffrn_source.pdbx_synchrotron_beamline   BL18U1 
_diffrn_source.pdbx_synchrotron_site       SSRF 
# 
_reflns.B_iso_Wilson_estimate                          41.82 
_reflns.entry_id                                       9LN0 
_reflns.data_reduction_details                         ? 
_reflns.data_reduction_method                          ? 
_reflns.d_resolution_high                              2.1 
_reflns.d_resolution_low                               50.0 
_reflns.details                                        ? 
_reflns.limit_h_max                                    ? 
_reflns.limit_h_min                                    ? 
_reflns.limit_k_max                                    ? 
_reflns.limit_k_min                                    ? 
_reflns.limit_l_max                                    ? 
_reflns.limit_l_min                                    ? 
_reflns.number_all                                     ? 
_reflns.number_obs                                     9450 
_reflns.observed_criterion                             ? 
_reflns.observed_criterion_F_max                       ? 
_reflns.observed_criterion_F_min                       ? 
_reflns.observed_criterion_I_max                       ? 
_reflns.observed_criterion_I_min                       ? 
_reflns.observed_criterion_sigma_F                     ? 
_reflns.observed_criterion_sigma_I                     ? 
_reflns.percent_possible_obs                           100 
_reflns.R_free_details                                 ? 
_reflns.Rmerge_F_all                                   ? 
_reflns.Rmerge_F_obs                                   ? 
_reflns.Friedel_coverage                               ? 
_reflns.number_gt                                      ? 
_reflns.threshold_expression                           ? 
_reflns.pdbx_redundancy                                3.9 
_reflns.pdbx_netI_over_av_sigmaI                       ? 
_reflns.pdbx_netI_over_sigmaI                          24.9 
_reflns.pdbx_res_netI_over_av_sigmaI_2                 ? 
_reflns.pdbx_res_netI_over_sigmaI_2                    ? 
_reflns.pdbx_chi_squared                               ? 
_reflns.pdbx_scaling_rejects                           ? 
_reflns.pdbx_d_res_high_opt                            ? 
_reflns.pdbx_d_res_low_opt                             ? 
_reflns.pdbx_d_res_opt_method                          ? 
_reflns.phase_calculation_details                      ? 
_reflns.pdbx_Rrim_I_all                                ? 
_reflns.pdbx_Rpim_I_all                                ? 
_reflns.pdbx_d_opt                                     ? 
_reflns.pdbx_number_measured_all                       ? 
_reflns.pdbx_diffrn_id                                 1 
_reflns.pdbx_ordinal                                   1 
_reflns.pdbx_CC_half                                   0.999 
_reflns.pdbx_CC_star                                   ? 
_reflns.pdbx_R_split                                   ? 
_reflns.pdbx_Rmerge_I_obs                              ? 
_reflns.pdbx_Rmerge_I_all                              ? 
_reflns.pdbx_Rsym_value                                ? 
_reflns.pdbx_CC_split_method                           ? 
_reflns.pdbx_aniso_diffraction_limit_axis_1_ortho[1]   ? 
_reflns.pdbx_aniso_diffraction_limit_axis_1_ortho[2]   ? 
_reflns.pdbx_aniso_diffraction_limit_axis_1_ortho[3]   ? 
_reflns.pdbx_aniso_diffraction_limit_axis_2_ortho[1]   ? 
_reflns.pdbx_aniso_diffraction_limit_axis_2_ortho[2]   ? 
_reflns.pdbx_aniso_diffraction_limit_axis_2_ortho[3]   ? 
_reflns.pdbx_aniso_diffraction_limit_axis_3_ortho[1]   ? 
_reflns.pdbx_aniso_diffraction_limit_axis_3_ortho[2]   ? 
_reflns.pdbx_aniso_diffraction_limit_axis_3_ortho[3]   ? 
_reflns.pdbx_aniso_diffraction_limit_1                 ? 
_reflns.pdbx_aniso_diffraction_limit_2                 ? 
_reflns.pdbx_aniso_diffraction_limit_3                 ? 
_reflns.pdbx_aniso_B_tensor_eigenvector_1_ortho[1]     ? 
_reflns.pdbx_aniso_B_tensor_eigenvector_1_ortho[2]     ? 
_reflns.pdbx_aniso_B_tensor_eigenvector_1_ortho[3]     ? 
_reflns.pdbx_aniso_B_tensor_eigenvector_2_ortho[1]     ? 
_reflns.pdbx_aniso_B_tensor_eigenvector_2_ortho[2]     ? 
_reflns.pdbx_aniso_B_tensor_eigenvector_2_ortho[3]     ? 
_reflns.pdbx_aniso_B_tensor_eigenvector_3_ortho[1]     ? 
_reflns.pdbx_aniso_B_tensor_eigenvector_3_ortho[2]     ? 
_reflns.pdbx_aniso_B_tensor_eigenvector_3_ortho[3]     ? 
_reflns.pdbx_aniso_B_tensor_eigenvalue_1               ? 
_reflns.pdbx_aniso_B_tensor_eigenvalue_2               ? 
_reflns.pdbx_aniso_B_tensor_eigenvalue_3               ? 
_reflns.pdbx_orthogonalization_convention              ? 
_reflns.pdbx_percent_possible_ellipsoidal              ? 
_reflns.pdbx_percent_possible_spherical                ? 
_reflns.pdbx_percent_possible_ellipsoidal_anomalous    ? 
_reflns.pdbx_percent_possible_spherical_anomalous      ? 
_reflns.pdbx_redundancy_anomalous                      ? 
_reflns.pdbx_CC_half_anomalous                         ? 
_reflns.pdbx_absDiff_over_sigma_anomalous              ? 
_reflns.pdbx_percent_possible_anomalous                ? 
_reflns.pdbx_observed_signal_threshold                 ? 
_reflns.pdbx_signal_type                               ? 
_reflns.pdbx_signal_details                            ? 
_reflns.pdbx_signal_software_id                        ? 
# 
_reflns_shell.d_res_high                                    2.10 
_reflns_shell.d_res_low                                     2.14 
_reflns_shell.meanI_over_sigI_all                           ? 
_reflns_shell.meanI_over_sigI_obs                           ? 
_reflns_shell.number_measured_all                           ? 
_reflns_shell.number_measured_obs                           ? 
_reflns_shell.number_possible                               ? 
_reflns_shell.number_unique_all                             ? 
_reflns_shell.number_unique_obs                             453 
_reflns_shell.percent_possible_obs                          ? 
_reflns_shell.Rmerge_F_all                                  ? 
_reflns_shell.Rmerge_F_obs                                  ? 
_reflns_shell.meanI_over_sigI_gt                            ? 
_reflns_shell.meanI_over_uI_all                             ? 
_reflns_shell.meanI_over_uI_gt                              ? 
_reflns_shell.number_measured_gt                            ? 
_reflns_shell.number_unique_gt                              ? 
_reflns_shell.percent_possible_gt                           ? 
_reflns_shell.Rmerge_F_gt                                   ? 
_reflns_shell.Rmerge_I_gt                                   ? 
_reflns_shell.pdbx_redundancy                               ? 
_reflns_shell.pdbx_chi_squared                              ? 
_reflns_shell.pdbx_netI_over_sigmaI_all                     ? 
_reflns_shell.pdbx_netI_over_sigmaI_obs                     ? 
_reflns_shell.pdbx_Rrim_I_all                               ? 
_reflns_shell.pdbx_Rpim_I_all                               ? 
_reflns_shell.pdbx_rejects                                  ? 
_reflns_shell.pdbx_ordinal                                  1 
_reflns_shell.pdbx_diffrn_id                                1 
_reflns_shell.pdbx_CC_half                                  0.877 
_reflns_shell.pdbx_CC_star                                  ? 
_reflns_shell.pdbx_R_split                                  ? 
_reflns_shell.percent_possible_all                          ? 
_reflns_shell.Rmerge_I_all                                  ? 
_reflns_shell.Rmerge_I_obs                                  ? 
_reflns_shell.pdbx_Rsym_value                               ? 
_reflns_shell.pdbx_percent_possible_ellipsoidal             ? 
_reflns_shell.pdbx_percent_possible_spherical               ? 
_reflns_shell.pdbx_percent_possible_ellipsoidal_anomalous   ? 
_reflns_shell.pdbx_percent_possible_spherical_anomalous     ? 
_reflns_shell.pdbx_redundancy_anomalous                     ? 
_reflns_shell.pdbx_CC_half_anomalous                        ? 
_reflns_shell.pdbx_absDiff_over_sigma_anomalous             ? 
_reflns_shell.pdbx_percent_possible_anomalous               ? 
# 
_refine.aniso_B[1][1]                            ? 
_refine.aniso_B[1][2]                            ? 
_refine.aniso_B[1][3]                            ? 
_refine.aniso_B[2][2]                            ? 
_refine.aniso_B[2][3]                            ? 
_refine.aniso_B[3][3]                            ? 
_refine.B_iso_max                                ? 
_refine.B_iso_mean                               43.42 
_refine.B_iso_min                                ? 
_refine.correlation_coeff_Fo_to_Fc               ? 
_refine.correlation_coeff_Fo_to_Fc_free          ? 
_refine.details                                  ? 
_refine.diff_density_max                         ? 
_refine.diff_density_max_esd                     ? 
_refine.diff_density_min                         ? 
_refine.diff_density_min_esd                     ? 
_refine.diff_density_rms                         ? 
_refine.diff_density_rms_esd                     ? 
_refine.entry_id                                 9LN0 
_refine.pdbx_refine_id                           'X-RAY DIFFRACTION' 
_refine.ls_abs_structure_details                 ? 
_refine.ls_abs_structure_Flack                   ? 
_refine.ls_abs_structure_Flack_esd               ? 
_refine.ls_abs_structure_Rogers                  ? 
_refine.ls_abs_structure_Rogers_esd              ? 
_refine.ls_d_res_high                            2.20 
_refine.ls_d_res_low                             34.88 
_refine.ls_extinction_coef                       ? 
_refine.ls_extinction_coef_esd                   ? 
_refine.ls_extinction_expression                 ? 
_refine.ls_extinction_method                     ? 
_refine.ls_goodness_of_fit_all                   ? 
_refine.ls_goodness_of_fit_all_esd               ? 
_refine.ls_goodness_of_fit_obs                   ? 
_refine.ls_goodness_of_fit_obs_esd               ? 
_refine.ls_hydrogen_treatment                    ? 
_refine.ls_matrix_type                           ? 
_refine.ls_number_constraints                    ? 
_refine.ls_number_parameters                     ? 
_refine.ls_number_reflns_all                     ? 
_refine.ls_number_reflns_obs                     8254 
_refine.ls_number_reflns_R_free                  371 
_refine.ls_number_reflns_R_work                  7883 
_refine.ls_number_restraints                     ? 
_refine.ls_percent_reflns_obs                    99.85 
_refine.ls_percent_reflns_R_free                 4.49 
_refine.ls_R_factor_all                          ? 
_refine.ls_R_factor_obs                          0.2050 
_refine.ls_R_factor_R_free                       0.2582 
_refine.ls_R_factor_R_free_error                 ? 
_refine.ls_R_factor_R_free_error_details         ? 
_refine.ls_R_factor_R_work                       0.2026 
_refine.ls_R_Fsqd_factor_obs                     ? 
_refine.ls_R_I_factor_obs                        ? 
_refine.ls_redundancy_reflns_all                 ? 
_refine.ls_redundancy_reflns_obs                 ? 
_refine.ls_restrained_S_all                      ? 
_refine.ls_restrained_S_obs                      ? 
_refine.ls_shift_over_esd_max                    ? 
_refine.ls_shift_over_esd_mean                   ? 
_refine.ls_structure_factor_coef                 ? 
_refine.ls_weighting_details                     ? 
_refine.ls_weighting_scheme                      ? 
_refine.ls_wR_factor_all                         ? 
_refine.ls_wR_factor_obs                         ? 
_refine.ls_wR_factor_R_free                      ? 
_refine.ls_wR_factor_R_work                      ? 
_refine.occupancy_max                            ? 
_refine.occupancy_min                            ? 
_refine.solvent_model_details                    'FLAT BULK SOLVENT MODEL' 
_refine.solvent_model_param_bsol                 ? 
_refine.solvent_model_param_ksol                 ? 
_refine.correlation_coeff_I_to_Fcsqd_work        ? 
_refine.correlation_coeff_I_to_Fcsqd_free        ? 
_refine.pdbx_R_complete                          ? 
_refine.ls_R_factor_gt                           ? 
_refine.ls_goodness_of_fit_gt                    ? 
_refine.ls_goodness_of_fit_ref                   ? 
_refine.ls_shift_over_su_max                     ? 
_refine.ls_shift_over_su_max_lt                  ? 
_refine.ls_shift_over_su_mean                    ? 
_refine.ls_shift_over_su_mean_lt                 ? 
_refine.pdbx_ls_sigma_I                          ? 
_refine.pdbx_ls_sigma_F                          1.41 
_refine.pdbx_ls_sigma_Fsqd                       ? 
_refine.pdbx_data_cutoff_high_absF               ? 
_refine.pdbx_data_cutoff_high_rms_absF           ? 
_refine.pdbx_data_cutoff_low_absF                ? 
_refine.pdbx_isotropic_thermal_model             ? 
_refine.pdbx_ls_cross_valid_method               'FREE R-VALUE' 
_refine.pdbx_method_to_determine_struct          'MOLECULAR REPLACEMENT' 
_refine.pdbx_starting_model                      ? 
_refine.pdbx_stereochemistry_target_values       'GeoStd + Monomer Library + CDL v1.2' 
_refine.pdbx_R_Free_selection_details            ? 
_refine.pdbx_stereochem_target_val_spec_case     ? 
_refine.pdbx_overall_ESU_R                       ? 
_refine.pdbx_overall_ESU_R_Free                  ? 
_refine.pdbx_solvent_vdw_probe_radii             1.1100 
_refine.pdbx_solvent_ion_probe_radii             ? 
_refine.pdbx_solvent_shrinkage_radii             0.9000 
_refine.pdbx_real_space_R                        ? 
_refine.pdbx_density_correlation                 ? 
_refine.pdbx_pd_number_of_powder_patterns        ? 
_refine.pdbx_pd_number_of_points                 ? 
_refine.pdbx_pd_meas_number_of_points            ? 
_refine.pdbx_pd_proc_ls_prof_R_factor            ? 
_refine.pdbx_pd_proc_ls_prof_wR_factor           ? 
_refine.pdbx_pd_Marquardt_correlation_coeff      ? 
_refine.pdbx_pd_Fsqrd_R_factor                   ? 
_refine.pdbx_pd_ls_matrix_band_width             ? 
_refine.pdbx_overall_phase_error                 34.8087 
_refine.pdbx_overall_SU_R_free_Cruickshank_DPI   ? 
_refine.pdbx_overall_SU_R_free_Blow_DPI          ? 
_refine.pdbx_overall_SU_R_Blow_DPI               ? 
_refine.pdbx_TLS_residual_ADP_flag               ? 
_refine.pdbx_diffrn_id                           1 
_refine.overall_SU_B                             ? 
_refine.overall_SU_ML                            0.1414 
_refine.overall_SU_R_Cruickshank_DPI             ? 
_refine.overall_SU_R_free                        ? 
_refine.overall_FOM_free_R_set                   ? 
_refine.overall_FOM_work_R_set                   ? 
_refine.pdbx_average_fsc_overall                 ? 
_refine.pdbx_average_fsc_work                    ? 
_refine.pdbx_average_fsc_free                    ? 
# 
_refine_hist.pdbx_refine_id                   'X-RAY DIFFRACTION' 
_refine_hist.cycle_id                         LAST 
_refine_hist.details                          ? 
_refine_hist.d_res_high                       2.20 
_refine_hist.d_res_low                        34.88 
_refine_hist.number_atoms_solvent             63 
_refine_hist.number_atoms_total               1306 
_refine_hist.number_reflns_all                ? 
_refine_hist.number_reflns_obs                ? 
_refine_hist.number_reflns_R_free             ? 
_refine_hist.number_reflns_R_work             ? 
_refine_hist.R_factor_all                     ? 
_refine_hist.R_factor_obs                     ? 
_refine_hist.R_factor_R_free                  ? 
_refine_hist.R_factor_R_work                  ? 
_refine_hist.pdbx_number_residues_total       ? 
_refine_hist.pdbx_B_iso_mean_ligand           ? 
_refine_hist.pdbx_B_iso_mean_solvent          ? 
_refine_hist.pdbx_number_atoms_protein        1243 
_refine_hist.pdbx_number_atoms_nucleic_acid   0 
_refine_hist.pdbx_number_atoms_ligand         0 
_refine_hist.pdbx_number_atoms_lipid          ? 
_refine_hist.pdbx_number_atoms_carb           ? 
_refine_hist.pdbx_pseudo_atom_details         ? 
# 
loop_
_refine_ls_restr.pdbx_refine_id 
_refine_ls_restr.criterion 
_refine_ls_restr.dev_ideal 
_refine_ls_restr.dev_ideal_target 
_refine_ls_restr.number 
_refine_ls_restr.rejects 
_refine_ls_restr.type 
_refine_ls_restr.weight 
_refine_ls_restr.pdbx_restraint_function 
'X-RAY DIFFRACTION' ? 0.0108  ? 1270 ? f_bond_d           ? ? 
'X-RAY DIFFRACTION' ? 1.2552  ? 1713 ? f_angle_d          ? ? 
'X-RAY DIFFRACTION' ? 0.0619  ? 182  ? f_chiral_restr     ? ? 
'X-RAY DIFFRACTION' ? 0.0085  ? 222  ? f_plane_restr      ? ? 
'X-RAY DIFFRACTION' ? 16.0745 ? 495  ? f_dihedral_angle_d ? ? 
# 
loop_
_refine_ls_shell.pdbx_refine_id 
_refine_ls_shell.d_res_high 
_refine_ls_shell.d_res_low 
_refine_ls_shell.number_reflns_all 
_refine_ls_shell.number_reflns_obs 
_refine_ls_shell.number_reflns_R_free 
_refine_ls_shell.number_reflns_R_work 
_refine_ls_shell.percent_reflns_obs 
_refine_ls_shell.percent_reflns_R_free 
_refine_ls_shell.R_factor_all 
_refine_ls_shell.R_factor_obs 
_refine_ls_shell.R_factor_R_free_error 
_refine_ls_shell.R_factor_R_work 
_refine_ls_shell.redundancy_reflns_all 
_refine_ls_shell.redundancy_reflns_obs 
_refine_ls_shell.wR_factor_all 
_refine_ls_shell.wR_factor_obs 
_refine_ls_shell.wR_factor_R_free 
_refine_ls_shell.wR_factor_R_work 
_refine_ls_shell.pdbx_R_complete 
_refine_ls_shell.correlation_coeff_Fo_to_Fc 
_refine_ls_shell.correlation_coeff_Fo_to_Fc_free 
_refine_ls_shell.correlation_coeff_I_to_Fcsqd_work 
_refine_ls_shell.correlation_coeff_I_to_Fcsqd_free 
_refine_ls_shell.pdbx_total_number_of_bins_used 
_refine_ls_shell.pdbx_phase_error 
_refine_ls_shell.pdbx_fsc_work 
_refine_ls_shell.pdbx_fsc_free 
_refine_ls_shell.R_factor_R_free 
'X-RAY DIFFRACTION' 2.20 2.52  . . 123 2596 99.93 . . . . 0.2976 . . . . . . . . . . . . . . . 0.3152 
'X-RAY DIFFRACTION' 2.52 3.17  . . 137 2600 99.96 . . . . 0.2543 . . . . . . . . . . . . . . . 0.3134 
'X-RAY DIFFRACTION' 3.18 34.88 . . 111 2687 99.68 . . . . 0.1645 . . . . . . . . . . . . . . . 0.2242 
# 
_struct.entry_id                     9LN0 
_struct.title                        'A thermostable enzyme dUTPase P45' 
_struct.pdbx_model_details           ? 
_struct.pdbx_formula_weight          ? 
_struct.pdbx_formula_weight_method   ? 
_struct.pdbx_model_type_details      ? 
_struct.pdbx_CASP_flag               N 
# 
_struct_keywords.entry_id        9LN0 
_struct_keywords.text            'A thermostable enzyme dUTPase P45, METAL BINDING PROTEIN' 
_struct_keywords.pdbx_keywords   'METAL BINDING PROTEIN' 
# 
loop_
_struct_asym.id 
_struct_asym.pdbx_blank_PDB_chainid_flag 
_struct_asym.pdbx_modified 
_struct_asym.entity_id 
_struct_asym.details 
A N N 1 ? 
B N N 2 ? 
# 
_struct_ref.id                         1 
_struct_ref.db_name                    UNP 
_struct_ref.db_code                    DCD_PYRFU 
_struct_ref.pdbx_db_accession          Q8X251 
_struct_ref.pdbx_db_isoform            ? 
_struct_ref.entity_id                  1 
_struct_ref.pdbx_seq_one_letter_code   
;MLLPDWKIRKEILIEPFSEESLQPAGYDLRVGREAFVKGKLIDVEKEGKVVIPPREYALILTLERIKLPDDVMGDMKIRS
SLAREGVIGSFAWVDPGWDGNLTLMLYNASNEPVELRYGERFVQIAFIRLEGPARNPYRGNYQGSTRLAFSKRKKL
;
_struct_ref.pdbx_align_begin           1 
# 
_struct_ref_seq.align_id                      1 
_struct_ref_seq.ref_id                        1 
_struct_ref_seq.pdbx_PDB_id_code              9LN0 
_struct_ref_seq.pdbx_strand_id                A 
_struct_ref_seq.seq_align_beg                 1 
_struct_ref_seq.pdbx_seq_align_beg_ins_code   ? 
_struct_ref_seq.seq_align_end                 156 
_struct_ref_seq.pdbx_seq_align_end_ins_code   ? 
_struct_ref_seq.pdbx_db_accession             Q8X251 
_struct_ref_seq.db_align_beg                  1 
_struct_ref_seq.pdbx_db_align_beg_ins_code    ? 
_struct_ref_seq.db_align_end                  156 
_struct_ref_seq.pdbx_db_align_end_ins_code    ? 
_struct_ref_seq.pdbx_auth_seq_align_beg       1 
_struct_ref_seq.pdbx_auth_seq_align_end       156 
# 
_pdbx_struct_assembly.id                   1 
_pdbx_struct_assembly.details              author_and_software_defined_assembly 
_pdbx_struct_assembly.method_details       PISA 
_pdbx_struct_assembly.oligomeric_details   trimeric 
_pdbx_struct_assembly.oligomeric_count     3 
# 
loop_
_pdbx_struct_assembly_prop.biol_id 
_pdbx_struct_assembly_prop.type 
_pdbx_struct_assembly_prop.value 
_pdbx_struct_assembly_prop.details 
1 'ABSA (A^2)' 8400  ? 
1 MORE         -25   ? 
1 'SSA (A^2)'  16900 ? 
# 
_pdbx_struct_assembly_gen.assembly_id       1 
_pdbx_struct_assembly_gen.oper_expression   1,2,3 
_pdbx_struct_assembly_gen.asym_id_list      A,B 
# 
_pdbx_struct_assembly_auth_evidence.id                     1 
_pdbx_struct_assembly_auth_evidence.assembly_id            1 
_pdbx_struct_assembly_auth_evidence.experimental_support   'gel filtration' 
_pdbx_struct_assembly_auth_evidence.details                ? 
# 
loop_
_pdbx_struct_oper_list.id 
_pdbx_struct_oper_list.type 
_pdbx_struct_oper_list.name 
_pdbx_struct_oper_list.symmetry_operation 
_pdbx_struct_oper_list.matrix[1][1] 
_pdbx_struct_oper_list.matrix[1][2] 
_pdbx_struct_oper_list.matrix[1][3] 
_pdbx_struct_oper_list.vector[1] 
_pdbx_struct_oper_list.matrix[2][1] 
_pdbx_struct_oper_list.matrix[2][2] 
_pdbx_struct_oper_list.matrix[2][3] 
_pdbx_struct_oper_list.vector[2] 
_pdbx_struct_oper_list.matrix[3][1] 
_pdbx_struct_oper_list.matrix[3][2] 
_pdbx_struct_oper_list.matrix[3][3] 
_pdbx_struct_oper_list.vector[3] 
1 'identity operation'         1_555  x,y,z   1.0000000000  0.0000000000 0.0000000000  0.0000000000   0.0000000000 1.0000000000 0.0000000000  0.0000000000  0.0000000000  0.0000000000  1.0000000000  0.0000000000  
2 'crystal symmetry operation' 6_555  z,-x,-y -0.1260901000 0.8419249766 -0.5246557161 -9.7317654769  0.3976907558 0.5274180785 0.7507810821  -0.4081127430 0.9088142546  -0.1139846666 -0.4013279785 20.2611919534 
3 'crystal symmetry operation' 12_555 -y,-z,x -0.1260901000 0.3976907558 0.9088142546  -19.4784366801 0.8419249766 0.5274180785 -0.1139846666 10.7181276692 -0.5246557161 0.7507810821  -0.4013279785 3.3319601508 
# 
loop_
_struct_conf.conf_type_id 
_struct_conf.id 
_struct_conf.pdbx_PDB_helix_id 
_struct_conf.beg_label_comp_id 
_struct_conf.beg_label_asym_id 
_struct_conf.beg_label_seq_id 
_struct_conf.pdbx_beg_PDB_ins_code 
_struct_conf.end_label_comp_id 
_struct_conf.end_label_asym_id 
_struct_conf.end_label_seq_id 
_struct_conf.pdbx_end_PDB_ins_code 
_struct_conf.beg_auth_comp_id 
_struct_conf.beg_auth_asym_id 
_struct_conf.beg_auth_seq_id 
_struct_conf.end_auth_comp_id 
_struct_conf.end_auth_asym_id 
_struct_conf.end_auth_seq_id 
_struct_conf.pdbx_PDB_helix_class 
_struct_conf.details 
_struct_conf.pdbx_PDB_helix_length 
HELX_P HELX_P1 AA1 PRO A 4  ? ILE A 12 ? PRO A 4  ILE A 12 1 ? 9 
HELX_P HELX_P2 AA2 SER A 18 ? GLU A 20 ? SER A 18 GLU A 20 5 ? 3 
HELX_P HELX_P3 AA3 VAL A 44 ? GLY A 48 ? VAL A 44 GLY A 48 1 ? 5 
HELX_P HELX_P4 AA4 ARG A 79 ? ARG A 84 ? ARG A 79 ARG A 84 1 ? 6 
# 
_struct_conf_type.id          HELX_P 
_struct_conf_type.criteria    ? 
_struct_conf_type.reference   ? 
# 
_struct_mon_prot_cis.pdbx_id                1 
_struct_mon_prot_cis.label_comp_id          GLU 
_struct_mon_prot_cis.label_seq_id           15 
_struct_mon_prot_cis.label_asym_id          A 
_struct_mon_prot_cis.label_alt_id           . 
_struct_mon_prot_cis.pdbx_PDB_ins_code      ? 
_struct_mon_prot_cis.auth_comp_id           GLU 
_struct_mon_prot_cis.auth_seq_id            15 
_struct_mon_prot_cis.auth_asym_id           A 
_struct_mon_prot_cis.pdbx_label_comp_id_2   PRO 
_struct_mon_prot_cis.pdbx_label_seq_id_2    16 
_struct_mon_prot_cis.pdbx_label_asym_id_2   A 
_struct_mon_prot_cis.pdbx_PDB_ins_code_2    ? 
_struct_mon_prot_cis.pdbx_auth_comp_id_2    PRO 
_struct_mon_prot_cis.pdbx_auth_seq_id_2     16 
_struct_mon_prot_cis.pdbx_auth_asym_id_2    A 
_struct_mon_prot_cis.pdbx_PDB_model_num     1 
_struct_mon_prot_cis.pdbx_omega_angle       1.15 
# 
loop_
_struct_sheet.id 
_struct_sheet.type 
_struct_sheet.number_strands 
_struct_sheet.details 
AA1 ? 9 ? 
AA2 ? 2 ? 
# 
loop_
_struct_sheet_order.sheet_id 
_struct_sheet_order.range_id_1 
_struct_sheet_order.range_id_2 
_struct_sheet_order.offset 
_struct_sheet_order.sense 
AA1 1 5 ? anti-parallel 
AA1 2 3 ? anti-parallel 
AA1 3 4 ? anti-parallel 
AA1 3 5 ? anti-parallel 
AA1 3 9 ? anti-parallel 
AA1 5 8 ? anti-parallel 
AA1 6 9 ? anti-parallel 
AA1 7 8 ? anti-parallel 
AA2 1 2 ? anti-parallel 
# 
loop_
_struct_sheet_range.sheet_id 
_struct_sheet_range.id 
_struct_sheet_range.beg_label_comp_id 
_struct_sheet_range.beg_label_asym_id 
_struct_sheet_range.beg_label_seq_id 
_struct_sheet_range.pdbx_beg_PDB_ins_code 
_struct_sheet_range.end_label_comp_id 
_struct_sheet_range.end_label_asym_id 
_struct_sheet_range.end_label_seq_id 
_struct_sheet_range.pdbx_end_PDB_ins_code 
_struct_sheet_range.beg_auth_comp_id 
_struct_sheet_range.beg_auth_asym_id 
_struct_sheet_range.beg_auth_seq_id 
_struct_sheet_range.end_auth_comp_id 
_struct_sheet_range.end_auth_asym_id 
_struct_sheet_range.end_auth_seq_id 
AA1 1 LEU A 13  ? GLU A 15  ? LEU A 13  GLU A 15  
AA1 2 LEU A 22  ? GLN A 23  ? LEU A 22  GLN A 23  
AA1 3 GLY A 26  ? VAL A 37  ? GLY A 26  VAL A 37  
AA1 4 LYS A 40  ? ASP A 43  ? LYS A 40  ASP A 43  
AA1 5 TYR A 57  ? LYS A 67  ? TYR A 57  LYS A 67  
AA1 6 VAL A 72  ? ILE A 78  ? VAL A 72  ILE A 78  
AA1 7 VAL A 87  ? SER A 90  ? VAL A 87  SER A 90  
AA1 8 ASP A 99  ? ASN A 108 ? ASP A 99  ASN A 108 
AA1 9 ARG A 121 ? ARG A 129 ? ARG A 121 ARG A 129 
AA2 1 LYS A 49  ? ILE A 52  ? LYS A 49  ILE A 52  
AA2 2 VAL A 114 ? ARG A 117 ? VAL A 114 ARG A 117 
# 
loop_
_pdbx_struct_sheet_hbond.sheet_id 
_pdbx_struct_sheet_hbond.range_id_1 
_pdbx_struct_sheet_hbond.range_id_2 
_pdbx_struct_sheet_hbond.range_1_label_atom_id 
_pdbx_struct_sheet_hbond.range_1_label_comp_id 
_pdbx_struct_sheet_hbond.range_1_label_asym_id 
_pdbx_struct_sheet_hbond.range_1_label_seq_id 
_pdbx_struct_sheet_hbond.range_1_PDB_ins_code 
_pdbx_struct_sheet_hbond.range_1_auth_atom_id 
_pdbx_struct_sheet_hbond.range_1_auth_comp_id 
_pdbx_struct_sheet_hbond.range_1_auth_asym_id 
_pdbx_struct_sheet_hbond.range_1_auth_seq_id 
_pdbx_struct_sheet_hbond.range_2_label_atom_id 
_pdbx_struct_sheet_hbond.range_2_label_comp_id 
_pdbx_struct_sheet_hbond.range_2_label_asym_id 
_pdbx_struct_sheet_hbond.range_2_label_seq_id 
_pdbx_struct_sheet_hbond.range_2_PDB_ins_code 
_pdbx_struct_sheet_hbond.range_2_auth_atom_id 
_pdbx_struct_sheet_hbond.range_2_auth_comp_id 
_pdbx_struct_sheet_hbond.range_2_auth_asym_id 
_pdbx_struct_sheet_hbond.range_2_auth_seq_id 
AA1 1 5 N GLU A 15 ? N GLU A 15 O ARG A 65  ? O ARG A 65  
AA1 2 3 N GLN A 23 ? N GLN A 23 O GLY A 26  ? O GLY A 26  
AA1 3 4 N ALA A 35 ? N ALA A 35 O ILE A 42  ? O ILE A 42  
AA1 3 5 N GLY A 32 ? N GLY A 32 O LEU A 61  ? O LEU A 61  
AA1 3 9 N LEU A 29 ? N LEU A 29 O VAL A 123 ? O VAL A 123 
AA1 5 8 N ILE A 60 ? N ILE A 60 O LEU A 104 ? O LEU A 104 
AA1 6 9 N ASP A 75 ? N ASP A 75 O ALA A 126 ? O ALA A 126 
AA1 7 8 N ILE A 88 ? N ILE A 88 O TYR A 107 ? O TYR A 107 
AA2 1 2 N ILE A 52 ? N ILE A 52 O VAL A 114 ? O VAL A 114 
# 
_pdbx_entry_details.entry_id                   9LN0 
_pdbx_entry_details.compound_details           ? 
_pdbx_entry_details.source_details             ? 
_pdbx_entry_details.nonpolymer_details         ? 
_pdbx_entry_details.sequence_details           ? 
_pdbx_entry_details.has_ligand_of_interest     ? 
_pdbx_entry_details.has_protein_modification   N 
# 
loop_
_pdbx_validate_torsion.id 
_pdbx_validate_torsion.PDB_model_num 
_pdbx_validate_torsion.auth_comp_id 
_pdbx_validate_torsion.auth_asym_id 
_pdbx_validate_torsion.auth_seq_id 
_pdbx_validate_torsion.PDB_ins_code 
_pdbx_validate_torsion.label_alt_id 
_pdbx_validate_torsion.phi 
_pdbx_validate_torsion.psi 
1 1 ALA A 25  ? ? -143.76 33.32  
2 1 PHE A 122 ? ? -143.86 -20.86 
# 
loop_
_pdbx_struct_special_symmetry.id 
_pdbx_struct_special_symmetry.PDB_model_num 
_pdbx_struct_special_symmetry.auth_asym_id 
_pdbx_struct_special_symmetry.auth_comp_id 
_pdbx_struct_special_symmetry.auth_seq_id 
_pdbx_struct_special_symmetry.PDB_ins_code 
_pdbx_struct_special_symmetry.label_asym_id 
_pdbx_struct_special_symmetry.label_comp_id 
_pdbx_struct_special_symmetry.label_seq_id 
1 1 A HOH 213 ? B HOH . 
2 1 A HOH 225 ? B HOH . 
# 
loop_
_space_group_symop.id 
_space_group_symop.operation_xyz 
1  x,y,z               
2  z,x,y               
3  y,z,x               
4  -y,-z,x             
5  z,-x,-y             
6  -y,z,-x             
7  -z,-x,y             
8  -z,x,-y             
9  y,-z,-x             
10 x,-y,-z             
11 -x,y,-z             
12 -x,-y,z             
13 x+1/2,y+1/2,z+1/2   
14 z+1/2,x+1/2,y+1/2   
15 y+1/2,z+1/2,x+1/2   
16 -y+1/2,-z+1/2,x+1/2 
17 z+1/2,-x+1/2,-y+1/2 
18 -y+1/2,z+1/2,-x+1/2 
19 -z+1/2,-x+1/2,y+1/2 
20 -z+1/2,x+1/2,-y+1/2 
21 y+1/2,-z+1/2,-x+1/2 
22 x+1/2,-y+1/2,-z+1/2 
23 -x+1/2,y+1/2,-z+1/2 
24 -x+1/2,-y+1/2,z+1/2 
# 
loop_
_pdbx_unobs_or_zero_occ_residues.id 
_pdbx_unobs_or_zero_occ_residues.PDB_model_num 
_pdbx_unobs_or_zero_occ_residues.polymer_flag 
_pdbx_unobs_or_zero_occ_residues.occupancy_flag 
_pdbx_unobs_or_zero_occ_residues.auth_asym_id 
_pdbx_unobs_or_zero_occ_residues.auth_comp_id 
_pdbx_unobs_or_zero_occ_residues.auth_seq_id 
_pdbx_unobs_or_zero_occ_residues.PDB_ins_code 
_pdbx_unobs_or_zero_occ_residues.label_asym_id 
_pdbx_unobs_or_zero_occ_residues.label_comp_id 
_pdbx_unobs_or_zero_occ_residues.label_seq_id 
1 1 Y 1 A LYS 155 ? A LYS 155 
2 1 Y 1 A LEU 156 ? A LEU 156 
# 
loop_
_chem_comp_atom.comp_id 
_chem_comp_atom.atom_id 
_chem_comp_atom.type_symbol 
_chem_comp_atom.pdbx_aromatic_flag 
_chem_comp_atom.pdbx_stereo_config 
_chem_comp_atom.pdbx_ordinal 
ALA N    N N N 1   
ALA CA   C N S 2   
ALA C    C N N 3   
ALA O    O N N 4   
ALA CB   C N N 5   
ALA OXT  O N N 6   
ALA H    H N N 7   
ALA H2   H N N 8   
ALA HA   H N N 9   
ALA HB1  H N N 10  
ALA HB2  H N N 11  
ALA HB3  H N N 12  
ALA HXT  H N N 13  
ARG N    N N N 14  
ARG CA   C N S 15  
ARG C    C N N 16  
ARG O    O N N 17  
ARG CB   C N N 18  
ARG CG   C N N 19  
ARG CD   C N N 20  
ARG NE   N N N 21  
ARG CZ   C N N 22  
ARG NH1  N N N 23  
ARG NH2  N N N 24  
ARG OXT  O N N 25  
ARG H    H N N 26  
ARG H2   H N N 27  
ARG HA   H N N 28  
ARG HB2  H N N 29  
ARG HB3  H N N 30  
ARG HG2  H N N 31  
ARG HG3  H N N 32  
ARG HD2  H N N 33  
ARG HD3  H N N 34  
ARG HE   H N N 35  
ARG HH11 H N N 36  
ARG HH12 H N N 37  
ARG HH21 H N N 38  
ARG HH22 H N N 39  
ARG HXT  H N N 40  
ASN N    N N N 41  
ASN CA   C N S 42  
ASN C    C N N 43  
ASN O    O N N 44  
ASN CB   C N N 45  
ASN CG   C N N 46  
ASN OD1  O N N 47  
ASN ND2  N N N 48  
ASN OXT  O N N 49  
ASN H    H N N 50  
ASN H2   H N N 51  
ASN HA   H N N 52  
ASN HB2  H N N 53  
ASN HB3  H N N 54  
ASN HD21 H N N 55  
ASN HD22 H N N 56  
ASN HXT  H N N 57  
ASP N    N N N 58  
ASP CA   C N S 59  
ASP C    C N N 60  
ASP O    O N N 61  
ASP CB   C N N 62  
ASP CG   C N N 63  
ASP OD1  O N N 64  
ASP OD2  O N N 65  
ASP OXT  O N N 66  
ASP H    H N N 67  
ASP H2   H N N 68  
ASP HA   H N N 69  
ASP HB2  H N N 70  
ASP HB3  H N N 71  
ASP HD2  H N N 72  
ASP HXT  H N N 73  
GLN N    N N N 74  
GLN CA   C N S 75  
GLN C    C N N 76  
GLN O    O N N 77  
GLN CB   C N N 78  
GLN CG   C N N 79  
GLN CD   C N N 80  
GLN OE1  O N N 81  
GLN NE2  N N N 82  
GLN OXT  O N N 83  
GLN H    H N N 84  
GLN H2   H N N 85  
GLN HA   H N N 86  
GLN HB2  H N N 87  
GLN HB3  H N N 88  
GLN HG2  H N N 89  
GLN HG3  H N N 90  
GLN HE21 H N N 91  
GLN HE22 H N N 92  
GLN HXT  H N N 93  
GLU N    N N N 94  
GLU CA   C N S 95  
GLU C    C N N 96  
GLU O    O N N 97  
GLU CB   C N N 98  
GLU CG   C N N 99  
GLU CD   C N N 100 
GLU OE1  O N N 101 
GLU OE2  O N N 102 
GLU OXT  O N N 103 
GLU H    H N N 104 
GLU H2   H N N 105 
GLU HA   H N N 106 
GLU HB2  H N N 107 
GLU HB3  H N N 108 
GLU HG2  H N N 109 
GLU HG3  H N N 110 
GLU HE2  H N N 111 
GLU HXT  H N N 112 
GLY N    N N N 113 
GLY CA   C N N 114 
GLY C    C N N 115 
GLY O    O N N 116 
GLY OXT  O N N 117 
GLY H    H N N 118 
GLY H2   H N N 119 
GLY HA2  H N N 120 
GLY HA3  H N N 121 
GLY HXT  H N N 122 
HOH O    O N N 123 
HOH H1   H N N 124 
HOH H2   H N N 125 
ILE N    N N N 126 
ILE CA   C N S 127 
ILE C    C N N 128 
ILE O    O N N 129 
ILE CB   C N S 130 
ILE CG1  C N N 131 
ILE CG2  C N N 132 
ILE CD1  C N N 133 
ILE OXT  O N N 134 
ILE H    H N N 135 
ILE H2   H N N 136 
ILE HA   H N N 137 
ILE HB   H N N 138 
ILE HG12 H N N 139 
ILE HG13 H N N 140 
ILE HG21 H N N 141 
ILE HG22 H N N 142 
ILE HG23 H N N 143 
ILE HD11 H N N 144 
ILE HD12 H N N 145 
ILE HD13 H N N 146 
ILE HXT  H N N 147 
LEU N    N N N 148 
LEU CA   C N S 149 
LEU C    C N N 150 
LEU O    O N N 151 
LEU CB   C N N 152 
LEU CG   C N N 153 
LEU CD1  C N N 154 
LEU CD2  C N N 155 
LEU OXT  O N N 156 
LEU H    H N N 157 
LEU H2   H N N 158 
LEU HA   H N N 159 
LEU HB2  H N N 160 
LEU HB3  H N N 161 
LEU HG   H N N 162 
LEU HD11 H N N 163 
LEU HD12 H N N 164 
LEU HD13 H N N 165 
LEU HD21 H N N 166 
LEU HD22 H N N 167 
LEU HD23 H N N 168 
LEU HXT  H N N 169 
LYS N    N N N 170 
LYS CA   C N S 171 
LYS C    C N N 172 
LYS O    O N N 173 
LYS CB   C N N 174 
LYS CG   C N N 175 
LYS CD   C N N 176 
LYS CE   C N N 177 
LYS NZ   N N N 178 
LYS OXT  O N N 179 
LYS H    H N N 180 
LYS H2   H N N 181 
LYS HA   H N N 182 
LYS HB2  H N N 183 
LYS HB3  H N N 184 
LYS HG2  H N N 185 
LYS HG3  H N N 186 
LYS HD2  H N N 187 
LYS HD3  H N N 188 
LYS HE2  H N N 189 
LYS HE3  H N N 190 
LYS HZ1  H N N 191 
LYS HZ2  H N N 192 
LYS HZ3  H N N 193 
LYS HXT  H N N 194 
MET N    N N N 195 
MET CA   C N S 196 
MET C    C N N 197 
MET O    O N N 198 
MET CB   C N N 199 
MET CG   C N N 200 
MET SD   S N N 201 
MET CE   C N N 202 
MET OXT  O N N 203 
MET H    H N N 204 
MET H2   H N N 205 
MET HA   H N N 206 
MET HB2  H N N 207 
MET HB3  H N N 208 
MET HG2  H N N 209 
MET HG3  H N N 210 
MET HE1  H N N 211 
MET HE2  H N N 212 
MET HE3  H N N 213 
MET HXT  H N N 214 
PHE N    N N N 215 
PHE CA   C N S 216 
PHE C    C N N 217 
PHE O    O N N 218 
PHE CB   C N N 219 
PHE CG   C Y N 220 
PHE CD1  C Y N 221 
PHE CD2  C Y N 222 
PHE CE1  C Y N 223 
PHE CE2  C Y N 224 
PHE CZ   C Y N 225 
PHE OXT  O N N 226 
PHE H    H N N 227 
PHE H2   H N N 228 
PHE HA   H N N 229 
PHE HB2  H N N 230 
PHE HB3  H N N 231 
PHE HD1  H N N 232 
PHE HD2  H N N 233 
PHE HE1  H N N 234 
PHE HE2  H N N 235 
PHE HZ   H N N 236 
PHE HXT  H N N 237 
PRO N    N N N 238 
PRO CA   C N S 239 
PRO C    C N N 240 
PRO O    O N N 241 
PRO CB   C N N 242 
PRO CG   C N N 243 
PRO CD   C N N 244 
PRO OXT  O N N 245 
PRO H    H N N 246 
PRO HA   H N N 247 
PRO HB2  H N N 248 
PRO HB3  H N N 249 
PRO HG2  H N N 250 
PRO HG3  H N N 251 
PRO HD2  H N N 252 
PRO HD3  H N N 253 
PRO HXT  H N N 254 
SER N    N N N 255 
SER CA   C N S 256 
SER C    C N N 257 
SER O    O N N 258 
SER CB   C N N 259 
SER OG   O N N 260 
SER OXT  O N N 261 
SER H    H N N 262 
SER H2   H N N 263 
SER HA   H N N 264 
SER HB2  H N N 265 
SER HB3  H N N 266 
SER HG   H N N 267 
SER HXT  H N N 268 
THR N    N N N 269 
THR CA   C N S 270 
THR C    C N N 271 
THR O    O N N 272 
THR CB   C N R 273 
THR OG1  O N N 274 
THR CG2  C N N 275 
THR OXT  O N N 276 
THR H    H N N 277 
THR H2   H N N 278 
THR HA   H N N 279 
THR HB   H N N 280 
THR HG1  H N N 281 
THR HG21 H N N 282 
THR HG22 H N N 283 
THR HG23 H N N 284 
THR HXT  H N N 285 
TRP N    N N N 286 
TRP CA   C N S 287 
TRP C    C N N 288 
TRP O    O N N 289 
TRP CB   C N N 290 
TRP CG   C Y N 291 
TRP CD1  C Y N 292 
TRP CD2  C Y N 293 
TRP NE1  N Y N 294 
TRP CE2  C Y N 295 
TRP CE3  C Y N 296 
TRP CZ2  C Y N 297 
TRP CZ3  C Y N 298 
TRP CH2  C Y N 299 
TRP OXT  O N N 300 
TRP H    H N N 301 
TRP H2   H N N 302 
TRP HA   H N N 303 
TRP HB2  H N N 304 
TRP HB3  H N N 305 
TRP HD1  H N N 306 
TRP HE1  H N N 307 
TRP HE3  H N N 308 
TRP HZ2  H N N 309 
TRP HZ3  H N N 310 
TRP HH2  H N N 311 
TRP HXT  H N N 312 
TYR N    N N N 313 
TYR CA   C N S 314 
TYR C    C N N 315 
TYR O    O N N 316 
TYR CB   C N N 317 
TYR CG   C Y N 318 
TYR CD1  C Y N 319 
TYR CD2  C Y N 320 
TYR CE1  C Y N 321 
TYR CE2  C Y N 322 
TYR CZ   C Y N 323 
TYR OH   O N N 324 
TYR OXT  O N N 325 
TYR H    H N N 326 
TYR H2   H N N 327 
TYR HA   H N N 328 
TYR HB2  H N N 329 
TYR HB3  H N N 330 
TYR HD1  H N N 331 
TYR HD2  H N N 332 
TYR HE1  H N N 333 
TYR HE2  H N N 334 
TYR HH   H N N 335 
TYR HXT  H N N 336 
VAL N    N N N 337 
VAL CA   C N S 338 
VAL C    C N N 339 
VAL O    O N N 340 
VAL CB   C N N 341 
VAL CG1  C N N 342 
VAL CG2  C N N 343 
VAL OXT  O N N 344 
VAL H    H N N 345 
VAL H2   H N N 346 
VAL HA   H N N 347 
VAL HB   H N N 348 
VAL HG11 H N N 349 
VAL HG12 H N N 350 
VAL HG13 H N N 351 
VAL HG21 H N N 352 
VAL HG22 H N N 353 
VAL HG23 H N N 354 
VAL HXT  H N N 355 
# 
loop_
_chem_comp_bond.comp_id 
_chem_comp_bond.atom_id_1 
_chem_comp_bond.atom_id_2 
_chem_comp_bond.value_order 
_chem_comp_bond.pdbx_aromatic_flag 
_chem_comp_bond.pdbx_stereo_config 
_chem_comp_bond.pdbx_ordinal 
ALA N   CA   sing N N 1   
ALA N   H    sing N N 2   
ALA N   H2   sing N N 3   
ALA CA  C    sing N N 4   
ALA CA  CB   sing N N 5   
ALA CA  HA   sing N N 6   
ALA C   O    doub N N 7   
ALA C   OXT  sing N N 8   
ALA CB  HB1  sing N N 9   
ALA CB  HB2  sing N N 10  
ALA CB  HB3  sing N N 11  
ALA OXT HXT  sing N N 12  
ARG N   CA   sing N N 13  
ARG N   H    sing N N 14  
ARG N   H2   sing N N 15  
ARG CA  C    sing N N 16  
ARG CA  CB   sing N N 17  
ARG CA  HA   sing N N 18  
ARG C   O    doub N N 19  
ARG C   OXT  sing N N 20  
ARG CB  CG   sing N N 21  
ARG CB  HB2  sing N N 22  
ARG CB  HB3  sing N N 23  
ARG CG  CD   sing N N 24  
ARG CG  HG2  sing N N 25  
ARG CG  HG3  sing N N 26  
ARG CD  NE   sing N N 27  
ARG CD  HD2  sing N N 28  
ARG CD  HD3  sing N N 29  
ARG NE  CZ   sing N N 30  
ARG NE  HE   sing N N 31  
ARG CZ  NH1  sing N N 32  
ARG CZ  NH2  doub N N 33  
ARG NH1 HH11 sing N N 34  
ARG NH1 HH12 sing N N 35  
ARG NH2 HH21 sing N N 36  
ARG NH2 HH22 sing N N 37  
ARG OXT HXT  sing N N 38  
ASN N   CA   sing N N 39  
ASN N   H    sing N N 40  
ASN N   H2   sing N N 41  
ASN CA  C    sing N N 42  
ASN CA  CB   sing N N 43  
ASN CA  HA   sing N N 44  
ASN C   O    doub N N 45  
ASN C   OXT  sing N N 46  
ASN CB  CG   sing N N 47  
ASN CB  HB2  sing N N 48  
ASN CB  HB3  sing N N 49  
ASN CG  OD1  doub N N 50  
ASN CG  ND2  sing N N 51  
ASN ND2 HD21 sing N N 52  
ASN ND2 HD22 sing N N 53  
ASN OXT HXT  sing N N 54  
ASP N   CA   sing N N 55  
ASP N   H    sing N N 56  
ASP N   H2   sing N N 57  
ASP CA  C    sing N N 58  
ASP CA  CB   sing N N 59  
ASP CA  HA   sing N N 60  
ASP C   O    doub N N 61  
ASP C   OXT  sing N N 62  
ASP CB  CG   sing N N 63  
ASP CB  HB2  sing N N 64  
ASP CB  HB3  sing N N 65  
ASP CG  OD1  doub N N 66  
ASP CG  OD2  sing N N 67  
ASP OD2 HD2  sing N N 68  
ASP OXT HXT  sing N N 69  
GLN N   CA   sing N N 70  
GLN N   H    sing N N 71  
GLN N   H2   sing N N 72  
GLN CA  C    sing N N 73  
GLN CA  CB   sing N N 74  
GLN CA  HA   sing N N 75  
GLN C   O    doub N N 76  
GLN C   OXT  sing N N 77  
GLN CB  CG   sing N N 78  
GLN CB  HB2  sing N N 79  
GLN CB  HB3  sing N N 80  
GLN CG  CD   sing N N 81  
GLN CG  HG2  sing N N 82  
GLN CG  HG3  sing N N 83  
GLN CD  OE1  doub N N 84  
GLN CD  NE2  sing N N 85  
GLN NE2 HE21 sing N N 86  
GLN NE2 HE22 sing N N 87  
GLN OXT HXT  sing N N 88  
GLU N   CA   sing N N 89  
GLU N   H    sing N N 90  
GLU N   H2   sing N N 91  
GLU CA  C    sing N N 92  
GLU CA  CB   sing N N 93  
GLU CA  HA   sing N N 94  
GLU C   O    doub N N 95  
GLU C   OXT  sing N N 96  
GLU CB  CG   sing N N 97  
GLU CB  HB2  sing N N 98  
GLU CB  HB3  sing N N 99  
GLU CG  CD   sing N N 100 
GLU CG  HG2  sing N N 101 
GLU CG  HG3  sing N N 102 
GLU CD  OE1  doub N N 103 
GLU CD  OE2  sing N N 104 
GLU OE2 HE2  sing N N 105 
GLU OXT HXT  sing N N 106 
GLY N   CA   sing N N 107 
GLY N   H    sing N N 108 
GLY N   H2   sing N N 109 
GLY CA  C    sing N N 110 
GLY CA  HA2  sing N N 111 
GLY CA  HA3  sing N N 112 
GLY C   O    doub N N 113 
GLY C   OXT  sing N N 114 
GLY OXT HXT  sing N N 115 
HOH O   H1   sing N N 116 
HOH O   H2   sing N N 117 
ILE N   CA   sing N N 118 
ILE N   H    sing N N 119 
ILE N   H2   sing N N 120 
ILE CA  C    sing N N 121 
ILE CA  CB   sing N N 122 
ILE CA  HA   sing N N 123 
ILE C   O    doub N N 124 
ILE C   OXT  sing N N 125 
ILE CB  CG1  sing N N 126 
ILE CB  CG2  sing N N 127 
ILE CB  HB   sing N N 128 
ILE CG1 CD1  sing N N 129 
ILE CG1 HG12 sing N N 130 
ILE CG1 HG13 sing N N 131 
ILE CG2 HG21 sing N N 132 
ILE CG2 HG22 sing N N 133 
ILE CG2 HG23 sing N N 134 
ILE CD1 HD11 sing N N 135 
ILE CD1 HD12 sing N N 136 
ILE CD1 HD13 sing N N 137 
ILE OXT HXT  sing N N 138 
LEU N   CA   sing N N 139 
LEU N   H    sing N N 140 
LEU N   H2   sing N N 141 
LEU CA  C    sing N N 142 
LEU CA  CB   sing N N 143 
LEU CA  HA   sing N N 144 
LEU C   O    doub N N 145 
LEU C   OXT  sing N N 146 
LEU CB  CG   sing N N 147 
LEU CB  HB2  sing N N 148 
LEU CB  HB3  sing N N 149 
LEU CG  CD1  sing N N 150 
LEU CG  CD2  sing N N 151 
LEU CG  HG   sing N N 152 
LEU CD1 HD11 sing N N 153 
LEU CD1 HD12 sing N N 154 
LEU CD1 HD13 sing N N 155 
LEU CD2 HD21 sing N N 156 
LEU CD2 HD22 sing N N 157 
LEU CD2 HD23 sing N N 158 
LEU OXT HXT  sing N N 159 
LYS N   CA   sing N N 160 
LYS N   H    sing N N 161 
LYS N   H2   sing N N 162 
LYS CA  C    sing N N 163 
LYS CA  CB   sing N N 164 
LYS CA  HA   sing N N 165 
LYS C   O    doub N N 166 
LYS C   OXT  sing N N 167 
LYS CB  CG   sing N N 168 
LYS CB  HB2  sing N N 169 
LYS CB  HB3  sing N N 170 
LYS CG  CD   sing N N 171 
LYS CG  HG2  sing N N 172 
LYS CG  HG3  sing N N 173 
LYS CD  CE   sing N N 174 
LYS CD  HD2  sing N N 175 
LYS CD  HD3  sing N N 176 
LYS CE  NZ   sing N N 177 
LYS CE  HE2  sing N N 178 
LYS CE  HE3  sing N N 179 
LYS NZ  HZ1  sing N N 180 
LYS NZ  HZ2  sing N N 181 
LYS NZ  HZ3  sing N N 182 
LYS OXT HXT  sing N N 183 
MET N   CA   sing N N 184 
MET N   H    sing N N 185 
MET N   H2   sing N N 186 
MET CA  C    sing N N 187 
MET CA  CB   sing N N 188 
MET CA  HA   sing N N 189 
MET C   O    doub N N 190 
MET C   OXT  sing N N 191 
MET CB  CG   sing N N 192 
MET CB  HB2  sing N N 193 
MET CB  HB3  sing N N 194 
MET CG  SD   sing N N 195 
MET CG  HG2  sing N N 196 
MET CG  HG3  sing N N 197 
MET SD  CE   sing N N 198 
MET CE  HE1  sing N N 199 
MET CE  HE2  sing N N 200 
MET CE  HE3  sing N N 201 
MET OXT HXT  sing N N 202 
PHE N   CA   sing N N 203 
PHE N   H    sing N N 204 
PHE N   H2   sing N N 205 
PHE CA  C    sing N N 206 
PHE CA  CB   sing N N 207 
PHE CA  HA   sing N N 208 
PHE C   O    doub N N 209 
PHE C   OXT  sing N N 210 
PHE CB  CG   sing N N 211 
PHE CB  HB2  sing N N 212 
PHE CB  HB3  sing N N 213 
PHE CG  CD1  doub Y N 214 
PHE CG  CD2  sing Y N 215 
PHE CD1 CE1  sing Y N 216 
PHE CD1 HD1  sing N N 217 
PHE CD2 CE2  doub Y N 218 
PHE CD2 HD2  sing N N 219 
PHE CE1 CZ   doub Y N 220 
PHE CE1 HE1  sing N N 221 
PHE CE2 CZ   sing Y N 222 
PHE CE2 HE2  sing N N 223 
PHE CZ  HZ   sing N N 224 
PHE OXT HXT  sing N N 225 
PRO N   CA   sing N N 226 
PRO N   CD   sing N N 227 
PRO N   H    sing N N 228 
PRO CA  C    sing N N 229 
PRO CA  CB   sing N N 230 
PRO CA  HA   sing N N 231 
PRO C   O    doub N N 232 
PRO C   OXT  sing N N 233 
PRO CB  CG   sing N N 234 
PRO CB  HB2  sing N N 235 
PRO CB  HB3  sing N N 236 
PRO CG  CD   sing N N 237 
PRO CG  HG2  sing N N 238 
PRO CG  HG3  sing N N 239 
PRO CD  HD2  sing N N 240 
PRO CD  HD3  sing N N 241 
PRO OXT HXT  sing N N 242 
SER N   CA   sing N N 243 
SER N   H    sing N N 244 
SER N   H2   sing N N 245 
SER CA  C    sing N N 246 
SER CA  CB   sing N N 247 
SER CA  HA   sing N N 248 
SER C   O    doub N N 249 
SER C   OXT  sing N N 250 
SER CB  OG   sing N N 251 
SER CB  HB2  sing N N 252 
SER CB  HB3  sing N N 253 
SER OG  HG   sing N N 254 
SER OXT HXT  sing N N 255 
THR N   CA   sing N N 256 
THR N   H    sing N N 257 
THR N   H2   sing N N 258 
THR CA  C    sing N N 259 
THR CA  CB   sing N N 260 
THR CA  HA   sing N N 261 
THR C   O    doub N N 262 
THR C   OXT  sing N N 263 
THR CB  OG1  sing N N 264 
THR CB  CG2  sing N N 265 
THR CB  HB   sing N N 266 
THR OG1 HG1  sing N N 267 
THR CG2 HG21 sing N N 268 
THR CG2 HG22 sing N N 269 
THR CG2 HG23 sing N N 270 
THR OXT HXT  sing N N 271 
TRP N   CA   sing N N 272 
TRP N   H    sing N N 273 
TRP N   H2   sing N N 274 
TRP CA  C    sing N N 275 
TRP CA  CB   sing N N 276 
TRP CA  HA   sing N N 277 
TRP C   O    doub N N 278 
TRP C   OXT  sing N N 279 
TRP CB  CG   sing N N 280 
TRP CB  HB2  sing N N 281 
TRP CB  HB3  sing N N 282 
TRP CG  CD1  doub Y N 283 
TRP CG  CD2  sing Y N 284 
TRP CD1 NE1  sing Y N 285 
TRP CD1 HD1  sing N N 286 
TRP CD2 CE2  doub Y N 287 
TRP CD2 CE3  sing Y N 288 
TRP NE1 CE2  sing Y N 289 
TRP NE1 HE1  sing N N 290 
TRP CE2 CZ2  sing Y N 291 
TRP CE3 CZ3  doub Y N 292 
TRP CE3 HE3  sing N N 293 
TRP CZ2 CH2  doub Y N 294 
TRP CZ2 HZ2  sing N N 295 
TRP CZ3 CH2  sing Y N 296 
TRP CZ3 HZ3  sing N N 297 
TRP CH2 HH2  sing N N 298 
TRP OXT HXT  sing N N 299 
TYR N   CA   sing N N 300 
TYR N   H    sing N N 301 
TYR N   H2   sing N N 302 
TYR CA  C    sing N N 303 
TYR CA  CB   sing N N 304 
TYR CA  HA   sing N N 305 
TYR C   O    doub N N 306 
TYR C   OXT  sing N N 307 
TYR CB  CG   sing N N 308 
TYR CB  HB2  sing N N 309 
TYR CB  HB3  sing N N 310 
TYR CG  CD1  doub Y N 311 
TYR CG  CD2  sing Y N 312 
TYR CD1 CE1  sing Y N 313 
TYR CD1 HD1  sing N N 314 
TYR CD2 CE2  doub Y N 315 
TYR CD2 HD2  sing N N 316 
TYR CE1 CZ   doub Y N 317 
TYR CE1 HE1  sing N N 318 
TYR CE2 CZ   sing Y N 319 
TYR CE2 HE2  sing N N 320 
TYR CZ  OH   sing N N 321 
TYR OH  HH   sing N N 322 
TYR OXT HXT  sing N N 323 
VAL N   CA   sing N N 324 
VAL N   H    sing N N 325 
VAL N   H2   sing N N 326 
VAL CA  C    sing N N 327 
VAL CA  CB   sing N N 328 
VAL CA  HA   sing N N 329 
VAL C   O    doub N N 330 
VAL C   OXT  sing N N 331 
VAL CB  CG1  sing N N 332 
VAL CB  CG2  sing N N 333 
VAL CB  HB   sing N N 334 
VAL CG1 HG11 sing N N 335 
VAL CG1 HG12 sing N N 336 
VAL CG1 HG13 sing N N 337 
VAL CG2 HG21 sing N N 338 
VAL CG2 HG22 sing N N 339 
VAL CG2 HG23 sing N N 340 
VAL OXT HXT  sing N N 341 
# 
_pdbx_audit_support.funding_organization   'Ministry of Science and Technology (MoST, China)' 
_pdbx_audit_support.country                China 
_pdbx_audit_support.grant_number           2024YFC3407300 
_pdbx_audit_support.ordinal                1 
# 
_pdbx_initial_refinement_model.id               1 
_pdbx_initial_refinement_model.entity_id_list   ? 
_pdbx_initial_refinement_model.type             'in silico model' 
_pdbx_initial_refinement_model.source_name      AlphaFold 
_pdbx_initial_refinement_model.accession_code   ? 
_pdbx_initial_refinement_model.details          ? 
# 
_space_group.name_H-M_alt     'I 2 3' 
_space_group.name_Hall        'I 2 2 3' 
_space_group.IT_number        197 
_space_group.crystal_system   cubic 
_space_group.id               1 
# 
_atom_sites.entry_id                    9LN0 
_atom_sites.Cartn_transf_matrix[1][1]   ? 
_atom_sites.Cartn_transf_matrix[1][2]   ? 
_atom_sites.Cartn_transf_matrix[1][3]   ? 
_atom_sites.Cartn_transf_matrix[2][1]   ? 
_atom_sites.Cartn_transf_matrix[2][2]   ? 
_atom_sites.Cartn_transf_matrix[2][3]   ? 
_atom_sites.Cartn_transf_matrix[3][1]   ? 
_atom_sites.Cartn_transf_matrix[3][2]   ? 
_atom_sites.Cartn_transf_matrix[3][3]   ? 
_atom_sites.Cartn_transf_vector[1]      ? 
_atom_sites.Cartn_transf_vector[2]      ? 
_atom_sites.Cartn_transf_vector[3]      ? 
_atom_sites.Cartn_transform_axes        ? 
_atom_sites.fract_transf_matrix[1][1]   0.00496111 
_atom_sites.fract_transf_matrix[1][2]   0.00137246 
_atom_sites.fract_transf_matrix[1][3]   0.00873284 
_atom_sites.fract_transf_matrix[2][1]   0.00405178 
_atom_sites.fract_transf_matrix[2][2]   -0.00925330 
_atom_sites.fract_transf_matrix[2][3]   -0.00084755 
_atom_sites.fract_transf_matrix[3][1]   0.00785680 
_atom_sites.fract_transf_matrix[3][2]   0.00390533 
_atom_sites.fract_transf_matrix[3][3]   -0.00507719 
_atom_sites.fract_transf_vector[1]      0.185669 
_atom_sites.fract_transf_vector[2]      -0.132842 
_atom_sites.fract_transf_vector[3]      0.313766 
_atom_sites.solution_primary            ? 
_atom_sites.solution_secondary          ? 
_atom_sites.solution_hydrogens          ? 
_atom_sites.special_details             ? 
# 
loop_
_atom_type.symbol 
_atom_type.scat_dispersion_real 
_atom_type.scat_dispersion_imag 
_atom_type.scat_Cromer_Mann_a1 
_atom_type.scat_Cromer_Mann_a2 
_atom_type.scat_Cromer_Mann_a3 
_atom_type.scat_Cromer_Mann_a4 
_atom_type.scat_Cromer_Mann_b1 
_atom_type.scat_Cromer_Mann_b2 
_atom_type.scat_Cromer_Mann_b3 
_atom_type.scat_Cromer_Mann_b4 
_atom_type.scat_Cromer_Mann_c 
_atom_type.scat_source 
_atom_type.scat_dispersion_source 
C ? ? 3.54356 2.42580 ? ? 25.62398 1.50364  ? ? 0.0 
;2-Gaussian fit: Grosse-Kunstleve RW, Sauter NK, Adams PD: Newsletter of the IUCr Commission on Crystallographic Computing 2004, 3, 22-31.
;
? 
N ? ? 4.01032 2.96436 ? ? 19.97189 1.75589  ? ? 0.0 
;2-Gaussian fit: Grosse-Kunstleve RW, Sauter NK, Adams PD: Newsletter of the IUCr Commission on Crystallographic Computing 2004, 3, 22-31.
;
? 
O ? ? 4.49882 3.47563 ? ? 15.80542 1.70748  ? ? 0.0 
;2-Gaussian fit: Grosse-Kunstleve RW, Sauter NK, Adams PD: Newsletter of the IUCr Commission on Crystallographic Computing 2004, 3, 22-31.
;
? 
S ? ? 9.55732 6.39887 ? ? 1.23737  29.19336 ? ? 0.0 
;2-Gaussian fit: Grosse-Kunstleve RW, Sauter NK, Adams PD: Newsletter of the IUCr Commission on Crystallographic Computing 2004, 3, 22-31.
;
? 
# 
loop_
_atom_site.group_PDB 
_atom_site.id 
_atom_site.type_symbol 
_atom_site.label_atom_id 
_atom_site.label_alt_id 
_atom_site.label_comp_id 
_atom_site.label_asym_id 
_atom_site.label_entity_id 
_atom_site.label_seq_id 
_atom_site.pdbx_PDB_ins_code 
_atom_site.Cartn_x 
_atom_site.Cartn_y 
_atom_site.Cartn_z 
_atom_site.occupancy 
_atom_site.B_iso_or_equiv 
_atom_site.pdbx_formal_charge 
_atom_site.auth_seq_id 
_atom_site.auth_comp_id 
_atom_site.auth_asym_id 
_atom_site.auth_atom_id 
_atom_site.pdbx_PDB_model_num 
ATOM   1    N N   . MET A 1 1   ? 0.25132   16.62981  11.21497  1.000 54.90000 ? 1   MET A N   1 
ATOM   2    C CA  . MET A 1 1   ? 0.31940   17.67759  10.19558  1.000 51.79000 ? 1   MET A CA  1 
ATOM   3    C C   . MET A 1 1   ? 0.65562   17.06278  8.80344   1.000 45.89000 ? 1   MET A C   1 
ATOM   4    O O   . MET A 1 1   ? 1.75605   16.53044  8.59742   1.000 46.76000 ? 1   MET A O   1 
ATOM   5    C CB  . MET A 1 1   ? 1.33235   18.76999  10.59879  1.000 52.22000 ? 1   MET A CB  1 
ATOM   6    C CG  . MET A 1 1   ? 2.77596   18.38906  10.94246  1.000 53.31000 ? 1   MET A CG  1 
ATOM   7    S SD  . MET A 1 1   ? 3.56354   18.97026  12.48848  1.000 70.83000 ? 1   MET A SD  1 
ATOM   8    C CE  . MET A 1 1   ? 3.15920   17.72938  13.70950  1.000 46.94000 ? 1   MET A CE  1 
ATOM   9    N N   . LEU A 1 2   ? -0.30282  17.15388  7.86753   1.000 39.08000 ? 2   LEU A N   1 
ATOM   10   C CA  . LEU A 1 2   ? -0.30526  16.35845  6.63697   1.000 40.10000 ? 2   LEU A CA  1 
ATOM   11   C C   . LEU A 1 2   ? 0.60326   16.93563  5.55188   1.000 43.65000 ? 2   LEU A C   1 
ATOM   12   O O   . LEU A 1 2   ? 0.55474   18.13714  5.26293   1.000 46.50000 ? 2   LEU A O   1 
ATOM   13   C CB  . LEU A 1 2   ? -1.72580  16.26867  6.07674   1.000 43.40000 ? 2   LEU A CB  1 
ATOM   14   C CG  . LEU A 1 2   ? -2.20635  14.91345  5.55052   1.000 41.15000 ? 2   LEU A CG  1 
ATOM   15   C CD1 . LEU A 1 2   ? -1.63605  13.83331  6.41082   1.000 47.53000 ? 2   LEU A CD1 1 
ATOM   16   C CD2 . LEU A 1 2   ? -3.70245  14.79261  5.56626   1.000 43.26000 ? 2   LEU A CD2 1 
ATOM   17   N N   . LEU A 1 3   ? 1.39171   16.06962  4.91389   1.000 42.24000 ? 3   LEU A N   1 
ATOM   18   C CA  . LEU A 1 3   ? 2.28447   16.49573  3.83596   1.000 40.17000 ? 3   LEU A CA  1 
ATOM   19   C C   . LEU A 1 3   ? 1.48362   16.75504  2.57050   1.000 42.04000 ? 3   LEU A C   1 
ATOM   20   O O   . LEU A 1 3   ? 0.82803   15.83120  2.07128   1.000 43.56000 ? 3   LEU A O   1 
ATOM   21   C CB  . LEU A 1 3   ? 3.34402   15.43197  3.56721   1.000 37.09000 ? 3   LEU A CB  1 
ATOM   22   C CG  . LEU A 1 3   ? 4.64708   15.56083  4.34706   1.000 39.20000 ? 3   LEU A CG  1 
ATOM   23   C CD1 . LEU A 1 3   ? 4.42491   15.26286  5.80858   1.000 41.60000 ? 3   LEU A CD1 1 
ATOM   24   C CD2 . LEU A 1 3   ? 5.67257   14.61579  3.77951   1.000 39.20000 ? 3   LEU A CD2 1 
ATOM   25   N N   . PRO A 1 4   ? 1.49617   17.96803  2.01754   1.000 40.92000 ? 4   PRO A N   1 
ATOM   26   C CA  . PRO A 1 4   ? 0.87110   18.18458  0.70769   1.000 36.45000 ? 4   PRO A CA  1 
ATOM   27   C C   . PRO A 1 4   ? 1.66242   17.47210  -0.37278  1.000 37.75000 ? 4   PRO A C   1 
ATOM   28   O O   . PRO A 1 4   ? 2.77709   17.00011  -0.15296  1.000 38.12000 ? 4   PRO A O   1 
ATOM   29   C CB  . PRO A 1 4   ? 0.91222   19.70345  0.52805   1.000 36.53000 ? 4   PRO A CB  1 
ATOM   30   C CG  . PRO A 1 4   ? 1.98257   20.16823  1.41981   1.000 40.02000 ? 4   PRO A CG  1 
ATOM   31   C CD  . PRO A 1 4   ? 2.05258   19.21086  2.57869   1.000 41.48000 ? 4   PRO A CD  1 
ATOM   32   N N   . ASP A 1 5   ? 1.06574   17.39303  -1.56059  1.000 37.49000 ? 5   ASP A N   1 
ATOM   33   C CA  . ASP A 1 5   ? 1.74482   16.75132  -2.68246  1.000 40.53000 ? 5   ASP A CA  1 
ATOM   34   C C   . ASP A 1 5   ? 3.20049   17.18407  -2.80434  1.000 41.76000 ? 5   ASP A C   1 
ATOM   35   O O   . ASP A 1 5   ? 4.09813   16.34805  -2.93682  1.000 41.55000 ? 5   ASP A O   1 
ATOM   36   C CB  . ASP A 1 5   ? 1.01283   17.04607  -3.99377  1.000 41.24000 ? 5   ASP A CB  1 
ATOM   37   C CG  . ASP A 1 5   ? 0.67454   18.50867  -4.16493  1.000 40.12000 ? 5   ASP A CG  1 
ATOM   38   O OD1 . ASP A 1 5   ? 1.05956   19.32769  -3.30052  1.000 40.43000 ? 5   ASP A OD1 1 
ATOM   39   O OD2 . ASP A 1 5   ? 0.02541   18.84015  -5.18201  1.000 44.01000 ? 5   ASP A OD2 1 
ATOM   40   N N   . TRP A 1 6   ? 3.46022   18.49254  -2.73965  1.000 41.96000 ? 6   TRP A N   1 
ATOM   41   C CA  . TRP A 1 6   ? 4.81413   18.96332  -2.99775  1.000 44.42000 ? 6   TRP A CA  1 
ATOM   42   C C   . TRP A 1 6   ? 5.78269   18.54355  -1.90567  1.000 46.22000 ? 6   TRP A C   1 
ATOM   43   O O   . TRP A 1 6   ? 6.97261   18.33299  -2.18291  1.000 51.14000 ? 6   TRP A O   1 
ATOM   44   C CB  . TRP A 1 6   ? 4.85135   20.48247  -3.17523  1.000 44.93000 ? 6   TRP A CB  1 
ATOM   45   C CG  . TRP A 1 6   ? 4.22334   21.34712  -2.10233  1.000 43.35000 ? 6   TRP A CG  1 
ATOM   46   C CD1 . TRP A 1 6   ? 2.89952   21.67638  -1.97893  1.000 42.13000 ? 6   TRP A CD1 1 
ATOM   47   C CD2 . TRP A 1 6   ? 4.90767   22.06442  -1.06462  1.000 42.48000 ? 6   TRP A CD2 1 
ATOM   48   N NE1 . TRP A 1 6   ? 2.71684   22.52088  -0.91324  1.000 38.81000 ? 6   TRP A NE1 1 
ATOM   49   C CE2 . TRP A 1 6   ? 3.93161   22.77748  -0.33547  1.000 41.78000 ? 6   TRP A CE2 1 
ATOM   50   C CE3 . TRP A 1 6   ? 6.24470   22.15566  -0.66845  1.000 41.79000 ? 6   TRP A CE3 1 
ATOM   51   C CZ2 . TRP A 1 6   ? 4.25090   23.57350  0.76492   1.000 43.44000 ? 6   TRP A CZ2 1 
ATOM   52   C CZ3 . TRP A 1 6   ? 6.55882   22.95075  0.42922   1.000 45.94000 ? 6   TRP A CZ3 1 
ATOM   53   C CH2 . TRP A 1 6   ? 5.56429   23.64830  1.13183   1.000 45.80000 ? 6   TRP A CH2 1 
ATOM   54   N N   . LYS A 1 7   ? 5.30701   18.40280  -0.66959  1.000 40.79000 ? 7   LYS A N   1 
ATOM   55   C CA  . LYS A 1 7   ? 6.20351   17.94552  0.37995   1.000 40.20000 ? 7   LYS A CA  1 
ATOM   56   C C   . LYS A 1 7   ? 6.43360   16.44464  0.32028   1.000 41.58000 ? 7   LYS A C   1 
ATOM   57   O O   . LYS A 1 7   ? 7.40508   15.95973  0.90556   1.000 41.43000 ? 7   LYS A O   1 
ATOM   58   C CB  . LYS A 1 7   ? 5.66994   18.36052  1.75426   1.000 40.98000 ? 7   LYS A CB  1 
ATOM   59   C CG  . LYS A 1 7   ? 5.96329   19.81542  2.09142   1.000 41.71000 ? 7   LYS A CG  1 
ATOM   60   C CD  . LYS A 1 7   ? 6.05475   20.01539  3.58671   1.000 45.80000 ? 7   LYS A CD  1 
ATOM   61   C CE  . LYS A 1 7   ? 6.57024   21.39362  3.92115   1.000 45.54000 ? 7   LYS A CE  1 
ATOM   62   N NZ  . LYS A 1 7   ? 5.45976   22.29110  4.31461   1.000 46.34000 ? 7   LYS A NZ  1 
ATOM   63   N N   . ILE A 1 8   ? 5.57896   15.70777  -0.39705  1.000 44.53000 ? 8   ILE A N   1 
ATOM   64   C CA  . ILE A 1 8   ? 5.73612   14.26023  -0.50260  1.000 43.45000 ? 8   ILE A CA  1 
ATOM   65   C C   . ILE A 1 8   ? 6.91768   13.91574  -1.40293  1.000 46.40000 ? 8   ILE A C   1 
ATOM   66   O O   . ILE A 1 8   ? 7.72914   13.03925  -1.07497  1.000 49.19000 ? 8   ILE A O   1 
ATOM   67   C CB  . ILE A 1 8   ? 4.43354   13.61731  -1.00228  1.000 38.66000 ? 8   ILE A CB  1 
ATOM   68   C CG1 . ILE A 1 8   ? 3.37993   13.67291  0.09944   1.000 42.59000 ? 8   ILE A CG1 1 
ATOM   69   C CG2 . ILE A 1 8   ? 4.67857   12.19038  -1.41521  1.000 35.19000 ? 8   ILE A CG2 1 
ATOM   70   C CD1 . ILE A 1 8   ? 1.96641   13.42950  -0.38839  1.000 42.37000 ? 8   ILE A CD1 1 
ATOM   71   N N   . ARG A 1 9   ? 7.02863   14.59535  -2.55132  1.000 47.46000 ? 9   ARG A N   1 
ATOM   72   C CA  . ARG A 1 9   ? 8.21026   14.46343  -3.40385  1.000 50.11000 ? 9   ARG A CA  1 
ATOM   73   C C   . ARG A 1 9   ? 9.48393   14.72250  -2.59526  1.000 47.51000 ? 9   ARG A C   1 
ATOM   74   O O   . ARG A 1 9   ? 10.43692  13.93267  -2.60857  1.000 40.84000 ? 9   ARG A O   1 
ATOM   75   C CB  . ARG A 1 9   ? 8.10624   15.44346  -4.58992  1.000 52.93000 ? 9   ARG A CB  1 
ATOM   76   C CG  . ARG A 1 9   ? 7.04027   15.13173  -5.64868  1.000 50.09000 ? 9   ARG A CG  1 
ATOM   77   C CD  . ARG A 1 9   ? 7.69542   14.79696  -6.98278  1.000 53.62000 ? 9   ARG A CD  1 
ATOM   78   N NE  . ARG A 1 9   ? 8.71157   13.76973  -6.76947  1.000 58.84000 ? 9   ARG A NE  1 
ATOM   79   C CZ  . ARG A 1 9   ? 9.50263   13.26647  -7.70740  1.000 60.28000 ? 9   ARG A CZ  1 
ATOM   80   N NH1 . ARG A 1 9   ? 9.37317   13.61239  -8.98135  1.000 55.50000 ? 9   ARG A NH1 1 
ATOM   81   N NH2 . ARG A 1 9   ? 10.44660  12.38999  -7.35606  1.000 59.93000 ? 9   ARG A NH2 1 
ATOM   82   N N   . LYS A 1 10  ? 9.49331   15.75156  -1.80118  1.000 46.39000 ? 10  LYS A N   1 
ATOM   83   C CA  . LYS A 1 10  ? 10.71605  16.05438  -1.11564  1.000 48.74000 ? 10  LYS A CA  1 
ATOM   84   C C   . LYS A 1 10  ? 10.95490  15.21778  0.06996   1.000 45.54000 ? 10  LYS A C   1 
ATOM   85   O O   . LYS A 1 10  ? 12.08349  15.00055  0.46936   1.000 45.93000 ? 10  LYS A O   1 
ATOM   86   C CB  . LYS A 1 10  ? 10.64104  17.52121  -0.66048  1.000 43.67000 ? 10  LYS A CB  1 
ATOM   87   C CG  . LYS A 1 10  ? 11.34508  17.89031  0.62506   1.000 42.05000 ? 10  LYS A CG  1 
ATOM   88   C CD  . LYS A 1 10  ? 11.05448  19.34011  0.96509   1.000 44.44000 ? 10  LYS A CD  1 
ATOM   89   C CE  . LYS A 1 10  ? 11.59391  19.72094  2.32837   1.000 47.83000 ? 10  LYS A CE  1 
ATOM   90   N NZ  . LYS A 1 10  ? 12.88509  19.04364  2.61949   1.000 50.28000 ? 10  LYS A NZ  1 
ATOM   91   N N   . GLU A 1 11  ? 9.90645   14.64101  0.57747   1.000 47.58000 ? 11  GLU A N   1 
ATOM   92   C CA  . GLU A 1 11  ? 10.04425  14.03604  1.89667   1.000 47.78000 ? 11  GLU A CA  1 
ATOM   93   C C   . GLU A 1 11  ? 9.43805   12.65959  2.03020   1.000 53.14000 ? 11  GLU A C   1 
ATOM   94   O O   . GLU A 1 11  ? 9.00540   12.31840  3.12475   1.000 63.52000 ? 11  GLU A O   1 
ATOM   95   C CB  . GLU A 1 11  ? 9.38077   14.87092  2.98163   1.000 47.81000 ? 11  GLU A CB  1 
ATOM   96   C CG  . GLU A 1 11  ? 9.84458   16.22785  3.28958   1.000 51.88000 ? 11  GLU A CG  1 
ATOM   97   C CD  . GLU A 1 11  ? 9.66398   16.45979  4.74984   1.000 52.85000 ? 11  GLU A CD  1 
ATOM   98   O OE1 . GLU A 1 11  ? 9.58916   15.44208  5.48045   1.000 48.51000 ? 11  GLU A OE1 1 
ATOM   99   O OE2 . GLU A 1 11  ? 9.61540   17.63645  5.16246   1.000 64.99000 ? 11  GLU A OE2 1 
ATOM   100  N N   . ILE A 1 12  ? 9.42185   11.83508  1.00355   1.000 50.13000 ? 12  ILE A N   1 
ATOM   101  C CA  . ILE A 1 12  ? 9.09531   10.43062  1.23682   1.000 45.60000 ? 12  ILE A CA  1 
ATOM   102  C C   . ILE A 1 12  ? 9.85112   9.65969   0.18222   1.000 46.36000 ? 12  ILE A C   1 
ATOM   103  O O   . ILE A 1 12  ? 9.76472   10.00780  -0.99348  1.000 48.44000 ? 12  ILE A O   1 
ATOM   104  C CB  . ILE A 1 12  ? 7.58361   10.11134  1.15564   1.000 44.15000 ? 12  ILE A CB  1 
ATOM   105  C CG1 . ILE A 1 12  ? 6.74567   10.68365  2.29973   1.000 39.68000 ? 12  ILE A CG1 1 
ATOM   106  C CG2 . ILE A 1 12  ? 7.41067   8.63736   1.21972   1.000 45.15000 ? 12  ILE A CG2 1 
ATOM   107  C CD1 . ILE A 1 12  ? 7.16976   10.27599  3.73056   1.000 39.26000 ? 12  ILE A CD1 1 
ATOM   108  N N   . LEU A 1 13  ? 10.59798  8.63617   0.57464   1.000 47.33000 ? 13  LEU A N   1 
ATOM   109  C CA  . LEU A 1 13  ? 11.22621  7.79050   -0.42940  1.000 49.71000 ? 13  LEU A CA  1 
ATOM   110  C C   . LEU A 1 13  ? 10.16624  6.89971   -1.06975  1.000 45.03000 ? 13  LEU A C   1 
ATOM   111  O O   . LEU A 1 13  ? 9.52729   6.09103   -0.39046  1.000 45.23000 ? 13  LEU A O   1 
ATOM   112  C CB  . LEU A 1 13  ? 12.35365  6.97127   0.18598   1.000 52.06000 ? 13  LEU A CB  1 
ATOM   113  C CG  . LEU A 1 13  ? 13.31335  6.43557   -0.88329  1.000 53.47000 ? 13  LEU A CG  1 
ATOM   114  C CD1 . LEU A 1 13  ? 13.74704  7.54636   -1.84749  1.000 53.08000 ? 13  LEU A CD1 1 
ATOM   115  C CD2 . LEU A 1 13  ? 14.52846  5.71174   -0.28047  1.000 52.00000 ? 13  LEU A CD2 1 
ATOM   116  N N   . ILE A 1 14  ? 9.95223   7.07416   -2.37085  1.000 47.21000 ? 14  ILE A N   1 
ATOM   117  C CA  . ILE A 1 14  ? 8.93402   6.34524   -3.11955  1.000 48.15000 ? 14  ILE A CA  1 
ATOM   118  C C   . ILE A 1 14  ? 9.60109   5.75958   -4.36064  1.000 50.25000 ? 14  ILE A C   1 
ATOM   119  O O   . ILE A 1 14  ? 9.95537   6.49715   -5.28956  1.000 52.88000 ? 14  ILE A O   1 
ATOM   120  C CB  . ILE A 1 14  ? 7.74500   7.23524   -3.51026  1.000 46.26000 ? 14  ILE A CB  1 
ATOM   121  C CG1 . ILE A 1 14  ? 7.07077   7.81465   -2.27108  1.000 43.34000 ? 14  ILE A CG1 1 
ATOM   122  C CG2 . ILE A 1 14  ? 6.73577   6.44587   -4.33349  1.000 44.83000 ? 14  ILE A CG2 1 
ATOM   123  C CD1 . ILE A 1 14  ? 6.10743   8.94215   -2.57311  1.000 42.62000 ? 14  ILE A CD1 1 
ATOM   124  N N   . GLU A 1 15  ? 9.75832   4.44015   -4.39350  1.000 46.98000 ? 15  GLU A N   1 
ATOM   125  C CA  . GLU A 1 15  ? 10.51692  3.79947   -5.45739  1.000 46.43000 ? 15  GLU A CA  1 
ATOM   126  C C   . GLU A 1 15  ? 9.79976   2.55135   -5.95193  1.000 46.11000 ? 15  GLU A C   1 
ATOM   127  O O   . GLU A 1 15  ? 9.66768   1.56811   -5.18957  1.000 44.81000 ? 15  GLU A O   1 
ATOM   128  C CB  . GLU A 1 15  ? 11.91955  3.46210   -4.97193  1.000 48.31000 ? 15  GLU A CB  1 
ATOM   129  C CG  . GLU A 1 15  ? 12.74158  4.68622   -4.71892  1.000 52.06000 ? 15  GLU A CG  1 
ATOM   130  C CD  . GLU A 1 15  ? 14.18052  4.34070   -4.52094  1.000 59.41000 ? 15  GLU A CD  1 
ATOM   131  O OE1 . GLU A 1 15  ? 14.45232  3.37187   -3.76741  1.000 59.10000 ? 15  GLU A OE1 1 
ATOM   132  O OE2 . GLU A 1 15  ? 15.03113  5.02443   -5.13252  1.000 65.89000 ? 15  GLU A OE2 1 
ATOM   133  N N   . PRO A 1 16  ? 9.35695   2.52581   -7.21583  1.000 44.82000 ? 16  PRO A N   1 
ATOM   134  C CA  . PRO A 1 16  ? 9.54577   3.63124   -8.16777  1.000 42.11000 ? 16  PRO A CA  1 
ATOM   135  C C   . PRO A 1 16  ? 8.48721   4.73010   -8.05019  1.000 47.38000 ? 16  PRO A C   1 
ATOM   136  O O   . PRO A 1 16  ? 7.31527   4.42400   -7.84705  1.000 53.43000 ? 16  PRO A O   1 
ATOM   137  C CB  . PRO A 1 16  ? 9.43072   2.93464   -9.52053  1.000 38.75000 ? 16  PRO A CB  1 
ATOM   138  C CG  . PRO A 1 16  ? 8.48976   1.80971   -9.27233  1.000 40.52000 ? 16  PRO A CG  1 
ATOM   139  C CD  . PRO A 1 16  ? 8.76181   1.34017   -7.85683  1.000 42.63000 ? 16  PRO A CD  1 
ATOM   140  N N   . PHE A 1 17  ? 8.86766   5.99134   -8.19640  1.000 45.45000 ? 17  PHE A N   1 
ATOM   141  C CA  . PHE A 1 17  ? 7.89883   7.06813   -8.07873  1.000 43.01000 ? 17  PHE A CA  1 
ATOM   142  C C   . PHE A 1 17  ? 7.20732   7.32377   -9.40341  1.000 45.30000 ? 17  PHE A C   1 
ATOM   143  O O   . PHE A 1 17  ? 7.84282   7.36784   -10.45854 1.000 50.02000 ? 17  PHE A O   1 
ATOM   144  C CB  . PHE A 1 17  ? 8.56190   8.35192   -7.59854  1.000 50.70000 ? 17  PHE A CB  1 
ATOM   145  C CG  . PHE A 1 17  ? 7.62432   9.51566   -7.49141  1.000 48.05000 ? 17  PHE A CG  1 
ATOM   146  C CD1 . PHE A 1 17  ? 7.38034   10.33172  -8.58496  1.000 50.15000 ? 17  PHE A CD1 1 
ATOM   147  C CD2 . PHE A 1 17  ? 7.00114   9.80251   -6.29445  1.000 43.82000 ? 17  PHE A CD2 1 
ATOM   148  C CE1 . PHE A 1 17  ? 6.52483   11.40150  -8.48299  1.000 52.12000 ? 17  PHE A CE1 1 
ATOM   149  C CE2 . PHE A 1 17  ? 6.14971   10.86711  -6.18817  1.000 45.07000 ? 17  PHE A CE2 1 
ATOM   150  C CZ  . PHE A 1 17  ? 5.90567   11.67001  -7.28195  1.000 47.96000 ? 17  PHE A CZ  1 
ATOM   151  N N   . SER A 1 18  ? 5.90290   7.54837   -9.32449  1.000 49.87000 ? 18  SER A N   1 
ATOM   152  C CA  . SER A 1 18  ? 5.04964   7.78752   -10.47691 1.000 48.15000 ? 18  SER A CA  1 
ATOM   153  C C   . SER A 1 18  ? 4.34922   9.12746   -10.31049 1.000 51.44000 ? 18  SER A C   1 
ATOM   154  O O   . SER A 1 18  ? 3.69892   9.36793   -9.28701  1.000 50.55000 ? 18  SER A O   1 
ATOM   155  C CB  . SER A 1 18  ? 4.02025   6.66785   -10.62505 1.000 45.83000 ? 18  SER A CB  1 
ATOM   156  O OG  . SER A 1 18  ? 3.04448   7.00935   -11.57886 1.000 48.64000 ? 18  SER A OG  1 
ATOM   157  N N   . GLU A 1 19  ? 4.47052   9.98886   -11.32501 1.000 55.66000 ? 19  GLU A N   1 
ATOM   158  C CA  . GLU A 1 19  ? 3.86497   11.31670  -11.25468 1.000 53.66000 ? 19  GLU A CA  1 
ATOM   159  C C   . GLU A 1 19  ? 2.34726   11.23405  -11.22106 1.000 52.09000 ? 19  GLU A C   1 
ATOM   160  O O   . GLU A 1 19  ? 1.68984   12.04064  -10.55181 1.000 52.34000 ? 19  GLU A O   1 
ATOM   161  C CB  . GLU A 1 19  ? 4.31799   12.17052  -12.44253 1.000 58.39000 ? 19  GLU A CB  1 
ATOM   162  C CG  . GLU A 1 19  ? 4.75050   13.57046  -12.04811 1.000 57.20000 ? 19  GLU A CG  1 
ATOM   163  C CD  . GLU A 1 19  ? 6.17321   13.59584  -11.48015 1.000 65.78000 ? 19  GLU A CD  1 
ATOM   164  O OE1 . GLU A 1 19  ? 7.06243   12.92593  -12.06692 1.000 61.75000 ? 19  GLU A OE1 1 
ATOM   165  O OE2 . GLU A 1 19  ? 6.40076   14.28663  -10.44693 1.000 69.52000 ? 19  GLU A OE2 1 
ATOM   166  N N   . GLU A 1 20  ? 1.76757   10.28435  -11.96015 1.000 52.85000 ? 20  GLU A N   1 
ATOM   167  C CA  . GLU A 1 20  ? 0.31691   10.14727  -11.98044 1.000 52.72000 ? 20  GLU A CA  1 
ATOM   168  C C   . GLU A 1 20  ? -0.20581  9.64549   -10.65162 1.000 47.59000 ? 20  GLU A C   1 
ATOM   169  O O   . GLU A 1 20  ? -1.39588  9.79050   -10.36514 1.000 46.44000 ? 20  GLU A O   1 
ATOM   170  C CB  . GLU A 1 20  ? -0.11169  9.19749   -13.09671 1.000 52.20000 ? 20  GLU A CB  1 
ATOM   171  C CG  . GLU A 1 20  ? 0.49095   9.54280   -14.45216 1.000 60.17000 ? 20  GLU A CG  1 
ATOM   172  C CD  . GLU A 1 20  ? 1.75096   8.72100   -14.77763 1.000 72.67000 ? 20  GLU A CD  1 
ATOM   173  O OE1 . GLU A 1 20  ? 2.58248   8.47978   -13.86211 1.000 71.21000 ? 20  GLU A OE1 1 
ATOM   174  O OE2 . GLU A 1 20  ? 1.91872   8.33108   -15.96200 1.000 76.33000 ? 20  GLU A OE2 1 
ATOM   175  N N   . SER A 1 21  ? 0.66533   9.06624   -9.83896  1.000 47.74000 ? 21  SER A N   1 
ATOM   176  C CA  . SER A 1 21  ? 0.28724   8.60980   -8.51701  1.000 45.68000 ? 21  SER A CA  1 
ATOM   177  C C   . SER A 1 21  ? 0.26038   9.73388   -7.48628  1.000 44.95000 ? 21  SER A C   1 
ATOM   178  O O   . SER A 1 21  ? -0.34760  9.57290   -6.42260  1.000 43.56000 ? 21  SER A O   1 
ATOM   179  C CB  . SER A 1 21  ? 1.24753   7.51471   -8.05700  1.000 42.58000 ? 21  SER A CB  1 
ATOM   180  O OG  . SER A 1 21  ? 0.79144   6.22577   -8.41252  1.000 45.58000 ? 21  SER A OG  1 
ATOM   181  N N   . LEU A 1 22  ? 0.88770   10.86817  -7.75743  1.000 44.32000 ? 22  LEU A N   1 
ATOM   182  C CA  . LEU A 1 22  ? 0.94982   11.91471  -6.74649  1.000 41.20000 ? 22  LEU A CA  1 
ATOM   183  C C   . LEU A 1 22  ? -0.38779  12.63915  -6.67388  1.000 41.34000 ? 22  LEU A C   1 
ATOM   184  O O   . LEU A 1 22  ? -0.87191  13.18366  -7.67307  1.000 44.84000 ? 22  LEU A O   1 
ATOM   185  C CB  . LEU A 1 22  ? 2.09063   12.88123  -7.03689  1.000 41.66000 ? 22  LEU A CB  1 
ATOM   186  C CG  . LEU A 1 22  ? 2.39604   13.86377  -5.91034  1.000 40.44000 ? 22  LEU A CG  1 
ATOM   187  C CD1 . LEU A 1 22  ? 2.52972   13.15924  -4.58824  1.000 39.17000 ? 22  LEU A CD1 1 
ATOM   188  C CD2 . LEU A 1 22  ? 3.66974   14.59552  -6.21960  1.000 43.62000 ? 22  LEU A CD2 1 
ATOM   189  N N   . GLN A 1 23  ? -0.97686  12.63794  -5.49398  1.000 38.55000 ? 23  GLN A N   1 
ATOM   190  C CA  . GLN A 1 23  ? -2.27714  13.21251  -5.23330  1.000 40.40000 ? 23  GLN A CA  1 
ATOM   191  C C   . GLN A 1 23  ? -2.13121  14.43818  -4.34223  1.000 39.67000 ? 23  GLN A C   1 
ATOM   192  O O   . GLN A 1 23  ? -1.08898  14.63712  -3.70845  1.000 38.37000 ? 23  GLN A O   1 
ATOM   193  C CB  . GLN A 1 23  ? -3.17184  12.16704  -4.55491  1.000 41.01000 ? 23  GLN A CB  1 
ATOM   194  C CG  . GLN A 1 23  ? -3.47277  10.94791  -5.43324  1.000 43.01000 ? 23  GLN A CG  1 
ATOM   195  C CD  . GLN A 1 23  ? -4.18401  11.27707  -6.73389  1.000 45.18000 ? 23  GLN A CD  1 
ATOM   196  O OE1 . GLN A 1 23  ? -4.76134  12.35636  -6.88894  1.000 51.53000 ? 23  GLN A OE1 1 
ATOM   197  N NE2 . GLN A 1 23  ? -4.13441  10.34504  -7.68351  1.000 43.02000 ? 23  GLN A NE2 1 
ATOM   198  N N   . PRO A 1 24  ? -3.15406  15.28816  -4.27896  1.000 36.67000 ? 24  PRO A N   1 
ATOM   199  C CA  . PRO A 1 24  ? -3.01185  16.56929  -3.56862  1.000 38.33000 ? 24  PRO A CA  1 
ATOM   200  C C   . PRO A 1 24  ? -2.45057  16.45328  -2.16636  1.000 38.19000 ? 24  PRO A C   1 
ATOM   201  O O   . PRO A 1 24  ? -1.77180  17.37416  -1.69145  1.000 40.03000 ? 24  PRO A O   1 
ATOM   202  C CB  . PRO A 1 24  ? -4.44718  17.10855  -3.53211  1.000 40.42000 ? 24  PRO A CB  1 
ATOM   203  C CG  . PRO A 1 24  ? -5.16504  16.42667  -4.65036  1.000 40.71000 ? 24  PRO A CG  1 
ATOM   204  C CD  . PRO A 1 24  ? -4.36176  15.24251  -5.11678  1.000 41.19000 ? 24  PRO A CD  1 
ATOM   205  N N   . ALA A 1 25  ? -2.72378  15.36529  -1.47336  1.000 34.85000 ? 25  ALA A N   1 
ATOM   206  C CA  . ALA A 1 25  ? -2.16651  15.19768  -0.14894  1.000 33.06000 ? 25  ALA A CA  1 
ATOM   207  C C   . ALA A 1 25  ? -1.82610  13.74641  0.07613   1.000 32.90000 ? 25  ALA A C   1 
ATOM   208  O O   . ALA A 1 25  ? -1.92600  13.22834  1.18820   1.000 34.07000 ? 25  ALA A O   1 
ATOM   209  C CB  . ALA A 1 25  ? -3.12276  15.71166  0.92294   1.000 32.41000 ? 25  ALA A CB  1 
ATOM   210  N N   . GLY A 1 26  ? -1.42072  13.05620  -0.97549  1.000 35.03000 ? 26  GLY A N   1 
ATOM   211  C CA  . GLY A 1 26  ? -1.12300  11.64719  -0.80594  1.000 34.88000 ? 26  GLY A CA  1 
ATOM   212  C C   . GLY A 1 26  ? -0.55529  11.08725  -2.08517  1.000 34.94000 ? 26  GLY A C   1 
ATOM   213  O O   . GLY A 1 26  ? -0.36227  11.80014  -3.07298  1.000 38.18000 ? 26  GLY A O   1 
ATOM   214  N N   . TYR A 1 27  ? -0.29582  9.78964   -2.05882  1.000 34.16000 ? 27  TYR A N   1 
ATOM   215  C CA  . TYR A 1 27  ? 0.28852   9.11061   -3.20225  1.000 37.46000 ? 27  TYR A CA  1 
ATOM   216  C C   . TYR A 1 27  ? -0.43910  7.79133   -3.42429  1.000 40.79000 ? 27  TYR A C   1 
ATOM   217  O O   . TYR A 1 27  ? -0.64939  7.01789   -2.47983  1.000 39.86000 ? 27  TYR A O   1 
ATOM   218  C CB  . TYR A 1 27  ? 1.79345   8.88212   -2.98586  1.000 41.58000 ? 27  TYR A CB  1 
ATOM   219  C CG  . TYR A 1 27  ? 2.51666   8.14498   -4.11084  1.000 40.92000 ? 27  TYR A CG  1 
ATOM   220  C CD1 . TYR A 1 27  ? 3.09066   8.83577   -5.17696  1.000 42.54000 ? 27  TYR A CD1 1 
ATOM   221  C CD2 . TYR A 1 27  ? 2.63902   6.75960   -4.09263  1.000 40.08000 ? 27  TYR A CD2 1 
ATOM   222  C CE1 . TYR A 1 27  ? 3.76634   8.16018   -6.19638  1.000 42.92000 ? 27  TYR A CE1 1 
ATOM   223  C CE2 . TYR A 1 27  ? 3.29861   6.08501   -5.10423  1.000 42.17000 ? 27  TYR A CE2 1 
ATOM   224  C CZ  . TYR A 1 27  ? 3.85637   6.78665   -6.15122  1.000 42.06000 ? 27  TYR A CZ  1 
ATOM   225  O OH  . TYR A 1 27  ? 4.50780   6.09581   -7.14402  1.000 46.07000 ? 27  TYR A OH  1 
ATOM   226  N N   . ASP A 1 28  ? -0.82427  7.55026   -4.67894  1.000 42.23000 ? 28  ASP A N   1 
ATOM   227  C CA  . ASP A 1 28  ? -1.50471  6.32493   -5.09113  1.000 38.16000 ? 28  ASP A CA  1 
ATOM   228  C C   . ASP A 1 28  ? -0.47591  5.21477   -5.21555  1.000 36.50000 ? 28  ASP A C   1 
ATOM   229  O O   . ASP A 1 28  ? 0.18279   5.06499   -6.24412  1.000 38.65000 ? 28  ASP A O   1 
ATOM   230  C CB  . ASP A 1 28  ? -2.21934  6.54381   -6.41198  1.000 39.73000 ? 28  ASP A CB  1 
ATOM   231  C CG  . ASP A 1 28  ? -3.41529  7.45536   -6.29370  1.000 40.45000 ? 28  ASP A CG  1 
ATOM   232  O OD1 . ASP A 1 28  ? -3.90135  7.67476   -5.16405  1.000 37.97000 ? 28  ASP A OD1 1 
ATOM   233  O OD2 . ASP A 1 28  ? -3.87254  7.96143   -7.34275  1.000 45.73000 ? 28  ASP A OD2 1 
ATOM   234  N N   . LEU A 1 29  ? -0.31458  4.43435   -4.15261  1.000 37.41000 ? 29  LEU A N   1 
ATOM   235  C CA  . LEU A 1 29  ? 0.48933   3.23513   -4.27226  1.000 35.83000 ? 29  LEU A CA  1 
ATOM   236  C C   . LEU A 1 29  ? -0.10076  2.35834   -5.35469  1.000 39.31000 ? 29  LEU A C   1 
ATOM   237  O O   . LEU A 1 29  ? -1.31852  2.33165   -5.57455  1.000 39.71000 ? 29  LEU A O   1 
ATOM   238  C CB  . LEU A 1 29  ? 0.52829   2.45730   -2.96144  1.000 37.59000 ? 29  LEU A CB  1 
ATOM   239  C CG  . LEU A 1 29  ? 1.07529   3.20086   -1.75466  1.000 37.54000 ? 29  LEU A CG  1 
ATOM   240  C CD1 . LEU A 1 29  ? 0.96732   2.32623   -0.53205  1.000 37.66000 ? 29  LEU A CD1 1 
ATOM   241  C CD2 . LEU A 1 29  ? 2.49355   3.58387   -2.01463  1.000 38.60000 ? 29  LEU A CD2 1 
ATOM   242  N N   . ARG A 1 30  ? 0.76388   1.62209   -6.02851  1.000 39.09000 ? 30  ARG A N   1 
ATOM   243  C CA  . ARG A 1 30  ? 0.32185   0.85624   -7.17186  1.000 37.70000 ? 30  ARG A CA  1 
ATOM   244  C C   . ARG A 1 30  ? 0.44893   -0.63210  -6.88014  1.000 39.51000 ? 30  ARG A C   1 
ATOM   245  O O   . ARG A 1 30  ? 1.13317   -1.05159  -5.94231  1.000 37.38000 ? 30  ARG A O   1 
ATOM   246  C CB  . ARG A 1 30  ? 1.10349   1.27293   -8.41502  1.000 36.06000 ? 30  ARG A CB  1 
ATOM   247  C CG  . ARG A 1 30  ? 0.69905   2.65721   -8.88454  1.000 37.37000 ? 30  ARG A CG  1 
ATOM   248  C CD  . ARG A 1 30  ? 1.60303   3.13931   -9.99389  1.000 40.12000 ? 30  ARG A CD  1 
ATOM   249  N NE  . ARG A 1 30  ? 2.93918   3.41402   -9.48791  1.000 40.11000 ? 30  ARG A NE  1 
ATOM   250  C CZ  . ARG A 1 30  ? 4.05201   3.22055   -10.17677 1.000 37.30000 ? 30  ARG A CZ  1 
ATOM   251  N NH1 . ARG A 1 30  ? 4.02684   2.72349   -11.40068 1.000 38.92000 ? 30  ARG A NH1 1 
ATOM   252  N NH2 . ARG A 1 30  ? 5.21844   3.52126   -9.61792  1.000 37.66000 ? 30  ARG A NH2 1 
ATOM   253  N N   . VAL A 1 31  ? -0.28605  -1.41787  -7.66357  1.000 39.46000 ? 31  VAL A N   1 
ATOM   254  C CA  . VAL A 1 31  ? -0.27265  -2.86653  -7.53521  1.000 36.68000 ? 31  VAL A CA  1 
ATOM   255  C C   . VAL A 1 31  ? 1.09619   -3.37724  -7.96212  1.000 41.31000 ? 31  VAL A C   1 
ATOM   256  O O   . VAL A 1 31  ? 1.56994   -3.07550  -9.06337  1.000 42.72000 ? 31  VAL A O   1 
ATOM   257  C CB  . VAL A 1 31  ? -1.40043  -3.48556  -8.36895  1.000 39.29000 ? 31  VAL A CB  1 
ATOM   258  C CG1 . VAL A 1 31  ? -1.24667  -4.97636  -8.46112  1.000 39.11000 ? 31  VAL A CG1 1 
ATOM   259  C CG2 . VAL A 1 31  ? -2.77115  -3.11546  -7.77958  1.000 37.43000 ? 31  VAL A CG2 1 
ATOM   260  N N   . GLY A 1 32  ? 1.74634   -4.13726  -7.08141  1.000 43.21000 ? 32  GLY A N   1 
ATOM   261  C CA  . GLY A 1 32  ? 3.09655   -4.61084  -7.29695  1.000 39.67000 ? 32  GLY A CA  1 
ATOM   262  C C   . GLY A 1 32  ? 3.11400   -5.95524  -7.97662  1.000 44.61000 ? 32  GLY A C   1 
ATOM   263  O O   . GLY A 1 32  ? 2.15707   -6.35146  -8.64411  1.000 49.06000 ? 32  GLY A O   1 
ATOM   264  N N   . ARG A 1 33  ? 4.22062   -6.67510  -7.79220  1.000 47.94000 ? 33  ARG A N   1 
ATOM   265  C CA  . ARG A 1 33  ? 4.46901   -7.91000  -8.52740  1.000 49.23000 ? 33  ARG A CA  1 
ATOM   266  C C   . ARG A 1 33  ? 3.95610   -9.16091  -7.82352  1.000 46.01000 ? 33  ARG A C   1 
ATOM   267  O O   . ARG A 1 33  ? 4.01402   -10.24899 -8.40511  1.000 50.55000 ? 33  ARG A O   1 
ATOM   268  C CB  . ARG A 1 33  ? 5.96655   -8.05142  -8.81849  1.000 51.13000 ? 33  ARG A CB  1 
ATOM   269  C CG  . ARG A 1 33  ? 6.89361   -7.68469  -7.68481  1.000 49.93000 ? 33  ARG A CG  1 
ATOM   270  C CD  . ARG A 1 33  ? 8.25789   -7.35173  -8.25449  1.000 57.84000 ? 33  ARG A CD  1 
ATOM   271  N NE  . ARG A 1 33  ? 8.23501   -6.05556  -8.92808  1.000 65.22000 ? 33  ARG A NE  1 
ATOM   272  C CZ  . ARG A 1 33  ? 9.26741   -5.50436  -9.55595  1.000 65.30000 ? 33  ARG A CZ  1 
ATOM   273  N NH1 . ARG A 1 33  ? 10.43125  -6.13378  -9.66665  1.000 68.10000 ? 33  ARG A NH1 1 
ATOM   274  N NH2 . ARG A 1 33  ? 9.12641   -4.29209  -10.09353 1.000 58.46000 ? 33  ARG A NH2 1 
ATOM   275  N N   . GLU A 1 34  ? 3.43508   -9.03445  -6.61181  1.000 45.59000 ? 34  GLU A N   1 
ATOM   276  C CA  . GLU A 1 34  ? 3.01959   -10.17277 -5.81033  1.000 44.95000 ? 34  GLU A CA  1 
ATOM   277  C C   . GLU A 1 34  ? 1.60917   -9.95011  -5.29596  1.000 45.22000 ? 34  GLU A C   1 
ATOM   278  O O   . GLU A 1 34  ? 1.22852   -8.82632  -4.94872  1.000 43.33000 ? 34  GLU A O   1 
ATOM   279  C CB  . GLU A 1 34  ? 3.94699   -10.37928 -4.62390  1.000 46.08000 ? 34  GLU A CB  1 
ATOM   280  C CG  . GLU A 1 34  ? 5.02668   -11.36531 -4.86756  1.000 48.36000 ? 34  GLU A CG  1 
ATOM   281  C CD  . GLU A 1 34  ? 5.90384   -11.55657 -3.65731  1.000 52.83000 ? 34  GLU A CD  1 
ATOM   282  O OE1 . GLU A 1 34  ? 5.34790   -11.80550 -2.56875  1.000 55.61000 ? 34  GLU A OE1 1 
ATOM   283  O OE2 . GLU A 1 34  ? 7.15139   -11.46598 -3.78943  1.000 62.51000 ? 34  GLU A OE2 1 
ATOM   284  N N   . ALA A 1 35  ? 0.83821   -11.02435 -5.24285  1.000 43.03000 ? 35  ALA A N   1 
ATOM   285  C CA  . ALA A 1 35  ? -0.44225  -10.97060 -4.57146  1.000 41.11000 ? 35  ALA A CA  1 
ATOM   286  C C   . ALA A 1 35  ? -0.71311  -12.33461 -3.98731  1.000 41.59000 ? 35  ALA A C   1 
ATOM   287  O O   . ALA A 1 35  ? 0.02630   -13.29290 -4.22310  1.000 45.47000 ? 35  ALA A O   1 
ATOM   288  C CB  . ALA A 1 35  ? -1.57261  -10.54602 -5.49693  1.000 41.19000 ? 35  ALA A CB  1 
ATOM   289  N N   . PHE A 1 36  ? -1.73359  -12.40525 -3.15503  1.000 39.68000 ? 36  PHE A N   1 
ATOM   290  C CA  . PHE A 1 36  ? -2.10524  -13.64808 -2.53382  1.000 38.30000 ? 36  PHE A CA  1 
ATOM   291  C C   . PHE A 1 36  ? -3.59607  -13.74033 -2.57780  1.000 41.73000 ? 36  PHE A C   1 
ATOM   292  O O   . PHE A 1 36  ? -4.28363  -13.04769 -1.84916  1.000 44.31000 ? 36  PHE A O   1 
ATOM   293  C CB  . PHE A 1 36  ? -1.64567  -13.69212 -1.11180  1.000 37.97000 ? 36  PHE A CB  1 
ATOM   294  C CG  . PHE A 1 36  ? -1.86992  -15.00008 -0.45035  1.000 43.23000 ? 36  PHE A CG  1 
ATOM   295  C CD1 . PHE A 1 36  ? -1.13187  -16.10253 -0.81709  1.000 43.85000 ? 36  PHE A CD1 1 
ATOM   296  C CD2 . PHE A 1 36  ? -2.81317  -15.12424 0.54613   1.000 41.16000 ? 36  PHE A CD2 1 
ATOM   297  C CE1 . PHE A 1 36  ? -1.32626  -17.31231 -0.19963  1.000 44.07000 ? 36  PHE A CE1 1 
ATOM   298  C CE2 . PHE A 1 36  ? -3.01656  -16.33072 1.16818   1.000 44.99000 ? 36  PHE A CE2 1 
ATOM   299  C CZ  . PHE A 1 36  ? -2.27127  -17.42723 0.79523   1.000 45.78000 ? 36  PHE A CZ  1 
ATOM   300  N N   . VAL A 1 37  ? -4.09592  -14.59285 -3.44602  1.000 45.09000 ? 37  VAL A N   1 
ATOM   301  C CA  . VAL A 1 37  ? -5.51735  -14.74502 -3.61635  1.000 43.68000 ? 37  VAL A CA  1 
ATOM   302  C C   . VAL A 1 37  ? -5.89124  -16.19771 -3.51343  1.000 46.52000 ? 37  VAL A C   1 
ATOM   303  O O   . VAL A 1 37  ? -5.30520  -17.04863 -4.15953  1.000 49.61000 ? 37  VAL A O   1 
ATOM   304  C CB  . VAL A 1 37  ? -5.97739  -14.19807 -4.96972  1.000 42.30000 ? 37  VAL A CB  1 
ATOM   305  C CG1 . VAL A 1 37  ? -7.40512  -14.61381 -5.25873  1.000 46.27000 ? 37  VAL A CG1 1 
ATOM   306  C CG2 . VAL A 1 37  ? -5.82036  -12.69420 -5.02946  1.000 41.24000 ? 37  VAL A CG2 1 
ATOM   307  N N   . LYS A 1 38  ? -6.84854  -16.48097 -2.66506  1.000 47.32000 ? 38  LYS A N   1 
ATOM   308  C CA  . LYS A 1 38  ? -7.31551  -17.83799 -2.48483  1.000 50.19000 ? 38  LYS A CA  1 
ATOM   309  C C   . LYS A 1 38  ? -6.19701  -18.80362 -2.20353  1.000 49.63000 ? 38  LYS A C   1 
ATOM   310  O O   . LYS A 1 38  ? -6.01996  -19.77869 -2.91118  1.000 52.49000 ? 38  LYS A O   1 
ATOM   311  C CB  . LYS A 1 38  ? -8.15973  -18.25820 -3.67921  1.000 52.96000 ? 38  LYS A CB  1 
ATOM   312  C CG  . LYS A 1 38  ? -9.47852  -17.51232 -3.75067  1.000 53.38000 ? 38  LYS A CG  1 
ATOM   313  C CD  . LYS A 1 38  ? -10.45554 -18.18222 -4.69572  1.000 55.29000 ? 38  LYS A CD  1 
ATOM   314  C CE  . LYS A 1 38  ? -9.85616  -18.35281 -6.07966  1.000 58.08000 ? 38  LYS A CE  1 
ATOM   315  N NZ  . LYS A 1 38  ? -10.43538 -19.53677 -6.77060  1.000 49.49000 ? 38  LYS A NZ  1 
ATOM   316  N N   . GLY A 1 39  ? -5.44834  -18.53114 -1.15684  1.000 49.68000 ? 39  GLY A N   1 
ATOM   317  C CA  . GLY A 1 39  ? -4.40793  -19.43551 -0.74561  1.000 45.93000 ? 39  GLY A CA  1 
ATOM   318  C C   . GLY A 1 39  ? -3.24883  -19.58986 -1.66423  1.000 47.21000 ? 39  GLY A C   1 
ATOM   319  O O   . GLY A 1 39  ? -2.39615  -20.41995 -1.44243  1.000 48.47000 ? 39  GLY A O   1 
ATOM   320  N N   . LYS A 1 40  ? -3.21825  -18.79827 -2.70910  1.000 46.39000 ? 40  LYS A N   1 
ATOM   321  C CA  . LYS A 1 40  ? -2.14454  -18.97712 -3.67287  1.000 47.15000 ? 40  LYS A CA  1 
ATOM   322  C C   . LYS A 1 40  ? -1.40401  -17.66666 -3.85493  1.000 44.17000 ? 40  LYS A C   1 
ATOM   323  O O   . LYS A 1 40  ? -2.01622  -16.59944 -3.85362  1.000 46.90000 ? 40  LYS A O   1 
ATOM   324  C CB  . LYS A 1 40  ? -2.68350  -19.48524 -5.03150  1.000 50.32000 ? 40  LYS A CB  1 
ATOM   325  C CG  . LYS A 1 40  ? -3.30473  -20.90883 -4.99345  1.000 53.79000 ? 40  LYS A CG  1 
ATOM   326  C CD  . LYS A 1 40  ? -3.38857  -21.55432 -6.39635  1.000 60.69000 ? 40  LYS A CD  1 
ATOM   327  C CE  . LYS A 1 40  ? -4.21681  -22.84996 -6.42449  1.000 59.91000 ? 40  LYS A CE  1 
ATOM   328  N NZ  . LYS A 1 40  ? -4.02847  -23.68997 -5.20386  1.000 64.44000 ? 40  LYS A NZ  1 
ATOM   329  N N   . LEU A 1 41  ? -0.08810  -17.74138 -3.99643  1.000 42.01000 ? 41  LEU A N   1 
ATOM   330  C CA  . LEU A 1 41  ? 0.66769   -16.55580 -4.35674  1.000 41.94000 ? 41  LEU A CA  1 
ATOM   331  C C   . LEU A 1 41  ? 0.56739   -16.30583 -5.85504  1.000 46.12000 ? 41  LEU A C   1 
ATOM   332  O O   . LEU A 1 41  ? 0.63093   -17.23828 -6.66162  1.000 48.03000 ? 41  LEU A O   1 
ATOM   333  C CB  . LEU A 1 41  ? 2.12374   -16.70727 -3.94709  1.000 42.54000 ? 41  LEU A CB  1 
ATOM   334  C CG  . LEU A 1 41  ? 2.50611   -16.16438 -2.58042  1.000 41.33000 ? 41  LEU A CG  1 
ATOM   335  C CD1 . LEU A 1 41  ? 3.88617   -16.66525 -2.29556  1.000 45.50000 ? 41  LEU A CD1 1 
ATOM   336  C CD2 . LEU A 1 41  ? 2.48924   -14.64931 -2.60116  1.000 39.27000 ? 41  LEU A CD2 1 
ATOM   337  N N   . ILE A 1 42  ? 0.39536   -15.04230 -6.22751  1.000 44.74000 ? 42  ILE A N   1 
ATOM   338  C CA  . ILE A 1 42  ? 0.25802   -14.64293 -7.62029  1.000 43.50000 ? 42  ILE A CA  1 
ATOM   339  C C   . ILE A 1 42  ? 1.47838   -13.83860 -8.00817  1.000 45.97000 ? 42  ILE A C   1 
ATOM   340  O O   . ILE A 1 42  ? 1.88990   -12.93478 -7.27313  1.000 49.44000 ? 42  ILE A O   1 
ATOM   341  C CB  . ILE A 1 42  ? -1.00932  -13.81114 -7.85753  1.000 45.86000 ? 42  ILE A CB  1 
ATOM   342  C CG1 . ILE A 1 42  ? -2.20271  -14.45333 -7.14945  1.000 45.63000 ? 42  ILE A CG1 1 
ATOM   343  C CG2 . ILE A 1 42  ? -1.21837  -13.57627 -9.35203  1.000 45.15000 ? 42  ILE A CG2 1 
ATOM   344  C CD1 . ILE A 1 42  ? -2.51388  -15.82801 -7.63418  1.000 47.49000 ? 42  ILE A CD1 1 
ATOM   345  N N   . ASP A 1 43  ? 2.06101   -14.16977 -9.15423  1.000 47.13000 ? 43  ASP A N   1 
ATOM   346  C CA  . ASP A 1 43  ? 3.04466   -13.29380 -9.76945  1.000 47.53000 ? 43  ASP A CA  1 
ATOM   347  C C   . ASP A 1 43  ? 2.23176   -12.28511 -10.55499 1.000 49.25000 ? 43  ASP A C   1 
ATOM   348  O O   . ASP A 1 43  ? 1.82548   -12.51515 -11.69607 1.000 51.22000 ? 43  ASP A O   1 
ATOM   349  C CB  . ASP A 1 43  ? 4.02000   -14.06624 -10.64324 1.000 49.90000 ? 43  ASP A CB  1 
ATOM   350  C CG  . ASP A 1 43  ? 5.17151   -13.20061 -11.14442 1.000 55.25000 ? 43  ASP A CG  1 
ATOM   351  O OD1 . ASP A 1 43  ? 4.98549   -11.97305 -11.34658 1.000 53.18000 ? 43  ASP A OD1 1 
ATOM   352  O OD2 . ASP A 1 43  ? 6.28143   -13.75438 -11.32228 1.000 61.23000 ? 43  ASP A OD2 1 
ATOM   353  N N   . VAL A 1 44  ? 1.96376   -11.15422 -9.91418  1.000 46.55000 ? 44  VAL A N   1 
ATOM   354  C CA  . VAL A 1 44  ? 1.16571   -10.14757 -10.58247 1.000 45.53000 ? 44  VAL A CA  1 
ATOM   355  C C   . VAL A 1 44  ? 1.95045   -9.49446  -11.70087 1.000 46.98000 ? 44  VAL A C   1 
ATOM   356  O O   . VAL A 1 44  ? 1.36187   -9.02392  -12.67901 1.000 50.91000 ? 44  VAL A O   1 
ATOM   357  C CB  . VAL A 1 44  ? 0.66011   -9.13302  -9.55624  1.000 43.36000 ? 44  VAL A CB  1 
ATOM   358  C CG1 . VAL A 1 44  ? -0.16603  -8.07614  -10.23736 1.000 43.31000 ? 44  VAL A CG1 1 
ATOM   359  C CG2 . VAL A 1 44  ? -0.16678  -9.86806  -8.54611  1.000 42.94000 ? 44  VAL A CG2 1 
ATOM   360  N N   . GLU A 1 45  ? 3.27820   -9.46153  -11.60948 1.000 47.37000 ? 45  GLU A N   1 
ATOM   361  C CA  . GLU A 1 45  ? 4.03669   -8.96358  -12.75010 1.000 49.93000 ? 45  GLU A CA  1 
ATOM   362  C C   . GLU A 1 45  ? 3.85154   -9.87989  -13.95306 1.000 49.06000 ? 45  GLU A C   1 
ATOM   363  O O   . GLU A 1 45  ? 3.49514   -9.42828  -15.04968 1.000 45.26000 ? 45  GLU A O   1 
ATOM   364  C CB  . GLU A 1 45  ? 5.51478   -8.82679  -12.40408 1.000 53.53000 ? 45  GLU A CB  1 
ATOM   365  C CG  . GLU A 1 45  ? 6.22535   -7.82169  -13.31859 1.000 53.90000 ? 45  GLU A CG  1 
ATOM   366  C CD  . GLU A 1 45  ? 7.72674   -7.77175  -13.10913 1.000 59.47000 ? 45  GLU A CD  1 
ATOM   367  O OE1 . GLU A 1 45  ? 8.20586   -8.23952  -12.05067 1.000 64.30000 ? 45  GLU A OE1 1 
ATOM   368  O OE2 . GLU A 1 45  ? 8.43063   -7.28059  -14.01801 1.000 61.90000 ? 45  GLU A OE2 1 
ATOM   369  N N   . LYS A 1 46  ? 4.06593   -11.17994 -13.75678 1.000 50.22000 ? 46  LYS A N   1 
ATOM   370  C CA  . LYS A 1 46  ? 3.85728   -12.13330 -14.83493 1.000 49.23000 ? 46  LYS A CA  1 
ATOM   371  C C   . LYS A 1 46  ? 2.42112   -12.08225 -15.33297 1.000 51.24000 ? 46  LYS A C   1 
ATOM   372  O O   . LYS A 1 46  ? 2.17044   -11.76547 -16.49747 1.000 58.05000 ? 46  LYS A O   1 
ATOM   373  C CB  . LYS A 1 46  ? 4.21873   -13.54160 -14.36855 1.000 53.68000 ? 46  LYS A CB  1 
ATOM   374  C CG  . LYS A 1 46  ? 4.10842   -14.58151 -15.46692 1.000 58.08000 ? 46  LYS A CG  1 
ATOM   375  C CD  . LYS A 1 46  ? 3.65336   -15.92453 -14.91607 1.000 61.88000 ? 46  LYS A CD  1 
ATOM   376  C CE  . LYS A 1 46  ? 4.61704   -17.03256 -15.30333 1.000 66.83000 ? 46  LYS A CE  1 
ATOM   377  N NZ  . LYS A 1 46  ? 4.43486   -17.43660 -16.72662 1.000 70.64000 ? 46  LYS A NZ  1 
ATOM   378  N N   . GLU A 1 47  ? 1.45847   -12.37689 -14.45771 1.000 52.36000 ? 47  GLU A N   1 
ATOM   379  C CA  . GLU A 1 47  ? 0.06455   -12.42400 -14.89002 1.000 48.54000 ? 47  GLU A CA  1 
ATOM   380  C C   . GLU A 1 47  ? -0.40649  -11.10796 -15.47117 1.000 47.50000 ? 47  GLU A C   1 
ATOM   381  O O   . GLU A 1 47  ? -1.38920  -11.09081 -16.21800 1.000 51.00000 ? 47  GLU A O   1 
ATOM   382  C CB  . GLU A 1 47  ? -0.83934  -12.82250 -13.72421 1.000 50.15000 ? 47  GLU A CB  1 
ATOM   383  C CG  . GLU A 1 47  ? -0.55858  -14.22482 -13.23035 1.000 53.21000 ? 47  GLU A CG  1 
ATOM   384  C CD  . GLU A 1 47  ? -0.46876  -15.21443 -14.38763 1.000 61.73000 ? 47  GLU A CD  1 
ATOM   385  O OE1 . GLU A 1 47  ? -1.42604  -15.26717 -15.19479 1.000 68.13000 ? 47  GLU A OE1 1 
ATOM   386  O OE2 . GLU A 1 47  ? 0.56164   -15.91969 -14.51159 1.000 60.30000 ? 47  GLU A OE2 1 
ATOM   387  N N   . GLY A 1 48  ? 0.28053   -10.01163 -15.16201 1.000 52.01000 ? 48  GLY A N   1 
ATOM   388  C CA  . GLY A 1 48  ? -0.15130  -8.69107  -15.55721 1.000 50.00000 ? 48  GLY A CA  1 
ATOM   389  C C   . GLY A 1 48  ? -1.23847  -8.09732  -14.69046 1.000 49.06000 ? 48  GLY A C   1 
ATOM   390  O O   . GLY A 1 48  ? -1.63686  -6.94476  -14.92155 1.000 49.72000 ? 48  GLY A O   1 
ATOM   391  N N   . LYS A 1 49  ? -1.71467  -8.82824  -13.68752 1.000 46.27000 ? 49  LYS A N   1 
ATOM   392  C CA  . LYS A 1 49  ? -2.93961  -8.41590  -13.02974 1.000 45.36000 ? 49  LYS A CA  1 
ATOM   393  C C   . LYS A 1 49  ? -3.17192  -9.29544  -11.82162 1.000 43.80000 ? 49  LYS A C   1 
ATOM   394  O O   . LYS A 1 49  ? -2.63870  -10.40212 -11.72194 1.000 45.04000 ? 49  LYS A O   1 
ATOM   395  C CB  . LYS A 1 49  ? -4.12896  -8.49312  -13.99723 1.000 48.14000 ? 49  LYS A CB  1 
ATOM   396  C CG  . LYS A 1 49  ? -4.10376  -7.49131  -15.17423 1.000 48.81000 ? 49  LYS A CG  1 
ATOM   397  C CD  . LYS A 1 49  ? -5.33783  -7.68754  -16.08484 1.000 46.95000 ? 49  LYS A CD  1 
ATOM   398  C CE  . LYS A 1 49  ? -5.30282  -6.67039  -17.22688 1.000 59.22000 ? 49  LYS A CE  1 
ATOM   399  N NZ  . LYS A 1 49  ? -6.41287  -6.73879  -18.21062 1.000 54.52000 ? 49  LYS A NZ  1 
ATOM   400  N N   . VAL A 1 50  ? -3.96891  -8.78017  -10.89962 1.000 43.63000 ? 50  VAL A N   1 
ATOM   401  C CA  . VAL A 1 50  ? -4.52737  -9.58316  -9.82585  1.000 42.55000 ? 50  VAL A CA  1 
ATOM   402  C C   . VAL A 1 50  ? -6.03542  -9.49184  -9.94694  1.000 45.53000 ? 50  VAL A C   1 
ATOM   403  O O   . VAL A 1 50  ? -6.58263  -8.42057  -10.22928 1.000 46.34000 ? 50  VAL A O   1 
ATOM   404  C CB  . VAL A 1 50  ? -4.06402  -9.13044  -8.42717  1.000 41.50000 ? 50  VAL A CB  1 
ATOM   405  C CG1 . VAL A 1 50  ? -4.42778  -7.66523  -8.17452  1.000 38.10000 ? 50  VAL A CG1 1 
ATOM   406  C CG2 . VAL A 1 50  ? -4.68406  -10.02315 -7.37396  1.000 39.90000 ? 50  VAL A CG2 1 
ATOM   407  N N   . VAL A 1 51  ? -6.70321  -10.62181 -9.77305  1.000 48.32000 ? 51  VAL A N   1 
ATOM   408  C CA  . VAL A 1 51  ? -8.15323  -10.67342 -9.80248  1.000 46.90000 ? 51  VAL A CA  1 
ATOM   409  C C   . VAL A 1 51  ? -8.61406  -11.06408 -8.41021  1.000 46.40000 ? 51  VAL A C   1 
ATOM   410  O O   . VAL A 1 51  ? -8.32955  -12.17025 -7.93831  1.000 47.57000 ? 51  VAL A O   1 
ATOM   411  C CB  . VAL A 1 51  ? -8.65752  -11.66412 -10.85772 1.000 48.32000 ? 51  VAL A CB  1 
ATOM   412  C CG1 . VAL A 1 51  ? -10.11244 -12.01361 -10.60076 1.000 46.14000 ? 51  VAL A CG1 1 
ATOM   413  C CG2 . VAL A 1 51  ? -8.47372  -11.07127 -12.24164 1.000 51.11000 ? 51  VAL A CG2 1 
ATOM   414  N N   . ILE A 1 52  ? -9.31879  -10.14078 -7.74636  1.000 45.24000 ? 52  ILE A N   1 
ATOM   415  C CA  . ILE A 1 52  ? -9.90926  -10.41499 -6.43918  1.000 45.69000 ? 52  ILE A CA  1 
ATOM   416  C C   . ILE A 1 52  ? -11.28680 -10.99067 -6.66772  1.000 42.18000 ? 52  ILE A C   1 
ATOM   417  O O   . ILE A 1 52  ? -12.19749 -10.27657 -7.12041  1.000 44.07000 ? 52  ILE A O   1 
ATOM   418  C CB  . ILE A 1 52  ? -9.97316  -9.14915  -5.56640  1.000 43.18000 ? 52  ILE A CB  1 
ATOM   419  C CG1 . ILE A 1 52  ? -8.64105  -8.41287  -5.61008  1.000 38.44000 ? 52  ILE A CG1 1 
ATOM   420  C CG2 . ILE A 1 52  ? -10.31516 -9.53574  -4.11690  1.000 40.06000 ? 52  ILE A CG2 1 
ATOM   421  C CD1 . ILE A 1 52  ? -8.72385  -7.07325  -4.96334  1.000 38.72000 ? 52  ILE A CD1 1 
ATOM   422  N N   . PRO A 1 53  ? -11.50948 -12.27699 -6.37853  1.000 40.22000 ? 53  PRO A N   1 
ATOM   423  C CA  . PRO A 1 53  ? -12.77763 -12.89880 -6.66892  1.000 41.76000 ? 53  PRO A CA  1 
ATOM   424  C C   . PRO A 1 53  ? -13.87420 -12.26927 -5.84310  1.000 44.10000 ? 53  PRO A C   1 
ATOM   425  O O   . PRO A 1 53  ? -13.59652 -11.67907 -4.78771  1.000 43.93000 ? 53  PRO A O   1 
ATOM   426  C CB  . PRO A 1 53  ? -12.54728 -14.36300 -6.26671  1.000 43.16000 ? 53  PRO A CB  1 
ATOM   427  C CG  . PRO A 1 53  ? -11.07682 -14.53141 -6.24912  1.000 43.57000 ? 53  PRO A CG  1 
ATOM   428  C CD  . PRO A 1 53  ? -10.55428 -13.22647 -5.78644  1.000 43.21000 ? 53  PRO A CD  1 
ATOM   429  N N   . PRO A 1 54  ? -15.12135 -12.34176 -6.30140  1.000 46.31000 ? 54  PRO A N   1 
ATOM   430  C CA  . PRO A 1 54  ? -16.23965 -11.88285 -5.47472  1.000 41.87000 ? 54  PRO A CA  1 
ATOM   431  C C   . PRO A 1 54  ? -16.10441 -12.41808 -4.05592  1.000 41.85000 ? 54  PRO A C   1 
ATOM   432  O O   . PRO A 1 54  ? -15.79621 -13.59254 -3.83748  1.000 42.35000 ? 54  PRO A O   1 
ATOM   433  C CB  . PRO A 1 54  ? -17.46197 -12.46496 -6.18278  1.000 39.30000 ? 54  PRO A CB  1 
ATOM   434  C CG  . PRO A 1 54  ? -17.03226 -12.59587 -7.60310  1.000 42.64000 ? 54  PRO A CG  1 
ATOM   435  C CD  . PRO A 1 54  ? -15.55933 -12.84342 -7.61859  1.000 40.90000 ? 54  PRO A CD  1 
ATOM   436  N N   . ARG A 1 55  ? -16.27145 -11.52369 -3.08937  1.000 40.65000 ? 55  ARG A N   1 
ATOM   437  C CA  . ARG A 1 55  ? -16.35742 -11.87197 -1.68339  1.000 39.22000 ? 55  ARG A CA  1 
ATOM   438  C C   . ARG A 1 55  ? -15.10007 -12.53513 -1.15822  1.000 44.04000 ? 55  ARG A C   1 
ATOM   439  O O   . ARG A 1 55  ? -15.14957 -13.24530 -0.14789  1.000 50.14000 ? 55  ARG A O   1 
ATOM   440  C CB  . ARG A 1 55  ? -17.58324 -12.73835 -1.43356  1.000 38.26000 ? 55  ARG A CB  1 
ATOM   441  C CG  . ARG A 1 55  ? -18.76700 -11.94924 -1.82185  1.000 40.64000 ? 55  ARG A CG  1 
ATOM   442  C CD  . ARG A 1 55  ? -20.05854 -12.54521 -1.42976  1.000 47.42000 ? 55  ARG A CD  1 
ATOM   443  N NE  . ARG A 1 55  ? -21.09042 -11.56446 -1.73711  1.000 52.22000 ? 55  ARG A NE  1 
ATOM   444  C CZ  . ARG A 1 55  ? -21.30002 -10.46262 -1.02624  1.000 53.05000 ? 55  ARG A CZ  1 
ATOM   445  N NH1 . ARG A 1 55  ? -20.54682 -10.15562 0.02406   1.000 52.89000 ? 55  ARG A NH1 1 
ATOM   446  N NH2 . ARG A 1 55  ? -22.27695 -9.63809  -1.38668  1.000 55.77000 ? 55  ARG A NH2 1 
ATOM   447  N N   . GLU A 1 56  ? -13.96753 -12.30453 -1.80186  1.000 41.47000 ? 56  GLU A N   1 
ATOM   448  C CA  . GLU A 1 56  ? -12.69440 -12.76459 -1.28971  1.000 42.13000 ? 56  GLU A CA  1 
ATOM   449  C C   . GLU A 1 56  ? -11.82831 -11.55658 -0.98491  1.000 38.53000 ? 56  GLU A C   1 
ATOM   450  O O   . GLU A 1 56  ? -12.08576 -10.45350 -1.46124  1.000 41.42000 ? 56  GLU A O   1 
ATOM   451  C CB  . GLU A 1 56  ? -12.00069 -13.67725 -2.30185  1.000 45.66000 ? 56  GLU A CB  1 
ATOM   452  C CG  . GLU A 1 56  ? -12.81664 -14.89540 -2.73453  1.000 48.65000 ? 56  GLU A CG  1 
ATOM   453  C CD  . GLU A 1 56  ? -12.61984 -16.10848 -1.82572  1.000 56.77000 ? 56  GLU A CD  1 
ATOM   454  O OE1 . GLU A 1 56  ? -11.66283 -16.11654 -1.00187  1.000 56.34000 ? 56  GLU A OE1 1 
ATOM   455  O OE2 . GLU A 1 56  ? -13.42581 -17.06547 -1.95223  1.000 62.26000 ? 56  GLU A OE2 1 
ATOM   456  N N   . TYR A 1 57  ? -10.78642 -11.76939 -0.19917  1.000 41.05000 ? 57  TYR A N   1 
ATOM   457  C CA  . TYR A 1 57  ? -9.76958  -10.74753 -0.02389  1.000 40.84000 ? 57  TYR A CA  1 
ATOM   458  C C   . TYR A 1 57  ? -8.46203  -11.17571 -0.68780  1.000 40.08000 ? 57  TYR A C   1 
ATOM   459  O O   . TYR A 1 57  ? -8.17528  -12.36715 -0.84106  1.000 40.47000 ? 57  TYR A O   1 
ATOM   460  C CB  . TYR A 1 57  ? -9.54212  -10.45395 1.45836   1.000 38.71000 ? 57  TYR A CB  1 
ATOM   461  C CG  . TYR A 1 57  ? -8.76557  -11.52148 2.16236   1.000 38.06000 ? 57  TYR A CG  1 
ATOM   462  C CD1 . TYR A 1 57  ? -9.41047  -12.59586 2.73589   1.000 38.73000 ? 57  TYR A CD1 1 
ATOM   463  C CD2 . TYR A 1 57  ? -7.38328  -11.46338 2.23971   1.000 36.10000 ? 57  TYR A CD2 1 
ATOM   464  C CE1 . TYR A 1 57  ? -8.70665  -13.58203 3.36395   1.000 39.15000 ? 57  TYR A CE1 1 
ATOM   465  C CE2 . TYR A 1 57  ? -6.67495  -12.44318 2.86769   1.000 37.48000 ? 57  TYR A CE2 1 
ATOM   466  C CZ  . TYR A 1 57  ? -7.34465  -13.50106 3.42950   1.000 38.18000 ? 57  TYR A CZ  1 
ATOM   467  O OH  . TYR A 1 57  ? -6.63560  -14.48305 4.06090   1.000 40.04000 ? 57  TYR A OH  1 
ATOM   468  N N   . ALA A 1 58  ? -7.67475  -10.18595 -1.09211  1.000 37.92000 ? 58  ALA A N   1 
ATOM   469  C CA  . ALA A 1 58  ? -6.32712  -10.39410 -1.59863  1.000 36.28000 ? 58  ALA A CA  1 
ATOM   470  C C   . ALA A 1 58  ? -5.33002  -9.65977  -0.72271  1.000 37.35000 ? 58  ALA A C   1 
ATOM   471  O O   . ALA A 1 58  ? -5.63550  -8.61483  -0.14808  1.000 39.45000 ? 58  ALA A O   1 
ATOM   472  C CB  . ALA A 1 58  ? -6.16095  -9.88288  -3.02471  1.000 37.07000 ? 58  ALA A CB  1 
ATOM   473  N N   . LEU A 1 59  ? -4.13324  -10.21699 -0.61507  1.000 40.95000 ? 59  LEU A N   1 
ATOM   474  C CA  . LEU A 1 59  ? -2.97884  -9.48598  -0.11122  1.000 38.98000 ? 59  LEU A CA  1 
ATOM   475  C C   . LEU A 1 59  ? -2.19206  -9.04842  -1.33039  1.000 37.52000 ? 59  LEU A C   1 
ATOM   476  O O   . LEU A 1 59  ? -1.82216  -9.88547  -2.15653  1.000 41.64000 ? 59  LEU A O   1 
ATOM   477  C CB  . LEU A 1 59  ? -2.11775  -10.34693 0.81062   1.000 38.14000 ? 59  LEU A CB  1 
ATOM   478  C CG  . LEU A 1 59  ? -2.86899  -10.95938 1.98021   1.000 36.23000 ? 59  LEU A CG  1 
ATOM   479  C CD1 . LEU A 1 59  ? -1.92228  -11.72020 2.87597   1.000 37.94000 ? 59  LEU A CD1 1 
ATOM   480  C CD2 . LEU A 1 59  ? -3.58932  -9.86352  2.75465   1.000 37.90000 ? 59  LEU A CD2 1 
ATOM   481  N N   . ILE A 1 60  ? -1.98096  -7.74588  -1.46930  1.000 37.27000 ? 60  ILE A N   1 
ATOM   482  C CA  . ILE A 1 60  ? -1.32604  -7.19251  -2.64569  1.000 38.36000 ? 60  ILE A CA  1 
ATOM   483  C C   . ILE A 1 60  ? -0.07381  -6.45521  -2.19725  1.000 41.37000 ? 60  ILE A C   1 
ATOM   484  O O   . ILE A 1 60  ? -0.13117  -5.57155  -1.33079  1.000 40.22000 ? 60  ILE A O   1 
ATOM   485  C CB  . ILE A 1 60  ? -2.25470  -6.27062  -3.44353  1.000 37.86000 ? 60  ILE A CB  1 
ATOM   486  C CG1 . ILE A 1 60  ? -3.48397  -7.03534  -3.91348  1.000 34.59000 ? 60  ILE A CG1 1 
ATOM   487  C CG2 . ILE A 1 60  ? -1.53191  -5.69180  -4.64507  1.000 36.55000 ? 60  ILE A CG2 1 
ATOM   488  C CD1 . ILE A 1 60  ? -4.51091  -6.12960  -4.52642  1.000 31.34000 ? 60  ILE A CD1 1 
ATOM   489  N N   . LEU A 1 61  ? 1.05656   -6.84820  -2.76487  1.000 44.44000 ? 61  LEU A N   1 
ATOM   490  C CA  . LEU A 1 61  ? 2.30829   -6.15024  -2.53515  1.000 42.11000 ? 61  LEU A CA  1 
ATOM   491  C C   . LEU A 1 61  ? 2.29918   -4.83319  -3.28718  1.000 40.41000 ? 61  LEU A C   1 
ATOM   492  O O   . LEU A 1 61  ? 1.94380   -4.79309  -4.46713  1.000 42.18000 ? 61  LEU A O   1 
ATOM   493  C CB  . LEU A 1 61  ? 3.46363   -7.01670  -3.01702  1.000 42.38000 ? 61  LEU A CB  1 
ATOM   494  C CG  . LEU A 1 61  ? 4.84740   -6.56025  -2.64095  1.000 42.67000 ? 61  LEU A CG  1 
ATOM   495  C CD1 . LEU A 1 61  ? 4.96025   -6.44392  -1.11101  1.000 39.90000 ? 61  LEU A CD1 1 
ATOM   496  C CD2 . LEU A 1 61  ? 5.77492   -7.59913  -3.17873  1.000 44.11000 ? 61  LEU A CD2 1 
ATOM   497  N N   . THR A 1 62  ? 2.69101   -3.75058  -2.62477  1.000 39.51000 ? 62  THR A N   1 
ATOM   498  C CA  . THR A 1 62  ? 2.78353   -2.49240  -3.34867  1.000 40.54000 ? 62  THR A CA  1 
ATOM   499  C C   . THR A 1 62  ? 3.94852   -2.54959  -4.33117  1.000 42.74000 ? 62  THR A C   1 
ATOM   500  O O   . THR A 1 62  ? 4.96851   -3.20269  -4.06972  1.000 43.01000 ? 62  THR A O   1 
ATOM   501  C CB  . THR A 1 62  ? 2.94242   -1.31688  -2.38627  1.000 38.16000 ? 62  THR A CB  1 
ATOM   502  O OG1 . THR A 1 62  ? 4.09513   -1.52288  -1.56357  1.000 37.71000 ? 62  THR A OG1 1 
ATOM   503  C CG2 . THR A 1 62  ? 1.68835   -1.17499  -1.51041  1.000 35.50000 ? 62  THR A CG2 1 
ATOM   504  N N   . LEU A 1 63  ? 3.82694   -1.87449  -5.45354  1.000 41.33000 ? 63  LEU A N   1 
ATOM   505  C CA  . LEU A 1 63  ? 4.92800   -1.81241  -6.38133  1.000 40.01000 ? 63  LEU A CA  1 
ATOM   506  C C   . LEU A 1 63  ? 5.95889   -0.93786  -5.76254  1.000 42.35000 ? 63  LEU A C   1 
ATOM   507  O O   . LEU A 1 63  ? 7.14816   -1.14759  -5.90838  1.000 43.87000 ? 63  LEU A O   1 
ATOM   508  C CB  . LEU A 1 63  ? 4.49021   -1.19618  -7.69090  1.000 39.12000 ? 63  LEU A CB  1 
ATOM   509  C CG  . LEU A 1 63  ? 5.60090   -0.93303  -8.69871  1.000 37.76000 ? 63  LEU A CG  1 
ATOM   510  C CD1 . LEU A 1 63  ? 6.06576   -2.24107  -9.31092  1.000 39.01000 ? 63  LEU A CD1 1 
ATOM   511  C CD2 . LEU A 1 63  ? 5.11621   0.02499   -9.76605  1.000 36.17000 ? 63  LEU A CD2 1 
ATOM   512  N N   . GLU A 1 64  ? 5.49609   0.03741   -5.02375  1.000 42.26000 ? 64  GLU A N   1 
ATOM   513  C CA  . GLU A 1 64  ? 6.41874   0.98196   -4.47868  1.000 41.58000 ? 64  GLU A CA  1 
ATOM   514  C C   . GLU A 1 64  ? 7.02886   0.54549   -3.19543  1.000 40.38000 ? 64  GLU A C   1 
ATOM   515  O O   . GLU A 1 64  ? 6.36937   -0.04237  -2.35810  1.000 41.59000 ? 64  GLU A O   1 
ATOM   516  C CB  . GLU A 1 64  ? 5.71610   2.32111   -4.27837  1.000 40.25000 ? 64  GLU A CB  1 
ATOM   517  C CG  . GLU A 1 64  ? 5.44476   3.08185   -5.55663  1.000 42.05000 ? 64  GLU A CG  1 
ATOM   518  C CD  . GLU A 1 64  ? 4.08427   2.78080   -6.13054  1.000 39.57000 ? 64  GLU A CD  1 
ATOM   519  O OE1 . GLU A 1 64  ? 3.47841   1.77065   -5.73671  1.000 42.49000 ? 64  GLU A OE1 1 
ATOM   520  O OE2 . GLU A 1 64  ? 3.62186   3.55340   -6.98058  1.000 41.96000 ? 64  GLU A OE2 1 
ATOM   521  N N   . ARG A 1 65  ? 8.31845   0.78500   -3.06608  1.000 43.36000 ? 65  ARG A N   1 
ATOM   522  C CA  . ARG A 1 65  ? 8.94959   0.54165   -1.80539  1.000 40.74000 ? 65  ARG A CA  1 
ATOM   523  C C   . ARG A 1 65  ? 8.82333   1.90421   -1.18632  1.000 43.09000 ? 65  ARG A C   1 
ATOM   524  O O   . ARG A 1 65  ? 9.12933   2.90267   -1.80959  1.000 42.41000 ? 65  ARG A O   1 
ATOM   525  C CB  . ARG A 1 65  ? 10.38555  0.08276   -1.92685  1.000 43.70000 ? 65  ARG A CB  1 
ATOM   526  C CG  . ARG A 1 65  ? 10.97244  -0.42241  -0.62657  1.000 43.44000 ? 65  ARG A CG  1 
ATOM   527  C CD  . ARG A 1 65  ? 12.48623  -0.41335  -0.66497  1.000 48.60000 ? 65  ARG A CD  1 
ATOM   528  N NE  . ARG A 1 65  ? 13.04467  0.57838   0.24326   1.000 54.11000 ? 65  ARG A NE  1 
ATOM   529  C CZ  . ARG A 1 65  ? 13.75169  1.63223   -0.14410  1.000 55.20000 ? 65  ARG A CZ  1 
ATOM   530  N NH1 . ARG A 1 65  ? 13.99190  1.83863   -1.42851  1.000 54.91000 ? 65  ARG A NH1 1 
ATOM   531  N NH2 . ARG A 1 65  ? 14.22143  2.47982   0.75360   1.000 53.30000 ? 65  ARG A NH2 1 
ATOM   532  N N   . ILE A 1 66  ? 8.34883   1.95024   0.02554   1.000 43.87000 ? 66  ILE A N   1 
ATOM   533  C CA  . ILE A 1 66  ? 8.06653   3.19401   0.71710   1.000 41.63000 ? 66  ILE A CA  1 
ATOM   534  C C   . ILE A 1 66  ? 9.00787   3.25866   1.90406   1.000 41.63000 ? 66  ILE A C   1 
ATOM   535  O O   . ILE A 1 66  ? 9.15350   2.26974   2.63259   1.000 42.19000 ? 66  ILE A O   1 
ATOM   536  C CB  . ILE A 1 66  ? 6.58474   3.26847   1.13279   1.000 41.97000 ? 66  ILE A CB  1 
ATOM   537  C CG1 . ILE A 1 66  ? 5.72164   3.42883   -0.11541  1.000 42.23000 ? 66  ILE A CG1 1 
ATOM   538  C CG2 . ILE A 1 66  ? 6.30787   4.40420   2.06112   1.000 38.08000 ? 66  ILE A CG2 1 
ATOM   539  C CD1 . ILE A 1 66  ? 5.68641   4.82954   -0.64984  1.000 41.18000 ? 66  ILE A CD1 1 
ATOM   540  N N   . LYS A 1 67  ? 9.71287   4.38182   2.04208   1.000 43.30000 ? 67  LYS A N   1 
ATOM   541  C CA  . LYS A 1 67  ? 10.55715  4.63761   3.20191   1.000 44.88000 ? 67  LYS A CA  1 
ATOM   542  C C   . LYS A 1 67  ? 10.04988  5.90882   3.85793   1.000 45.01000 ? 67  LYS A C   1 
ATOM   543  O O   . LYS A 1 67  ? 10.01591  6.97384   3.22697   1.000 44.54000 ? 67  LYS A O   1 
ATOM   544  C CB  . LYS A 1 67  ? 12.04150  4.76428   2.83905   1.000 46.05000 ? 67  LYS A CB  1 
ATOM   545  C CG  . LYS A 1 67  ? 12.96489  4.71990   4.06612   1.000 46.82000 ? 67  LYS A CG  1 
ATOM   546  C CD  . LYS A 1 67  ? 14.37248  5.27634   3.78727   1.000 51.82000 ? 67  LYS A CD  1 
ATOM   547  C CE  . LYS A 1 67  ? 14.33083  6.69797   3.20909   1.000 57.89000 ? 67  LYS A CE  1 
ATOM   548  N NZ  . LYS A 1 67  ? 14.65138  7.78519   4.19800   1.000 57.99000 ? 67  LYS A NZ  1 
ATOM   549  N N   . LEU A 1 68  ? 9.63047   5.78348   5.09909   1.000 44.09000 ? 68  LEU A N   1 
ATOM   550  C CA  . LEU A 1 68  ? 9.15665   6.88942   5.90138   1.000 42.69000 ? 68  LEU A CA  1 
ATOM   551  C C   . LEU A 1 68  ? 10.27367  7.42035   6.77248   1.000 43.19000 ? 68  LEU A C   1 
ATOM   552  O O   . LEU A 1 68  ? 11.07611  6.63789   7.29857   1.000 44.21000 ? 68  LEU A O   1 
ATOM   553  C CB  . LEU A 1 68  ? 7.99570   6.44964   6.79138   1.000 43.02000 ? 68  LEU A CB  1 
ATOM   554  C CG  . LEU A 1 68  ? 6.59224   6.75437   6.27552   1.000 41.95000 ? 68  LEU A CG  1 
ATOM   555  C CD1 . LEU A 1 68  ? 6.45806   6.28225   4.86817   1.000 44.60000 ? 68  LEU A CD1 1 
ATOM   556  C CD2 . LEU A 1 68  ? 5.57317   6.05262   7.15163   1.000 41.45000 ? 68  LEU A CD2 1 
ATOM   557  N N   . PRO A 1 69  ? 10.33091  8.74371   6.89067   1.000 40.85000 ? 69  PRO A N   1 
ATOM   558  C CA  . PRO A 1 69  ? 11.12751  9.36330   7.95308   1.000 40.57000 ? 69  PRO A CA  1 
ATOM   559  C C   . PRO A 1 69  ? 10.62085  8.96576   9.33302   1.000 40.16000 ? 69  PRO A C   1 
ATOM   560  O O   . PRO A 1 69  ? 9.49976   8.48201   9.50616   1.000 41.79000 ? 69  PRO A O   1 
ATOM   561  C CB  . PRO A 1 69  ? 10.93842  10.86312  7.71800   1.000 40.83000 ? 69  PRO A CB  1 
ATOM   562  C CG  . PRO A 1 69  ? 9.84385   10.97590  6.76780   1.000 41.16000 ? 69  PRO A CG  1 
ATOM   563  C CD  . PRO A 1 69  ? 9.74845   9.72991   5.98123   1.000 40.22000 ? 69  PRO A CD  1 
ATOM   564  N N   . ASP A 1 70  ? 11.45826  9.20601   10.34249  1.000 41.34000 ? 70  ASP A N   1 
ATOM   565  C CA  . ASP A 1 70  ? 11.07152  8.79869   11.68485  1.000 39.29000 ? 70  ASP A CA  1 
ATOM   566  C C   . ASP A 1 70  ? 9.97094   9.65658   12.25884  1.000 37.43000 ? 70  ASP A C   1 
ATOM   567  O O   . ASP A 1 70  ? 9.44231   9.31611   13.31725  1.000 37.07000 ? 70  ASP A O   1 
ATOM   568  C CB  . ASP A 1 70  ? 12.26687  8.84312   12.62041  1.000 43.86000 ? 70  ASP A CB  1 
ATOM   569  C CG  . ASP A 1 70  ? 13.41388  7.97863   12.13716  1.000 50.69000 ? 70  ASP A CG  1 
ATOM   570  O OD1 . ASP A 1 70  ? 13.15776  6.95765   11.45064  1.000 50.86000 ? 70  ASP A OD1 1 
ATOM   571  O OD2 . ASP A 1 70  ? 14.57632  8.32023   12.44575  1.000 56.17000 ? 70  ASP A OD2 1 
ATOM   572  N N   . ASP A 1 71  ? 9.62049   10.75646  11.60020  1.000 38.05000 ? 71  ASP A N   1 
ATOM   573  C CA  . ASP A 1 71  ? 8.58933   11.65098  12.09417  1.000 38.80000 ? 71  ASP A CA  1 
ATOM   574  C C   . ASP A 1 71  ? 7.36429   11.68378  11.19003  1.000 37.46000 ? 71  ASP A C   1 
ATOM   575  O O   . ASP A 1 71  ? 6.62618   12.66651  11.18908  1.000 39.77000 ? 71  ASP A O   1 
ATOM   576  C CB  . ASP A 1 71  ? 9.16367   13.05422  12.26937  1.000 41.16000 ? 71  ASP A CB  1 
ATOM   577  C CG  . ASP A 1 71  ? 9.44762   13.73161  10.95572  1.000 42.43000 ? 71  ASP A CG  1 
ATOM   578  O OD1 . ASP A 1 71  ? 9.85387   13.02900  10.00771  1.000 43.12000 ? 71  ASP A OD1 1 
ATOM   579  O OD2 . ASP A 1 71  ? 9.25038   14.96680  10.86785  1.000 44.94000 ? 71  ASP A OD2 1 
ATOM   580  N N   . VAL A 1 72  ? 7.12260   10.63662  10.41585  1.000 37.82000 ? 72  VAL A N   1 
ATOM   581  C CA  . VAL A 1 72  ? 6.01028   10.63104  9.47693   1.000 36.28000 ? 72  VAL A CA  1 
ATOM   582  C C   . VAL A 1 72  ? 5.28566   9.29618   9.58298   1.000 40.69000 ? 72  VAL A C   1 
ATOM   583  O O   . VAL A 1 72  ? 5.91976   8.23194   9.56993   1.000 38.61000 ? 72  VAL A O   1 
ATOM   584  C CB  . VAL A 1 72  ? 6.47590   10.90141  8.03350   1.000 36.48000 ? 72  VAL A CB  1 
ATOM   585  C CG1 . VAL A 1 72  ? 5.43342   10.44692  7.04304   1.000 34.97000 ? 72  VAL A CG1 1 
ATOM   586  C CG2 . VAL A 1 72  ? 6.75058   12.38054  7.84930   1.000 35.89000 ? 72  VAL A CG2 1 
ATOM   587  N N   . MET A 1 73  ? 3.96162   9.36505   9.72537   1.000 39.07000 ? 73  MET A N   1 
ATOM   588  C CA  . MET A 1 73  ? 3.07469   8.21316   9.70102   1.000 37.73000 ? 73  MET A CA  1 
ATOM   589  C C   . MET A 1 73  ? 2.40684   8.09053   8.33762   1.000 37.50000 ? 73  MET A C   1 
ATOM   590  O O   . MET A 1 73  ? 1.96575   9.09382   7.76191   1.000 34.90000 ? 73  MET A O   1 
ATOM   591  C CB  . MET A 1 73  ? 2.01531   8.35400   10.77753  1.000 35.94000 ? 73  MET A CB  1 
ATOM   592  C CG  . MET A 1 73  ? 0.99817   7.25919   10.81122  1.000 32.54000 ? 73  MET A CG  1 
ATOM   593  S SD  . MET A 1 73  ? 1.63395   5.78301   11.61996  1.000 35.56000 ? 73  MET A SD  1 
ATOM   594  C CE  . MET A 1 73  ? 0.70382   5.86626   13.14168  1.000 32.60000 ? 73  MET A CE  1 
ATOM   595  N N   . GLY A 1 74  ? 2.35819   6.85472   7.81889   1.000 36.71000 ? 74  GLY A N   1 
ATOM   596  C CA  . GLY A 1 74  ? 1.67741   6.53248   6.57546   1.000 35.12000 ? 74  GLY A CA  1 
ATOM   597  C C   . GLY A 1 74  ? 0.23475   6.12277   6.80706   1.000 34.52000 ? 74  GLY A C   1 
ATOM   598  O O   . GLY A 1 74  ? -0.04318  5.12712   7.48592   1.000 36.35000 ? 74  GLY A O   1 
ATOM   599  N N   . ASP A 1 75  ? -0.69669  6.89306   6.25169   1.000 32.66000 ? 75  ASP A N   1 
ATOM   600  C CA  . ASP A 1 75  ? -2.12379  6.71555   6.49832   1.000 33.88000 ? 75  ASP A CA  1 
ATOM   601  C C   . ASP A 1 75  ? -2.80627  6.36624   5.18350   1.000 34.53000 ? 75  ASP A C   1 
ATOM   602  O O   . ASP A 1 75  ? -2.94865  7.21977   4.29796   1.000 33.18000 ? 75  ASP A O   1 
ATOM   603  C CB  . ASP A 1 75  ? -2.72210  7.97247   7.11428   1.000 33.47000 ? 75  ASP A CB  1 
ATOM   604  C CG  . ASP A 1 75  ? -4.04436  7.71204   7.75084   1.000 32.54000 ? 75  ASP A CG  1 
ATOM   605  O OD1 . ASP A 1 75  ? -4.60214  6.61498   7.50535   1.000 32.90000 ? 75  ASP A OD1 1 
ATOM   606  O OD2 . ASP A 1 75  ? -4.50900  8.59758   8.50362   1.000 35.60000 ? 75  ASP A OD2 1 
ATOM   607  N N   . MET A 1 76  ? -3.26568  5.12940   5.08053   1.000 33.19000 ? 76  MET A N   1 
ATOM   608  C CA  . MET A 1 76  ? -3.61664  4.52661   3.81222   1.000 30.33000 ? 76  MET A CA  1 
ATOM   609  C C   . MET A 1 76  ? -5.12254  4.39438   3.69022   1.000 33.78000 ? 76  MET A C   1 
ATOM   610  O O   . MET A 1 76  ? -5.80894  4.02985   4.65168   1.000 34.10000 ? 76  MET A O   1 
ATOM   611  C CB  . MET A 1 76  ? -2.96038  3.16540   3.71485   1.000 34.68000 ? 76  MET A CB  1 
ATOM   612  C CG  . MET A 1 76  ? -1.48475  3.22908   3.49569   1.000 31.29000 ? 76  MET A CG  1 
ATOM   613  S SD  . MET A 1 76  ? -0.98231  1.64215   2.85488   1.000 35.02000 ? 76  MET A SD  1 
ATOM   614  C CE  . MET A 1 76  ? -0.96474  0.70910   4.40654   1.000 30.48000 ? 76  MET A CE  1 
ATOM   615  N N   . LYS A 1 77  ? -5.63108  4.71601   2.50776   1.000 32.21000 ? 77  LYS A N   1 
ATOM   616  C CA  . LYS A 1 77  ? -7.03243  4.52387   2.19997   1.000 30.62000 ? 77  LYS A CA  1 
ATOM   617  C C   . LYS A 1 77  ? -7.13305  4.01806   0.77072   1.000 32.04000 ? 77  LYS A C   1 
ATOM   618  O O   . LYS A 1 77  ? -6.30982  4.35342   -0.07932  1.000 35.07000 ? 77  LYS A O   1 
ATOM   619  C CB  . LYS A 1 77  ? -7.83861  5.81133   2.38598   1.000 31.37000 ? 77  LYS A CB  1 
ATOM   620  C CG  . LYS A 1 77  ? -8.07275  6.19221   3.83003   1.000 29.46000 ? 77  LYS A CG  1 
ATOM   621  C CD  . LYS A 1 77  ? -9.24232  7.14074   3.95768   1.000 31.26000 ? 77  LYS A CD  1 
ATOM   622  C CE  . LYS A 1 77  ? -9.61971  7.34737   5.38745   1.000 30.80000 ? 77  LYS A CE  1 
ATOM   623  N NZ  . LYS A 1 77  ? -8.46855  7.99320   6.02841   1.000 34.35000 ? 77  LYS A NZ  1 
ATOM   624  N N   . ILE A 1 78  ? -8.12656  3.17002   0.53165   1.000 36.26000 ? 78  ILE A N   1 
ATOM   625  C CA  . ILE A 1 78  ? -8.44361  2.61450   -0.77960  1.000 34.56000 ? 78  ILE A CA  1 
ATOM   626  C C   . ILE A 1 78  ? -8.65347  3.77040   -1.74862  1.000 35.67000 ? 78  ILE A C   1 
ATOM   627  O O   . ILE A 1 78  ? -9.08108  4.85747   -1.34456  1.000 37.86000 ? 78  ILE A O   1 
ATOM   628  C CB  . ILE A 1 78  ? -9.69638  1.71441   -0.69721  1.000 33.51000 ? 78  ILE A CB  1 
ATOM   629  C CG1 . ILE A 1 78  ? -9.78505  0.76920   -1.88892  1.000 34.43000 ? 78  ILE A CG1 1 
ATOM   630  C CG2 . ILE A 1 78  ? -10.96032 2.53311   -0.65573  1.000 34.24000 ? 78  ILE A CG2 1 
ATOM   631  C CD1 . ILE A 1 78  ? -9.07676  -0.47700  -1.67756  1.000 35.33000 ? 78  ILE A CD1 1 
ATOM   632  N N   . ARG A 1 79  ? -8.31082  3.57648   -3.01671  1.000 35.79000 ? 79  ARG A N   1 
ATOM   633  C CA  . ARG A 1 79  ? -8.72137  4.53830   -4.02230  1.000 36.91000 ? 79  ARG A CA  1 
ATOM   634  C C   . ARG A 1 79  ? -10.23870 4.58917   -4.06908  1.000 39.36000 ? 79  ARG A C   1 
ATOM   635  O O   . ARG A 1 79  ? -10.90825 3.55204   -3.98422  1.000 39.03000 ? 79  ARG A O   1 
ATOM   636  C CB  . ARG A 1 79  ? -8.16591  4.15239   -5.38228  1.000 41.26000 ? 79  ARG A CB  1 
ATOM   637  C CG  . ARG A 1 79  ? -6.91334  4.88221   -5.71174  1.000 43.12000 ? 79  ARG A CG  1 
ATOM   638  C CD  . ARG A 1 79  ? -6.55219  4.65181   -7.13900  1.000 48.57000 ? 79  ARG A CD  1 
ATOM   639  N NE  . ARG A 1 79  ? -7.51922  5.22005   -8.06260  1.000 48.99000 ? 79  ARG A NE  1 
ATOM   640  C CZ  . ARG A 1 79  ? -7.71155  4.76524   -9.29106  1.000 48.76000 ? 79  ARG A CZ  1 
ATOM   641  N NH1 . ARG A 1 79  ? -7.12523  3.65730   -9.72513  1.000 47.16000 ? 79  ARG A NH1 1 
ATOM   642  N NH2 . ARG A 1 79  ? -8.52191  5.43040   -10.10531 1.000 54.35000 ? 79  ARG A NH2 1 
ATOM   643  N N   . SER A 1 80  ? -10.77905 5.81056   -4.18738  1.000 39.30000 ? 80  SER A N   1 
ATOM   644  C CA  . SER A 1 80  ? -12.22354 5.99536   -4.09229  1.000 34.94000 ? 80  SER A CA  1 
ATOM   645  C C   . SER A 1 80  ? -12.93089 5.04462   -5.01174  1.000 34.97000 ? 80  SER A C   1 
ATOM   646  O O   . SER A 1 80  ? -13.92768 4.42126   -4.64583  1.000 38.96000 ? 80  SER A O   1 
ATOM   647  C CB  . SER A 1 80  ? -12.60813 7.43492   -4.43667  1.000 39.18000 ? 80  SER A CB  1 
ATOM   648  O OG  . SER A 1 80  ? -12.62811 7.63138   -5.83986  1.000 42.52000 ? 80  SER A OG  1 
ATOM   649  N N   . SER A 1 81  ? -12.38496 4.87030   -6.19178  1.000 38.84000 ? 81  SER A N   1 
ATOM   650  C CA  . SER A 1 81  ? -13.07358 4.10490   -7.20324  1.000 40.61000 ? 81  SER A CA  1 
ATOM   651  C C   . SER A 1 81  ? -13.13849 2.62633   -6.85970  1.000 39.83000 ? 81  SER A C   1 
ATOM   652  O O   . SER A 1 81  ? -14.09341 1.94866   -7.25542  1.000 42.35000 ? 81  SER A O   1 
ATOM   653  C CB  . SER A 1 81  ? -12.34766 4.31016   -8.49760  1.000 46.77000 ? 81  SER A CB  1 
ATOM   654  O OG  . SER A 1 81  ? -11.22835 3.44834   -8.49657  1.000 51.28000 ? 81  SER A OG  1 
ATOM   655  N N   . LEU A 1 82  ? -12.13583 2.10364   -6.14343  1.000 40.72000 ? 82  LEU A N   1 
ATOM   656  C CA  . LEU A 1 82  ? -12.21726 0.72318   -5.67011  1.000 35.80000 ? 82  LEU A CA  1 
ATOM   657  C C   . LEU A 1 82  ? -13.24791 0.58521   -4.55797  1.000 34.57000 ? 82  LEU A C   1 
ATOM   658  O O   . LEU A 1 82  ? -13.96333 -0.41924  -4.48702  1.000 38.47000 ? 82  LEU A O   1 
ATOM   659  C CB  . LEU A 1 82  ? -10.85112 0.24249   -5.19363  1.000 36.90000 ? 82  LEU A CB  1 
ATOM   660  C CG  . LEU A 1 82  ? -9.82655  -0.06186  -6.27806  1.000 36.01000 ? 82  LEU A CG  1 
ATOM   661  C CD1 . LEU A 1 82  ? -8.57422  -0.54168  -5.62562  1.000 36.28000 ? 82  LEU A CD1 1 
ATOM   662  C CD2 . LEU A 1 82  ? -10.35027 -1.09770  -7.24436  1.000 38.64000 ? 82  LEU A CD2 1 
ATOM   663  N N   . ALA A 1 83  ? -13.33399 1.57658   -3.67705  1.000 34.32000 ? 83  ALA A N   1 
ATOM   664  C CA  . ALA A 1 83  ? -14.45466 1.62626   -2.74755  1.000 36.37000 ? 83  ALA A CA  1 
ATOM   665  C C   . ALA A 1 83  ? -15.78791 1.57449   -3.49684  1.000 38.13000 ? 83  ALA A C   1 
ATOM   666  O O   . ALA A 1 83  ? -16.67507 0.78157   -3.15958  1.000 38.39000 ? 83  ALA A O   1 
ATOM   667  C CB  . ALA A 1 83  ? -14.35431 2.88759   -1.88960  1.000 34.31000 ? 83  ALA A CB  1 
ATOM   668  N N   . ARG A 1 84  ? -15.93652 2.40637   -4.53446  1.000 40.53000 ? 84  ARG A N   1 
ATOM   669  C CA  . ARG A 1 84  ? -17.15586 2.42129   -5.33572  1.000 34.13000 ? 84  ARG A CA  1 
ATOM   670  C C   . ARG A 1 84  ? -17.38405 1.10270   -6.04821  1.000 38.07000 ? 84  ARG A C   1 
ATOM   671  O O   . ARG A 1 84  ? -18.49772 0.85855   -6.52983  1.000 41.29000 ? 84  ARG A O   1 
ATOM   672  C CB  . ARG A 1 84  ? -17.11055 3.55130   -6.36902  1.000 34.24000 ? 84  ARG A CB  1 
ATOM   673  C CG  . ARG A 1 84  ? -16.76656 4.91460   -5.79435  1.000 37.62000 ? 84  ARG A CG  1 
ATOM   674  C CD  . ARG A 1 84  ? -16.34642 5.91794   -6.85817  1.000 38.01000 ? 84  ARG A CD  1 
ATOM   675  N NE  . ARG A 1 84  ? -15.61202 7.03246   -6.27001  1.000 37.91000 ? 84  ARG A NE  1 
ATOM   676  C CZ  . ARG A 1 84  ? -16.14638 8.21162   -5.98228  1.000 39.24000 ? 84  ARG A CZ  1 
ATOM   677  N NH1 . ARG A 1 84  ? -17.42677 8.46014   -6.20517  1.000 40.48000 ? 84  ARG A NH1 1 
ATOM   678  N NH2 . ARG A 1 84  ? -15.38259 9.16063   -5.44401  1.000 39.65000 ? 84  ARG A NH2 1 
ATOM   679  N N   . GLU A 1 85  ? -16.36136 0.25678   -6.14453  1.000 36.49000 ? 85  GLU A N   1 
ATOM   680  C CA  . GLU A 1 85  ? -16.51022 -1.05077  -6.76569  1.000 35.93000 ? 85  GLU A CA  1 
ATOM   681  C C   . GLU A 1 85  ? -16.79863 -2.15324  -5.75997  1.000 41.13000 ? 85  GLU A C   1 
ATOM   682  O O   . GLU A 1 85  ? -16.85466 -3.32510  -6.15106  1.000 45.08000 ? 85  GLU A O   1 
ATOM   683  C CB  . GLU A 1 85  ? -15.26038 -1.40638  -7.56493  1.000 36.95000 ? 85  GLU A CB  1 
ATOM   684  C CG  . GLU A 1 85  ? -15.13309 -0.57331  -8.80360  1.000 39.04000 ? 85  GLU A CG  1 
ATOM   685  C CD  . GLU A 1 85  ? -13.84188 -0.77777  -9.53634  1.000 40.20000 ? 85  GLU A CD  1 
ATOM   686  O OE1 . GLU A 1 85  ? -13.37919 -1.93910  -9.63177  1.000 43.69000 ? 85  GLU A OE1 1 
ATOM   687  O OE2 . GLU A 1 85  ? -13.29852 0.23283   -10.03055 1.000 42.26000 ? 85  GLU A OE2 1 
ATOM   688  N N   . GLY A 1 86  ? -16.99146 -1.81173  -4.48991  1.000 38.58000 ? 86  GLY A N   1 
ATOM   689  C CA  . GLY A 1 86  ? -17.27554 -2.79292  -3.47204  1.000 36.58000 ? 86  GLY A CA  1 
ATOM   690  C C   . GLY A 1 86  ? -16.06420 -3.31311  -2.74237  1.000 37.17000 ? 86  GLY A C   1 
ATOM   691  O O   . GLY A 1 86  ? -16.18676 -4.28485  -1.98839  1.000 40.91000 ? 86  GLY A O   1 
ATOM   692  N N   . VAL A 1 87  ? -14.90176 -2.70225  -2.93345  1.000 37.11000 ? 87  VAL A N   1 
ATOM   693  C CA  . VAL A 1 87  ? -13.65812 -3.18515  -2.34872  1.000 38.55000 ? 87  VAL A CA  1 
ATOM   694  C C   . VAL A 1 87  ? -13.43656 -2.46587  -1.03333  1.000 34.91000 ? 87  VAL A C   1 
ATOM   695  O O   . VAL A 1 87  ? -13.57336 -1.23955  -0.96262  1.000 36.06000 ? 87  VAL A O   1 
ATOM   696  C CB  . VAL A 1 87  ? -12.47166 -2.96210  -3.29808  1.000 36.62000 ? 87  VAL A CB  1 
ATOM   697  C CG1 . VAL A 1 87  ? -11.18406 -3.36409  -2.62104  1.000 33.16000 ? 87  VAL A CG1 1 
ATOM   698  C CG2 . VAL A 1 87  ? -12.69048 -3.73043  -4.59107  1.000 35.67000 ? 87  VAL A CG2 1 
ATOM   699  N N   . ILE A 1 88  ? -13.12520 -3.22709  0.01101   1.000 35.30000 ? 88  ILE A N   1 
ATOM   700  C CA  . ILE A 1 88  ? -12.78697 -2.68259  1.31660   1.000 31.36000 ? 88  ILE A CA  1 
ATOM   701  C C   . ILE A 1 88  ? -11.31902 -2.92627  1.54594   1.000 32.62000 ? 88  ILE A C   1 
ATOM   702  O O   . ILE A 1 88  ? -10.86023 -4.06974  1.45224   1.000 35.08000 ? 88  ILE A O   1 
ATOM   703  C CB  . ILE A 1 88  ? -13.58437 -3.34433  2.44472   1.000 30.30000 ? 88  ILE A CB  1 
ATOM   704  C CG1 . ILE A 1 88  ? -15.05972 -3.36760  2.08045   1.000 33.55000 ? 88  ILE A CG1 1 
ATOM   705  C CG2 . ILE A 1 88  ? -13.35265 -2.59374  3.71807   1.000 29.64000 ? 88  ILE A CG2 1 
ATOM   706  C CD1 . ILE A 1 88  ? -15.88819 -4.26989  2.93552   1.000 33.89000 ? 88  ILE A CD1 1 
ATOM   707  N N   . GLY A 1 89  ? -10.58473 -1.86342  1.84860   1.000 33.15000 ? 89  GLY A N   1 
ATOM   708  C CA  . GLY A 1 89  ? -9.23294  -2.02756  2.32876   1.000 32.69000 ? 89  GLY A CA  1 
ATOM   709  C C   . GLY A 1 89  ? -9.21909  -2.27930  3.82769   1.000 30.47000 ? 89  GLY A C   1 
ATOM   710  O O   . GLY A 1 89  ? -10.03129 -1.74587  4.57440   1.000 37.93000 ? 89  GLY A O   1 
ATOM   711  N N   . SER A 1 90  ? -8.30793  -3.13690  4.25856   1.000 32.18000 ? 90  SER A N   1 
ATOM   712  C CA  . SER A 1 90  ? -7.99273  -3.31047  5.67500   1.000 33.95000 ? 90  SER A CA  1 
ATOM   713  C C   . SER A 1 90  ? -6.51107  -3.00123  5.81778   1.000 33.80000 ? 90  SER A C   1 
ATOM   714  O O   . SER A 1 90  ? -5.65555  -3.86220  5.58895   1.000 35.80000 ? 90  SER A O   1 
ATOM   715  C CB  . SER A 1 90  ? -8.30856  -4.71183  6.17681   1.000 33.48000 ? 90  SER A CB  1 
ATOM   716  O OG  . SER A 1 90  ? -8.04573  -4.79328  7.56906   1.000 33.03000 ? 90  SER A OG  1 
ATOM   717  N N   . PHE A 1 91  ? -6.20349  -1.77081  6.17400   1.000 32.39000 ? 91  PHE A N   1 
ATOM   718  C CA  . PHE A 1 91  ? -4.82424  -1.33638  6.20670   1.000 32.06000 ? 91  PHE A CA  1 
ATOM   719  C C   . PHE A 1 91  ? -4.39232  -1.06073  7.63017   1.000 30.99000 ? 91  PHE A C   1 
ATOM   720  O O   . PHE A 1 91  ? -5.18326  -0.61661  8.47286   1.000 32.30000 ? 91  PHE A O   1 
ATOM   721  C CB  . PHE A 1 91  ? -4.63575  -0.08214  5.36273   1.000 34.78000 ? 91  PHE A CB  1 
ATOM   722  C CG  . PHE A 1 91  ? -5.22465  -0.20083  4.01074   1.000 31.67000 ? 91  PHE A CG  1 
ATOM   723  C CD1 . PHE A 1 91  ? -4.80236  -1.20197  3.15741   1.000 31.72000 ? 91  PHE A CD1 1 
ATOM   724  C CD2 . PHE A 1 91  ? -6.24464  0.64215   3.61382   1.000 34.42000 ? 91  PHE A CD2 1 
ATOM   725  C CE1 . PHE A 1 91  ? -5.35185  -1.33262  1.90911   1.000 33.89000 ? 91  PHE A CE1 1 
ATOM   726  C CE2 . PHE A 1 91  ? -6.80761  0.51391   2.37047   1.000 32.27000 ? 91  PHE A CE2 1 
ATOM   727  C CZ  . PHE A 1 91  ? -6.35487  -0.47095  1.50890   1.000 33.63000 ? 91  PHE A CZ  1 
ATOM   728  N N   . ALA A 1 92  ? -3.12932  -1.34376  7.88346   1.000 32.65000 ? 92  ALA A N   1 
ATOM   729  C CA  . ALA A 1 92  ? -2.51343  -0.94925  9.12801   1.000 31.11000 ? 92  ALA A CA  1 
ATOM   730  C C   . ALA A 1 92  ? -1.89517  0.42697   8.98302   1.000 32.61000 ? 92  ALA A C   1 
ATOM   731  O O   . ALA A 1 92  ? -1.84219  1.01512   7.89819   1.000 32.94000 ? 92  ALA A O   1 
ATOM   732  C CB  . ALA A 1 92  ? -1.44376  -1.94309  9.54364   1.000 33.46000 ? 92  ALA A CB  1 
ATOM   733  N N   . TRP A 1 93  ? -1.44320  0.94976   10.11250  1.000 33.27000 ? 93  TRP A N   1 
ATOM   734  C CA  . TRP A 1 93  ? -0.55959  2.09238   10.07867  1.000 32.03000 ? 93  TRP A CA  1 
ATOM   735  C C   . TRP A 1 93  ? 0.73363   1.71362   9.36870   1.000 33.54000 ? 93  TRP A C   1 
ATOM   736  O O   . TRP A 1 93  ? 1.22447   0.58753   9.48970   1.000 35.63000 ? 93  TRP A O   1 
ATOM   737  C CB  . TRP A 1 93  ? -0.29397  2.56251   11.50221  1.000 31.74000 ? 93  TRP A CB  1 
ATOM   738  C CG  . TRP A 1 93  ? -1.48555  3.24832   12.10850  1.000 28.48000 ? 93  TRP A CG  1 
ATOM   739  C CD1 . TRP A 1 93  ? -2.26799  2.80262   13.13844  1.000 30.50000 ? 93  TRP A CD1 1 
ATOM   740  C CD2 . TRP A 1 93  ? -2.03241  4.49746   11.70398  1.000 31.70000 ? 93  TRP A CD2 1 
ATOM   741  N NE1 . TRP A 1 93  ? -3.26009  3.70764   13.40544  1.000 29.96000 ? 93  TRP A NE1 1 
ATOM   742  C CE2 . TRP A 1 93  ? -3.13312  4.76199   12.53613  1.000 31.71000 ? 93  TRP A CE2 1 
ATOM   743  C CE3 . TRP A 1 93  ? -1.69545  5.42471   10.71447  1.000 31.12000 ? 93  TRP A CE3 1 
ATOM   744  C CZ2 . TRP A 1 93  ? -3.88827  5.91691   12.41565  1.000 33.44000 ? 93  TRP A CZ2 1 
ATOM   745  C CZ3 . TRP A 1 93  ? -2.44205  6.56835   10.60251  1.000 31.56000 ? 93  TRP A CZ3 1 
ATOM   746  C CH2 . TRP A 1 93  ? -3.52723  6.80596   11.44399  1.000 31.92000 ? 93  TRP A CH2 1 
ATOM   747  N N   . VAL A 1 94  ? 1.24818   2.64840   8.57195   1.000 36.89000 ? 94  VAL A N   1 
ATOM   748  C CA  . VAL A 1 94  ? 2.59286   2.56618   8.01597   1.000 33.13000 ? 94  VAL A CA  1 
ATOM   749  C C   . VAL A 1 94  ? 3.48317   3.32278   8.98737   1.000 35.36000 ? 94  VAL A C   1 
ATOM   750  O O   . VAL A 1 94  ? 3.57215   4.54971   8.92276   1.000 36.98000 ? 94  VAL A O   1 
ATOM   751  C CB  . VAL A 1 94  ? 2.66318   3.17078   6.61922   1.000 34.40000 ? 94  VAL A CB  1 
ATOM   752  C CG1 . VAL A 1 94  ? 4.00514   2.90291   6.00807   1.000 34.11000 ? 94  VAL A CG1 1 
ATOM   753  C CG2 . VAL A 1 94  ? 1.54978   2.62738   5.77008   1.000 31.94000 ? 94  VAL A CG2 1 
ATOM   754  N N   . ASP A 1 95  ? 4.13692   2.58985   9.88847   1.000 39.60000 ? 95  ASP A N   1 
ATOM   755  C CA  . ASP A 1 95  ? 4.74453   3.20298   11.06275  1.000 38.93000 ? 95  ASP A CA  1 
ATOM   756  C C   . ASP A 1 95  ? 5.91401   4.10257   10.67139  1.000 40.72000 ? 95  ASP A C   1 
ATOM   757  O O   . ASP A 1 95  ? 6.55966   3.87668   9.64595   1.000 41.14000 ? 95  ASP A O   1 
ATOM   758  C CB  . ASP A 1 95  ? 5.21915   2.13403   12.03717  1.000 35.57000 ? 95  ASP A CB  1 
ATOM   759  C CG  . ASP A 1 95  ? 4.10404   1.24216   12.48464  1.000 39.06000 ? 95  ASP A CG  1 
ATOM   760  O OD1 . ASP A 1 95  ? 3.42985   1.60736   13.46726  1.000 40.71000 ? 95  ASP A OD1 1 
ATOM   761  O OD2 . ASP A 1 95  ? 3.88160   0.18717   11.84006  1.000 45.43000 ? 95  ASP A OD2 1 
ATOM   762  N N   . PRO A 1 96  ? 6.19046   5.14366   11.46276  1.000 40.04000 ? 96  PRO A N   1 
ATOM   763  C CA  . PRO A 1 96  ? 7.35149   5.99108   11.18191  1.000 39.13000 ? 96  PRO A CA  1 
ATOM   764  C C   . PRO A 1 96  ? 8.62298   5.16356   11.09342  1.000 40.00000 ? 96  PRO A C   1 
ATOM   765  O O   . PRO A 1 96  ? 8.83886   4.24066   11.87961  1.000 40.71000 ? 96  PRO A O   1 
ATOM   766  C CB  . PRO A 1 96  ? 7.38767   6.94580   12.37756  1.000 37.29000 ? 96  PRO A CB  1 
ATOM   767  C CG  . PRO A 1 96  ? 6.01218   6.97497   12.86303  1.000 35.98000 ? 96  PRO A CG  1 
ATOM   768  C CD  . PRO A 1 96  ? 5.43532   5.61846   12.63201  1.000 36.60000 ? 96  PRO A CD  1 
ATOM   769  N N   . GLY A 1 97  ? 9.46819   5.50620   10.12527  1.000 40.10000 ? 97  GLY A N   1 
ATOM   770  C CA  . GLY A 1 97  ? 10.67696  4.75174   9.89609   1.000 41.09000 ? 97  GLY A CA  1 
ATOM   771  C C   . GLY A 1 97  ? 10.48453  3.49254   9.08895   1.000 41.98000 ? 97  GLY A C   1 
ATOM   772  O O   . GLY A 1 97  ? 11.46335  2.75970   8.86396   1.000 42.44000 ? 97  GLY A O   1 
ATOM   773  N N   . TRP A 1 98  ? 9.25490   3.21116   8.66280   1.000 43.47000 ? 98  TRP A N   1 
ATOM   774  C CA  . TRP A 1 98  ? 8.99595   2.06387   7.81086   1.000 40.52000 ? 98  TRP A CA  1 
ATOM   775  C C   . TRP A 1 98  ? 9.85070   2.14394   6.56166   1.000 41.28000 ? 98  TRP A C   1 
ATOM   776  O O   . TRP A 1 98  ? 10.06676  3.22393   6.00568   1.000 42.85000 ? 98  TRP A O   1 
ATOM   777  C CB  . TRP A 1 98  ? 7.52679   2.01622   7.40745   1.000 37.25000 ? 98  TRP A CB  1 
ATOM   778  C CG  . TRP A 1 98  ? 7.29964   1.11574   6.27345   1.000 34.40000 ? 98  TRP A CG  1 
ATOM   779  C CD1 . TRP A 1 98  ? 7.09043   1.46586   4.97915   1.000 35.92000 ? 98  TRP A CD1 1 
ATOM   780  C CD2 . TRP A 1 98  ? 7.28876   -0.30603  6.31503   1.000 34.74000 ? 98  TRP A CD2 1 
ATOM   781  N NE1 . TRP A 1 98  ? 6.94265   0.34166   4.20320   1.000 36.16000 ? 98  TRP A NE1 1 
ATOM   782  C CE2 . TRP A 1 98  ? 7.05459   -0.76082  5.00587   1.000 33.78000 ? 98  TRP A CE2 1 
ATOM   783  C CE3 . TRP A 1 98  ? 7.44955   -1.24285  7.33670   1.000 40.45000 ? 98  TRP A CE3 1 
ATOM   784  C CZ2 . TRP A 1 98  ? 6.97081   -2.11043  4.68865   1.000 33.93000 ? 98  TRP A CZ2 1 
ATOM   785  C CZ3 . TRP A 1 98  ? 7.36473   -2.58542  7.02129   1.000 38.95000 ? 98  TRP A CZ3 1 
ATOM   786  C CH2 . TRP A 1 98  ? 7.12402   -3.00534  5.70687   1.000 34.59000 ? 98  TRP A CH2 1 
ATOM   787  N N   . ASP A 1 99  ? 10.34324  0.99553   6.12106   1.000 39.96000 ? 99  ASP A N   1 
ATOM   788  C CA  . ASP A 1 99  ? 11.02270  0.91756   4.83842   1.000 42.12000 ? 99  ASP A CA  1 
ATOM   789  C C   . ASP A 1 99  ? 10.64456  -0.40213  4.19852   1.000 41.81000 ? 99  ASP A C   1 
ATOM   790  O O   . ASP A 1 99  ? 10.92029  -1.45990  4.76994   1.000 40.25000 ? 99  ASP A O   1 
ATOM   791  C CB  . ASP A 1 99  ? 12.53572  1.02669   5.00759   1.000 43.65000 ? 99  ASP A CB  1 
ATOM   792  C CG  . ASP A 1 99  ? 13.26627  0.90964   3.70207   1.000 47.69000 ? 99  ASP A CG  1 
ATOM   793  O OD1 . ASP A 1 99  ? 12.94632  1.69320   2.79142   1.000 51.21000 ? 99  ASP A OD1 1 
ATOM   794  O OD2 . ASP A 1 99  ? 14.15838  0.04599   3.58172   1.000 54.20000 ? 99  ASP A OD2 1 
ATOM   795  N N   . GLY A 1 100 ? 9.99037   -0.34565  3.04994   1.000 40.17000 ? 100 GLY A N   1 
ATOM   796  C CA  . GLY A 1 100 ? 9.62856   -1.57091  2.36618   1.000 42.91000 ? 100 GLY A CA  1 
ATOM   797  C C   . GLY A 1 100 ? 8.42664   -1.39780  1.46400   1.000 42.12000 ? 100 GLY A C   1 
ATOM   798  O O   . GLY A 1 100 ? 7.76648   -0.35357  1.43929   1.000 37.82000 ? 100 GLY A O   1 
ATOM   799  N N   . ASN A 1 101 ? 8.17337   -2.44953  0.68436   1.000 39.88000 ? 101 ASN A N   1 
ATOM   800  C CA  . ASN A 1 101 ? 6.92985   -2.55714  -0.05489  1.000 40.30000 ? 101 ASN A CA  1 
ATOM   801  C C   . ASN A 1 101 ? 5.83699   -3.01373  0.88961   1.000 38.67000 ? 101 ASN A C   1 
ATOM   802  O O   . ASN A 1 101 ? 6.06156   -3.87862  1.74186   1.000 40.46000 ? 101 ASN A O   1 
ATOM   803  C CB  . ASN A 1 101 ? 7.05257   -3.55299  -1.20201  1.000 39.67000 ? 101 ASN A CB  1 
ATOM   804  C CG  . ASN A 1 101 ? 8.21772   -3.26967  -2.08606  1.000 38.88000 ? 101 ASN A CG  1 
ATOM   805  O OD1 . ASN A 1 101 ? 9.35965   -3.44363  -1.67667  1.000 42.96000 ? 101 ASN A OD1 1 
ATOM   806  N ND2 . ASN A 1 101 ? 7.94783   -2.84578  -3.31570  1.000 39.65000 ? 101 ASN A ND2 1 
ATOM   807  N N   . LEU A 1 102 ? 4.64671   -2.44208  0.72726   1.000 40.08000 ? 102 LEU A N   1 
ATOM   808  C CA  . LEU A 1 102 ? 3.54827   -2.70148  1.64510   1.000 38.03000 ? 102 LEU A CA  1 
ATOM   809  C C   . LEU A 1 102 ? 2.70608   -3.85661  1.15242   1.000 35.53000 ? 102 LEU A C   1 
ATOM   810  O O   . LEU A 1 102 ? 2.40446   -3.96709  -0.04021  1.000 38.97000 ? 102 LEU A O   1 
ATOM   811  C CB  . LEU A 1 102 ? 2.67408   -1.46220  1.82856   1.000 36.62000 ? 102 LEU A CB  1 
ATOM   812  C CG  . LEU A 1 102 ? 3.44684   -0.33365  2.49486   1.000 32.78000 ? 102 LEU A CG  1 
ATOM   813  C CD1 . LEU A 1 102 ? 2.79645   1.00570   2.20115   1.000 31.58000 ? 102 LEU A CD1 1 
ATOM   814  C CD2 . LEU A 1 102 ? 3.53907   -0.62424  3.99136   1.000 33.54000 ? 102 LEU A CD2 1 
ATOM   815  N N   . THR A 1 103 ? 2.31678   -4.69054  2.10477   1.000 36.14000 ? 103 THR A N   1 
ATOM   816  C CA  . THR A 1 103 ? 1.42552   -5.77690  1.83462   1.000 35.75000 ? 103 THR A CA  1 
ATOM   817  C C   . THR A 1 103 ? 0.06969   -5.22591  2.21879   1.000 34.52000 ? 103 THR A C   1 
ATOM   818  O O   . THR A 1 103 ? -0.14466  -4.89905  3.36641   1.000 37.78000 ? 103 THR A O   1 
ATOM   819  C CB  . THR A 1 103 ? 1.80066   -6.98255  2.68970   1.000 39.03000 ? 103 THR A CB  1 
ATOM   820  O OG1 . THR A 1 103 ? 2.89443   -7.68334  2.09025   1.000 42.98000 ? 103 THR A OG1 1 
ATOM   821  C CG2 . THR A 1 103 ? 0.60749   -7.90726  2.85935   1.000 38.46000 ? 103 THR A CG2 1 
ATOM   822  N N   . LEU A 1 104 ? -0.85627  -5.14083  1.28859   1.000 35.70000 ? 104 LEU A N   1 
ATOM   823  C CA  . LEU A 1 104 ? -2.14623  -4.50386  1.50342   1.000 35.04000 ? 104 LEU A CA  1 
ATOM   824  C C   . LEU A 1 104 ? -3.26278  -5.51751  1.33590   1.000 36.23000 ? 104 LEU A C   1 
ATOM   825  O O   . LEU A 1 104 ? -3.27747  -6.27474  0.35934   1.000 39.98000 ? 104 LEU A O   1 
ATOM   826  C CB  . LEU A 1 104 ? -2.34054  -3.33973  0.54285   1.000 32.64000 ? 104 LEU A CB  1 
ATOM   827  C CG  . LEU A 1 104 ? -1.21466  -2.33425  0.70055   1.000 32.45000 ? 104 LEU A CG  1 
ATOM   828  C CD1 . LEU A 1 104 ? -1.54240  -1.09331  -0.05003  1.000 32.89000 ? 104 LEU A CD1 1 
ATOM   829  C CD2 . LEU A 1 104 ? -0.97550  -2.01832  2.16220   1.000 29.56000 ? 104 LEU A CD2 1 
ATOM   830  N N   . MET A 1 105 ? -4.18863  -5.53534  2.29533   1.000 37.29000 ? 105 MET A N   1 
ATOM   831  C CA  . MET A 1 105 ? -5.38940  -6.35107  2.19563   1.000 34.91000 ? 105 MET A CA  1 
ATOM   832  C C   . MET A 1 105 ? -6.51640  -5.56396  1.55022   1.000 34.90000 ? 105 MET A C   1 
ATOM   833  O O   . MET A 1 105 ? -6.97251  -4.56549  2.11557   1.000 35.89000 ? 105 MET A O   1 
ATOM   834  C CB  . MET A 1 105 ? -5.86968  -6.83002  3.56176   1.000 34.14000 ? 105 MET A CB  1 
ATOM   835  C CG  . MET A 1 105 ? -6.87222  -7.94224  3.35309   1.000 37.97000 ? 105 MET A CG  1 
ATOM   836  S SD  . MET A 1 105 ? -8.56938  -7.34891  3.38938   1.000 41.46000 ? 105 MET A SD  1 
ATOM   837  C CE  . MET A 1 105 ? -9.26337  -8.28125  4.73692   1.000 38.09000 ? 105 MET A CE  1 
ATOM   838  N N   . LEU A 1 106 ? -7.01582  -6.04905  0.41624   1.000 36.23000 ? 106 LEU A N   1 
ATOM   839  C CA  . LEU A 1 106 ? -8.24655  -5.54518  -0.18028  1.000 34.38000 ? 106 LEU A CA  1 
ATOM   840  C C   . LEU A 1 106 ? -9.29336  -6.64752  -0.17034  1.000 35.23000 ? 106 LEU A C   1 
ATOM   841  O O   . LEU A 1 106 ? -9.03673  -7.75735  -0.64086  1.000 36.71000 ? 106 LEU A O   1 
ATOM   842  C CB  . LEU A 1 106 ? -8.03840  -5.05730  -1.61725  1.000 35.77000 ? 106 LEU A CB  1 
ATOM   843  C CG  . LEU A 1 106 ? -7.04883  -3.95183  -1.98287  1.000 32.56000 ? 106 LEU A CG  1 
ATOM   844  C CD1 . LEU A 1 106 ? -7.57141  -3.17469  -3.15813  1.000 34.26000 ? 106 LEU A CD1 1 
ATOM   845  C CD2 . LEU A 1 106 ? -6.78499  -3.03283  -0.85174  1.000 35.15000 ? 106 LEU A CD2 1 
ATOM   846  N N   . TYR A 1 107 ? -10.47496 -6.33830  0.33741   1.000 35.48000 ? 107 TYR A N   1 
ATOM   847  C CA  . TYR A 1 107 ? -11.57710 -7.28657  0.33831   1.000 37.19000 ? 107 TYR A CA  1 
ATOM   848  C C   . TYR A 1 107 ? -12.57867 -6.85292  -0.71631  1.000 37.48000 ? 107 TYR A C   1 
ATOM   849  O O   . TYR A 1 107 ? -13.14130 -5.75782  -0.62682  1.000 38.17000 ? 107 TYR A O   1 
ATOM   850  C CB  . TYR A 1 107 ? -12.24813 -7.36082  1.70858   1.000 35.34000 ? 107 TYR A CB  1 
ATOM   851  C CG  . TYR A 1 107 ? -13.44055 -8.27131  1.73858   1.000 35.64000 ? 107 TYR A CG  1 
ATOM   852  C CD1 . TYR A 1 107 ? -13.29855 -9.64288  1.56818   1.000 38.93000 ? 107 TYR A CD1 1 
ATOM   853  C CD2 . TYR A 1 107 ? -14.71255 -7.76481  1.92077   1.000 36.79000 ? 107 TYR A CD2 1 
ATOM   854  C CE1 . TYR A 1 107 ? -14.40166 -10.48924 1.60005   1.000 40.06000 ? 107 TYR A CE1 1 
ATOM   855  C CE2 . TYR A 1 107 ? -15.82220 -8.60019  1.95695   1.000 39.83000 ? 107 TYR A CE2 1 
ATOM   856  C CZ  . TYR A 1 107 ? -15.66459 -9.96095  1.79107   1.000 41.61000 ? 107 TYR A CZ  1 
ATOM   857  O OH  . TYR A 1 107 ? -16.77580 -10.78789 1.82334   1.000 45.68000 ? 107 TYR A OH  1 
ATOM   858  N N   . ASN A 1 108 ? -12.79622 -7.70385  -1.71148  1.000 40.26000 ? 108 ASN A N   1 
ATOM   859  C CA  . ASN A 1 108 ? -13.87248 -7.48911  -2.67070  1.000 39.69000 ? 108 ASN A CA  1 
ATOM   860  C C   . ASN A 1 108 ? -15.16797 -7.89720  -1.99248  1.000 39.49000 ? 108 ASN A C   1 
ATOM   861  O O   . ASN A 1 108 ? -15.50949 -9.07668  -1.94276  1.000 40.95000 ? 108 ASN A O   1 
ATOM   862  C CB  . ASN A 1 108 ? -13.63417 -8.29498  -3.94005  1.000 42.65000 ? 108 ASN A CB  1 
ATOM   863  C CG  . ASN A 1 108 ? -14.74867 -8.13483  -4.95253  1.000 42.83000 ? 108 ASN A CG  1 
ATOM   864  O OD1 . ASN A 1 108 ? -15.67403 -7.33942  -4.77239  1.000 41.47000 ? 108 ASN A OD1 1 
ATOM   865  N ND2 . ASN A 1 108 ? -14.66129 -8.89671  -6.03626  1.000 44.16000 ? 108 ASN A ND2 1 
ATOM   866  N N   . ALA A 1 109 ? -15.88570 -6.92511  -1.44499  1.000 40.97000 ? 109 ALA A N   1 
ATOM   867  C CA  . ALA A 1 109 ? -17.18759 -7.21180  -0.86696  1.000 40.02000 ? 109 ALA A CA  1 
ATOM   868  C C   . ALA A 1 109 ? -18.27820 -7.30193  -1.91520  1.000 39.82000 ? 109 ALA A C   1 
ATOM   869  O O   . ALA A 1 109 ? -19.44368 -7.47815  -1.55622  1.000 45.34000 ? 109 ALA A O   1 
ATOM   870  C CB  . ALA A 1 109 ? -17.55527 -6.14234  0.15936   1.000 39.09000 ? 109 ALA A CB  1 
ATOM   871  N N   . SER A 1 110 ? -17.94038 -7.17769  -3.18761  1.000 38.16000 ? 110 SER A N   1 
ATOM   872  C CA  . SER A 1 110 ? -18.96013 -7.17758  -4.21251  1.000 40.21000 ? 110 SER A CA  1 
ATOM   873  C C   . SER A 1 110 ? -19.15089 -8.59501  -4.71948  1.000 43.89000 ? 110 SER A C   1 
ATOM   874  O O   . SER A 1 110 ? -18.48194 -9.53639  -4.28062  1.000 42.65000 ? 110 SER A O   1 
ATOM   875  C CB  . SER A 1 110 ? -18.59558 -6.21862  -5.34458  1.000 40.73000 ? 110 SER A CB  1 
ATOM   876  O OG  . SER A 1 110 ? -17.84498 -6.85914  -6.35287  1.000 40.96000 ? 110 SER A OG  1 
ATOM   877  N N   . ASN A 1 111 ? -20.08988 -8.74672  -5.65033  1.000 42.36000 ? 111 ASN A N   1 
ATOM   878  C CA  . ASN A 1 111 ? -20.38172 -10.03228 -6.26220  1.000 44.54000 ? 111 ASN A CA  1 
ATOM   879  C C   . ASN A 1 111 ? -19.70145 -10.19822 -7.60925  1.000 46.63000 ? 111 ASN A C   1 
ATOM   880  O O   . ASN A 1 111 ? -19.80810 -11.26584 -8.22013  1.000 48.45000 ? 111 ASN A O   1 
ATOM   881  C CB  . ASN A 1 111 ? -21.89501 -10.21142 -6.40977  1.000 45.72000 ? 111 ASN A CB  1 
ATOM   882  C CG  . ASN A 1 111 ? -22.59540 -10.30574 -5.06843  1.000 52.99000 ? 111 ASN A CG  1 
ATOM   883  O OD1 . ASN A 1 111 ? -22.31601 -11.21362 -4.27424  1.000 56.51000 ? 111 ASN A OD1 1 
ATOM   884  N ND2 . ASN A 1 111 ? -23.49921 -9.35921  -4.79660  1.000 53.76000 ? 111 ASN A ND2 1 
ATOM   885  N N   . GLU A 1 112 ? -19.00215 -9.16969  -8.07995  1.000 48.43000 ? 112 GLU A N   1 
ATOM   886  C CA  . GLU A 1 112 ? -18.25689 -9.11720  -9.32413  1.000 47.22000 ? 112 GLU A CA  1 
ATOM   887  C C   . GLU A 1 112 ? -16.75591 -9.18235  -9.04411  1.000 48.80000 ? 112 GLU A C   1 
ATOM   888  O O   . GLU A 1 112 ? -16.27880 -8.53845  -8.10001  1.000 46.95000 ? 112 GLU A O   1 
ATOM   889  C CB  . GLU A 1 112 ? -18.58104 -7.82034  -10.08206 1.000 46.74000 ? 112 GLU A CB  1 
ATOM   890  C CG  . GLU A 1 112 ? -19.74025 -7.93357  -11.05056 1.000 54.39000 ? 112 GLU A CG  1 
ATOM   891  C CD  . GLU A 1 112 ? -19.68428 -9.22003  -11.87961 1.000 69.95000 ? 112 GLU A CD  1 
ATOM   892  O OE1 . GLU A 1 112 ? -18.79696 -9.34132  -12.77208 1.000 70.08000 ? 112 GLU A OE1 1 
ATOM   893  O OE2 . GLU A 1 112 ? -20.52249 -10.11965 -11.62653 1.000 70.45000 ? 112 GLU A OE2 1 
ATOM   894  N N   . PRO A 1 113 ? -15.98541 -9.94584  -9.82267  1.000 49.69000 ? 113 PRO A N   1 
ATOM   895  C CA  . PRO A 1 113 ? -14.52876 -9.92209  -9.64868  1.000 45.99000 ? 113 PRO A CA  1 
ATOM   896  C C   . PRO A 1 113 ? -13.99205 -8.51472  -9.83001  1.000 41.76000 ? 113 PRO A C   1 
ATOM   897  O O   . PRO A 1 113 ? -14.45760 -7.74913  -10.67833 1.000 40.11000 ? 113 PRO A O   1 
ATOM   898  C CB  . PRO A 1 113 ? -14.01604 -10.86490 -10.74247 1.000 45.70000 ? 113 PRO A CB  1 
ATOM   899  C CG  . PRO A 1 113 ? -15.17617 -11.70687 -11.09097 1.000 46.08000 ? 113 PRO A CG  1 
ATOM   900  C CD  . PRO A 1 113 ? -16.39427 -10.86474 -10.89465 1.000 47.95000 ? 113 PRO A CD  1 
ATOM   901  N N   . VAL A 1 114 ? -13.01991 -8.16839  -8.99965  1.000 42.16000 ? 114 VAL A N   1 
ATOM   902  C CA  . VAL A 1 114 ? -12.35192 -6.88264  -9.09135  1.000 44.08000 ? 114 VAL A CA  1 
ATOM   903  C C   . VAL A 1 114 ? -10.92710 -7.15215  -9.52761  1.000 41.23000 ? 114 VAL A C   1 
ATOM   904  O O   . VAL A 1 114 ? -10.18151 -7.87259  -8.85012  1.000 43.60000 ? 114 VAL A O   1 
ATOM   905  C CB  . VAL A 1 114 ? -12.40082 -6.10468  -7.77199  1.000 40.66000 ? 114 VAL A CB  1 
ATOM   906  C CG1 . VAL A 1 114 ? -11.73342 -4.75835  -7.96574  1.000 41.15000 ? 114 VAL A CG1 1 
ATOM   907  C CG2 . VAL A 1 114 ? -13.83161 -5.91323  -7.34910  1.000 40.08000 ? 114 VAL A CG2 1 
ATOM   908  N N   . GLU A 1 115 ? -10.56421 -6.58446  -10.66572 1.000 42.74000 ? 115 GLU A N   1 
ATOM   909  C CA  . GLU A 1 115 ? -9.29541  -6.82414  -11.32448 1.000 47.14000 ? 115 GLU A CA  1 
ATOM   910  C C   . GLU A 1 115 ? -8.45086  -5.56543  -11.23364 1.000 42.91000 ? 115 GLU A C   1 
ATOM   911  O O   . GLU A 1 115 ? -8.96146  -4.45470  -11.41298 1.000 44.51000 ? 115 GLU A O   1 
ATOM   912  C CB  . GLU A 1 115 ? -9.54596  -7.20667  -12.78311 1.000 52.16000 ? 115 GLU A CB  1 
ATOM   913  C CG  . GLU A 1 115 ? -10.68516 -8.20954  -12.88954 1.000 57.52000 ? 115 GLU A CG  1 
ATOM   914  C CD  . GLU A 1 115 ? -10.92765 -8.70346  -14.30159 1.000 69.91000 ? 115 GLU A CD  1 
ATOM   915  O OE1 . GLU A 1 115 ? -9.97817  -8.62025  -15.10828 1.000 57.74000 ? 115 GLU A OE1 1 
ATOM   916  O OE2 . GLU A 1 115 ? -12.05180 -9.20693  -14.58560 1.000 71.47000 ? 115 GLU A OE2 1 
ATOM   917  N N   . LEU A 1 116 ? -7.16997  -5.73622  -10.93619 1.000 37.75000 ? 116 LEU A N   1 
ATOM   918  C CA  . LEU A 1 116 ? -6.24175  -4.62032  -10.90758 1.000 39.84000 ? 116 LEU A CA  1 
ATOM   919  C C   . LEU A 1 116 ? -5.03629  -4.96843  -11.76173 1.000 44.64000 ? 116 LEU A C   1 
ATOM   920  O O   . LEU A 1 116 ? -4.46507  -6.05333  -11.61045 1.000 47.08000 ? 116 LEU A O   1 
ATOM   921  C CB  . LEU A 1 116 ? -5.80192  -4.30836  -9.48387  1.000 42.50000 ? 116 LEU A CB  1 
ATOM   922  C CG  . LEU A 1 116 ? -6.84777  -3.64790  -8.59769  1.000 41.46000 ? 116 LEU A CG  1 
ATOM   923  C CD1 . LEU A 1 116 ? -6.61106  -3.98702  -7.12457  1.000 33.30000 ? 116 LEU A CD1 1 
ATOM   924  C CD2 . LEU A 1 116 ? -6.78384  -2.15172  -8.82736  1.000 42.52000 ? 116 LEU A CD2 1 
ATOM   925  N N   . ARG A 1 117 ? -4.66332  -4.05987  -12.66197 1.000 45.80000 ? 117 ARG A N   1 
ATOM   926  C CA  . ARG A 1 117 ? -3.45846  -4.24832  -13.45613 1.000 44.87000 ? 117 ARG A CA  1 
ATOM   927  C C   . ARG A 1 117 ? -2.24317  -4.18812  -12.54946 1.000 46.92000 ? 117 ARG A C   1 
ATOM   928  O O   . ARG A 1 117 ? -2.23471  -3.47816  -11.54104 1.000 49.14000 ? 117 ARG A O   1 
ATOM   929  C CB  . ARG A 1 117 ? -3.32037  -3.16477  -14.53135 1.000 50.97000 ? 117 ARG A CB  1 
ATOM   930  C CG  . ARG A 1 117 ? -4.36663  -3.15135  -15.64893 1.000 54.27000 ? 117 ARG A CG  1 
ATOM   931  C CD  . ARG A 1 117 ? -4.13562  -1.95031  -16.58182 1.000 61.18000 ? 117 ARG A CD  1 
ATOM   932  N NE  . ARG A 1 117 ? -2.89183  -2.08977  -17.34194 1.000 71.89000 ? 117 ARG A NE  1 
ATOM   933  C CZ  . ARG A 1 117 ? -2.38891  -1.16998  -18.16224 1.000 70.76000 ? 117 ARG A CZ  1 
ATOM   934  N NH1 . ARG A 1 117 ? -2.99029  -0.00403  -18.34975 1.000 67.20000 ? 117 ARG A NH1 1 
ATOM   935  N NH2 . ARG A 1 117 ? -1.25261  -1.42724  -18.80796 1.000 65.30000 ? 117 ARG A NH2 1 
ATOM   936  N N   . TYR A 1 118 ? -1.20772  -4.93836  -12.91183 1.000 47.88000 ? 118 TYR A N   1 
ATOM   937  C CA  . TYR A 1 118 ? 0.10202   -4.68207  -12.33109 1.000 45.66000 ? 118 TYR A CA  1 
ATOM   938  C C   . TYR A 1 118 ? 0.45913   -3.21746  -12.57261 1.000 48.27000 ? 118 TYR A C   1 
ATOM   939  O O   . TYR A 1 118 ? 0.31370   -2.70436  -13.69079 1.000 48.83000 ? 118 TYR A O   1 
ATOM   940  C CB  . TYR A 1 118 ? 1.14404   -5.63276  -12.93731 1.000 45.96000 ? 118 TYR A CB  1 
ATOM   941  C CG  . TYR A 1 118 ? 2.58908   -5.31304  -12.61752 1.000 48.28000 ? 118 TYR A CG  1 
ATOM   942  C CD1 . TYR A 1 118 ? 3.19333   -5.81134  -11.47676 1.000 49.15000 ? 118 TYR A CD1 1 
ATOM   943  C CD2 . TYR A 1 118 ? 3.35880   -4.53158  -13.47477 1.000 51.43000 ? 118 TYR A CD2 1 
ATOM   944  C CE1 . TYR A 1 118 ? 4.52328   -5.52689  -11.19050 1.000 52.62000 ? 118 TYR A CE1 1 
ATOM   945  C CE2 . TYR A 1 118 ? 4.68454   -4.23858  -13.19443 1.000 47.09000 ? 118 TYR A CE2 1 
ATOM   946  C CZ  . TYR A 1 118 ? 5.26059   -4.73906  -12.05705 1.000 51.58000 ? 118 TYR A CZ  1 
ATOM   947  O OH  . TYR A 1 118 ? 6.57796   -4.45025  -11.78290 1.000 55.15000 ? 118 TYR A OH  1 
ATOM   948  N N   . GLY A 1 119 ? 0.84948   -2.52442  -11.50337 1.000 45.35000 ? 119 GLY A N   1 
ATOM   949  C CA  . GLY A 1 119 ? 1.17477   -1.11742  -11.60284 1.000 40.49000 ? 119 GLY A CA  1 
ATOM   950  C C   . GLY A 1 119 ? -0.01179  -0.18637  -11.59280 1.000 40.56000 ? 119 GLY A C   1 
ATOM   951  O O   . GLY A 1 119 ? 0.16502   1.01952   -11.78525 1.000 46.43000 ? 119 GLY A O   1 
ATOM   952  N N   . GLU A 1 120 ? -1.21676  -0.69693  -11.37242 1.000 43.03000 ? 120 GLU A N   1 
ATOM   953  C CA  . GLU A 1 120 ? -2.39198  0.15673   -11.27657 1.000 42.22000 ? 120 GLU A CA  1 
ATOM   954  C C   . GLU A 1 120 ? -2.48727  0.78930   -9.89524  1.000 40.47000 ? 120 GLU A C   1 
ATOM   955  O O   . GLU A 1 120 ? -2.21820  0.14277   -8.88204  1.000 41.95000 ? 120 GLU A O   1 
ATOM   956  C CB  . GLU A 1 120 ? -3.65621  -0.64856  -11.55428 1.000 44.91000 ? 120 GLU A CB  1 
ATOM   957  C CG  . GLU A 1 120 ? -4.91511  0.18895   -11.61033 1.000 44.75000 ? 120 GLU A CG  1 
ATOM   958  C CD  . GLU A 1 120 ? -6.06249  -0.57985  -12.20625 1.000 43.05000 ? 120 GLU A CD  1 
ATOM   959  O OE1 . GLU A 1 120 ? -5.87512  -1.78651  -12.47709 1.000 46.38000 ? 120 GLU A OE1 1 
ATOM   960  O OE2 . GLU A 1 120 ? -7.13608  0.01831   -12.41120 1.000 45.02000 ? 120 GLU A OE2 1 
ATOM   961  N N   . ARG A 1 121 ? -2.88078  2.05525   -9.85787  1.000 43.82000 ? 121 ARG A N   1 
ATOM   962  C CA  . ARG A 1 121 ? -3.05182  2.73901   -8.58433  1.000 42.58000 ? 121 ARG A CA  1 
ATOM   963  C C   . ARG A 1 121 ? -4.22677  2.13297   -7.82392  1.000 39.92000 ? 121 ARG A C   1 
ATOM   964  O O   . ARG A 1 121 ? -5.29307  1.90263   -8.39731  1.000 43.07000 ? 121 ARG A O   1 
ATOM   965  C CB  . ARG A 1 121 ? -3.27338  4.22507   -8.82434  1.000 37.66000 ? 121 ARG A CB  1 
ATOM   966  C CG  . ARG A 1 121 ? -2.18901  4.83043   -9.65159  1.000 39.23000 ? 121 ARG A CG  1 
ATOM   967  C CD  . ARG A 1 121 ? -2.35750  6.31769   -9.74666  1.000 42.68000 ? 121 ARG A CD  1 
ATOM   968  N NE  . ARG A 1 121 ? -3.23688  6.70210   -10.83974 1.000 46.43000 ? 121 ARG A NE  1 
ATOM   969  C CZ  . ARG A 1 121 ? -4.52037  6.99714   -10.70021 1.000 45.84000 ? 121 ARG A CZ  1 
ATOM   970  N NH1 . ARG A 1 121 ? -5.12865  6.89748   -9.52992  1.000 47.26000 ? 121 ARG A NH1 1 
ATOM   971  N NH2 . ARG A 1 121 ? -5.21099  7.39987   -11.76063 1.000 48.47000 ? 121 ARG A NH2 1 
ATOM   972  N N   . PHE A 1 122 ? -4.03876  1.85733   -6.53508  1.000 39.22000 ? 122 PHE A N   1 
ATOM   973  C CA  . PHE A 1 122 ? -5.14029  1.26275   -5.78800  1.000 38.36000 ? 122 PHE A CA  1 
ATOM   974  C C   . PHE A 1 122 ? -5.25811  1.72667   -4.34764  1.000 37.39000 ? 122 PHE A C   1 
ATOM   975  O O   . PHE A 1 122 ? -6.35436  1.64073   -3.78216  1.000 39.75000 ? 122 PHE A O   1 
ATOM   976  C CB  . PHE A 1 122 ? -5.05786  -0.27544  -5.84731  1.000 37.27000 ? 122 PHE A CB  1 
ATOM   977  C CG  . PHE A 1 122 ? -3.92389  -0.90302  -5.06842  1.000 36.89000 ? 122 PHE A CG  1 
ATOM   978  C CD1 . PHE A 1 122 ? -2.60874  -0.52895  -5.28118  1.000 36.43000 ? 122 PHE A CD1 1 
ATOM   979  C CD2 . PHE A 1 122 ? -4.18016  -1.87786  -4.11842  1.000 36.21000 ? 122 PHE A CD2 1 
ATOM   980  C CE1 . PHE A 1 122 ? -1.58085  -1.13046  -4.56452  1.000 34.79000 ? 122 PHE A CE1 1 
ATOM   981  C CE2 . PHE A 1 122 ? -3.14363  -2.48619  -3.40561  1.000 34.71000 ? 122 PHE A CE2 1 
ATOM   982  C CZ  . PHE A 1 122 ? -1.84414  -2.10161  -3.62853  1.000 32.97000 ? 122 PHE A CZ  1 
ATOM   983  N N   . VAL A 1 123 ? -4.20686  2.25819   -3.73759  1.000 37.68000 ? 123 VAL A N   1 
ATOM   984  C CA  . VAL A 1 123 ? -4.27047  2.72740   -2.35902  1.000 33.77000 ? 123 VAL A CA  1 
ATOM   985  C C   . VAL A 1 123 ? -3.57044  4.06772   -2.29526  1.000 34.31000 ? 123 VAL A C   1 
ATOM   986  O O   . VAL A 1 123 ? -2.40829  4.17701   -2.69290  1.000 37.53000 ? 123 VAL A O   1 
ATOM   987  C CB  . VAL A 1 123 ? -3.61459  1.74088   -1.38213  1.000 36.62000 ? 123 VAL A CB  1 
ATOM   988  C CG1 . VAL A 1 123 ? -3.65642  2.29817   0.04798   1.000 31.22000 ? 123 VAL A CG1 1 
ATOM   989  C CG2 . VAL A 1 123 ? -4.31391  0.41305   -1.48309  1.000 34.64000 ? 123 VAL A CG2 1 
ATOM   990  N N   . GLN A 1 124 ? -4.26609  5.08909   -1.82146  1.000 35.14000 ? 124 GLN A N   1 
ATOM   991  C CA  . GLN A 1 124 ? -3.63506  6.38350   -1.61029  1.000 35.49000 ? 124 GLN A CA  1 
ATOM   992  C C   . GLN A 1 124 ? -3.12424  6.42376   -0.18188  1.000 36.11000 ? 124 GLN A C   1 
ATOM   993  O O   . GLN A 1 124 ? -3.91231  6.38880   0.77394   1.000 36.34000 ? 124 GLN A O   1 
ATOM   994  C CB  . GLN A 1 124 ? -4.59184  7.54232   -1.86409  1.000 33.89000 ? 124 GLN A CB  1 
ATOM   995  C CG  . GLN A 1 124 ? -3.96448  8.82407   -1.38882  1.000 32.34000 ? 124 GLN A CG  1 
ATOM   996  C CD  . GLN A 1 124 ? -4.67905  10.06482  -1.83372  1.000 35.89000 ? 124 GLN A CD  1 
ATOM   997  O OE1 . GLN A 1 124 ? -4.19580  11.17314  -1.60105  1.000 39.95000 ? 124 GLN A OE1 1 
ATOM   998  N NE2 . GLN A 1 124 ? -5.83362  9.90336   -2.46877  1.000 38.24000 ? 124 GLN A NE2 1 
ATOM   999  N N   . ILE A 1 125 ? -1.81267  6.50116   -0.03140  1.000 40.41000 ? 125 ILE A N   1 
ATOM   1000 C CA  . ILE A 1 125 ? -1.20542  6.70750   1.27666   1.000 37.26000 ? 125 ILE A CA  1 
ATOM   1001 C C   . ILE A 1 125 ? -0.99032  8.20250   1.48365   1.000 35.18000 ? 125 ILE A C   1 
ATOM   1002 O O   . ILE A 1 125 ? -0.52294  8.91441   0.58621   1.000 34.51000 ? 125 ILE A O   1 
ATOM   1003 C CB  . ILE A 1 125 ? 0.10906   5.91795   1.40967   1.000 36.57000 ? 125 ILE A CB  1 
ATOM   1004 C CG1 . ILE A 1 125 ? 0.71172   6.11277   2.79760   1.000 32.62000 ? 125 ILE A CG1 1 
ATOM   1005 C CG2 . ILE A 1 125 ? 1.08700   6.32773   0.33119   1.000 38.19000 ? 125 ILE A CG2 1 
ATOM   1006 C CD1 . ILE A 1 125 ? 1.94654   5.30047   3.00149   1.000 38.71000 ? 125 ILE A CD1 1 
ATOM   1007 N N   . ALA A 1 126 ? -1.40472  8.68925   2.64433   1.000 35.66000 ? 126 ALA A N   1 
ATOM   1008 C CA  . ALA A 1 126 ? -1.16933  10.05200  3.07649   1.000 33.86000 ? 126 ALA A CA  1 
ATOM   1009 C C   . ALA A 1 126 ? -0.16593  10.01904  4.21452   1.000 33.72000 ? 126 ALA A C   1 
ATOM   1010 O O   . ALA A 1 126 ? 0.01587   8.99494   4.87812   1.000 36.47000 ? 126 ALA A O   1 
ATOM   1011 C CB  . ALA A 1 126 ? -2.46615  10.73002  3.52789   1.000 34.10000 ? 126 ALA A CB  1 
ATOM   1012 N N   . PHE A 1 127 ? 0.47747   11.15498  4.44473   1.000 34.99000 ? 127 PHE A N   1 
ATOM   1013 C CA  . PHE A 1 127 ? 1.65260   11.20424  5.30281   1.000 37.88000 ? 127 PHE A CA  1 
ATOM   1014 C C   . PHE A 1 127 ? 1.44689   12.23495  6.40222   1.000 38.19000 ? 127 PHE A C   1 
ATOM   1015 O O   . PHE A 1 127 ? 1.38739   13.43512  6.12320   1.000 39.30000 ? 127 PHE A O   1 
ATOM   1016 C CB  . PHE A 1 127 ? 2.88289   11.50662  4.46233   1.000 35.61000 ? 127 PHE A CB  1 
ATOM   1017 C CG  . PHE A 1 127 ? 3.17777   10.43661  3.46470   1.000 33.24000 ? 127 PHE A CG  1 
ATOM   1018 C CD1 . PHE A 1 127 ? 3.77661   9.26243   3.86157   1.000 36.40000 ? 127 PHE A CD1 1 
ATOM   1019 C CD2 . PHE A 1 127 ? 2.84230   10.58955  2.14079   1.000 36.55000 ? 127 PHE A CD2 1 
ATOM   1020 C CE1 . PHE A 1 127 ? 4.05202   8.26294   2.95793   1.000 36.95000 ? 127 PHE A CE1 1 
ATOM   1021 C CE2 . PHE A 1 127 ? 3.11548   9.58569   1.22633   1.000 35.44000 ? 127 PHE A CE2 1 
ATOM   1022 C CZ  . PHE A 1 127 ? 3.72560   8.42929   1.63838   1.000 35.50000 ? 127 PHE A CZ  1 
ATOM   1023 N N   . ILE A 1 128 ? 1.31937   11.76840  7.64493   1.000 36.42000 ? 128 ILE A N   1 
ATOM   1024 C CA  . ILE A 1 128 ? 1.08149   12.64196  8.78732   1.000 38.97000 ? 128 ILE A CA  1 
ATOM   1025 C C   . ILE A 1 128 ? 2.40405   12.83406  9.49625   1.000 39.38000 ? 128 ILE A C   1 
ATOM   1026 O O   . ILE A 1 128 ? 3.02534   11.85509  9.92629   1.000 41.00000 ? 128 ILE A O   1 
ATOM   1027 C CB  . ILE A 1 128 ? 0.04904   12.05658  9.76418   1.000 39.19000 ? 128 ILE A CB  1 
ATOM   1028 C CG1 . ILE A 1 128 ? -1.08876  11.35152  9.02047   1.000 39.17000 ? 128 ILE A CG1 1 
ATOM   1029 C CG2 . ILE A 1 128 ? -0.45707  13.15050  10.71090  1.000 37.80000 ? 128 ILE A CG2 1 
ATOM   1030 C CD1 . ILE A 1 128 ? -1.83988  10.31166  9.86946   1.000 38.76000 ? 128 ILE A CD1 1 
ATOM   1031 N N   . ARG A 1 129 ? 2.83116   14.07986  9.65794   1.000 38.31000 ? 129 ARG A N   1 
ATOM   1032 C CA  . ARG A 1 129 ? 4.02622   14.29908  10.44200  1.000 38.78000 ? 129 ARG A CA  1 
ATOM   1033 C C   . ARG A 1 129 ? 3.71346   14.14644  11.91705  1.000 38.54000 ? 129 ARG A C   1 
ATOM   1034 O O   . ARG A 1 129 ? 2.69029   14.62405  12.40816  1.000 41.20000 ? 129 ARG A O   1 
ATOM   1035 C CB  . ARG A 1 129 ? 4.62776   15.66796  10.17765  1.000 45.51000 ? 129 ARG A CB  1 
ATOM   1036 C CG  . ARG A 1 129 ? 6.12143   15.69853  10.44213  1.000 43.98000 ? 129 ARG A CG  1 
ATOM   1037 C CD  . ARG A 1 129 ? 6.69826   17.03550  10.09702  1.000 47.39000 ? 129 ARG A CD  1 
ATOM   1038 N NE  . ARG A 1 129 ? 6.35086   17.42958  8.73850   1.000 48.79000 ? 129 ARG A NE  1 
ATOM   1039 C CZ  . ARG A 1 129 ? 6.99001   17.00659  7.65718   1.000 49.18000 ? 129 ARG A CZ  1 
ATOM   1040 N NH1 . ARG A 1 129 ? 7.95755   16.10597  7.73892   1.000 48.75000 ? 129 ARG A NH1 1 
ATOM   1041 N NH2 . ARG A 1 129 ? 6.64909   17.49677  6.46445   1.000 49.21000 ? 129 ARG A NH2 1 
ATOM   1042 N N   . LEU A 1 130 ? 4.59872   13.44847  12.61033  1.000 40.51000 ? 130 LEU A N   1 
ATOM   1043 C CA  . LEU A 1 130 ? 4.58501   13.37010  14.05821  1.000 39.78000 ? 130 LEU A CA  1 
ATOM   1044 C C   . LEU A 1 130 ? 5.02446   14.70301  14.65540  1.000 42.85000 ? 130 LEU A C   1 
ATOM   1045 O O   . LEU A 1 130 ? 5.72184   15.49870  14.01461  1.000 46.53000 ? 130 LEU A O   1 
ATOM   1046 C CB  . LEU A 1 130 ? 5.52995   12.26461  14.53438  1.000 42.25000 ? 130 LEU A CB  1 
ATOM   1047 C CG  . LEU A 1 130 ? 5.04442   10.81752  14.56868  1.000 38.25000 ? 130 LEU A CG  1 
ATOM   1048 C CD1 . LEU A 1 130 ? 4.43818   10.41614  13.24194  1.000 37.11000 ? 130 LEU A CD1 1 
ATOM   1049 C CD2 . LEU A 1 130 ? 6.20076   9.90892   14.93444  1.000 36.36000 ? 130 LEU A CD2 1 
ATOM   1050 N N   . GLU A 1 131 ? 4.63323   14.93705  15.91112  1.000 41.55000 ? 131 GLU A N   1 
ATOM   1051 C CA  . GLU A 1 131 ? 5.05461   16.16431  16.58277  1.000 45.01000 ? 131 GLU A CA  1 
ATOM   1052 C C   . GLU A 1 131 ? 6.56611   16.22610  16.75909  1.000 46.83000 ? 131 GLU A C   1 
ATOM   1053 O O   . GLU A 1 131 ? 7.13022   17.31776  16.92639  1.000 50.89000 ? 131 GLU A O   1 
ATOM   1054 C CB  . GLU A 1 131 ? 4.33548   16.28247  17.91878  1.000 43.33000 ? 131 GLU A CB  1 
ATOM   1055 C CG  . GLU A 1 131 ? 2.86513   16.59439  17.71027  1.000 47.36000 ? 131 GLU A CG  1 
ATOM   1056 C CD  . GLU A 1 131 ? 2.13636   16.96764  18.97800  1.000 48.07000 ? 131 GLU A CD  1 
ATOM   1057 O OE1 . GLU A 1 131 ? 2.57135   16.56015  20.07643  1.000 49.67000 ? 131 GLU A OE1 1 
ATOM   1058 O OE2 . GLU A 1 131 ? 1.12409   17.68564  18.87028  1.000 51.59000 ? 131 GLU A OE2 1 
ATOM   1059 N N   . GLY A 1 132 ? 7.22560   15.08156  16.70361  1.000 44.75000 ? 132 GLY A N   1 
ATOM   1060 C CA  . GLY A 1 132 ? 8.65924   14.99150  16.67059  1.000 40.10000 ? 132 GLY A CA  1 
ATOM   1061 C C   . GLY A 1 132 ? 8.98232   13.54573  16.39390  1.000 40.67000 ? 132 GLY A C   1 
ATOM   1062 O O   . GLY A 1 132 ? 8.13048   12.66436  16.53809  1.000 44.16000 ? 132 GLY A O   1 
ATOM   1063 N N   . PRO A 1 133 ? 10.20316  13.27944  15.96390  1.000 39.28000 ? 133 PRO A N   1 
ATOM   1064 C CA  . PRO A 1 133 ? 10.58587  11.91059  15.61105  1.000 36.90000 ? 133 PRO A CA  1 
ATOM   1065 C C   . PRO A 1 133 ? 10.13072  10.90796  16.65518  1.000 37.85000 ? 133 PRO A C   1 
ATOM   1066 O O   . PRO A 1 133 ? 10.18601  11.17045  17.85707  1.000 41.50000 ? 133 PRO A O   1 
ATOM   1067 C CB  . PRO A 1 133 ? 12.11169  11.98150  15.54101  1.000 40.78000 ? 133 PRO A CB  1 
ATOM   1068 C CG  . PRO A 1 133 ? 12.45804  13.46050  15.48558  1.000 41.07000 ? 133 PRO A CG  1 
ATOM   1069 C CD  . PRO A 1 133 ? 11.21251  14.26894  15.57161  1.000 40.53000 ? 133 PRO A CD  1 
ATOM   1070 N N   . ALA A 1 134 ? 9.63691   9.76502   16.18787  1.000 40.51000 ? 134 ALA A N   1 
ATOM   1071 C CA  . ALA A 1 134 ? 9.32987   8.67991   17.10626  1.000 39.38000 ? 134 ALA A CA  1 
ATOM   1072 C C   . ALA A 1 134 ? 10.58602  8.30962   17.87281  1.000 41.16000 ? 134 ALA A C   1 
ATOM   1073 O O   . ALA A 1 134 ? 11.67754  8.23084   17.30109  1.000 42.79000 ? 134 ALA A O   1 
ATOM   1074 C CB  . ALA A 1 134 ? 8.79401   7.46481   16.35264  1.000 36.96000 ? 134 ALA A CB  1 
ATOM   1075 N N   . ARG A 1 135 ? 10.44060  8.10866   19.18030  1.000 39.89000 ? 135 ARG A N   1 
ATOM   1076 C CA  . ARG A 1 135 ? 11.58721  7.66164   19.96193  1.000 41.14000 ? 135 ARG A CA  1 
ATOM   1077 C C   . ARG A 1 135 ? 12.13033  6.35343   19.40280  1.000 45.76000 ? 135 ARG A C   1 
ATOM   1078 O O   . ARG A 1 135 ? 13.34173  6.19350   19.20173  1.000 48.25000 ? 135 ARG A O   1 
ATOM   1079 C CB  . ARG A 1 135 ? 11.19883  7.50785   21.43486  1.000 47.07000 ? 135 ARG A CB  1 
ATOM   1080 C CG  . ARG A 1 135 ? 12.31963  6.98731   22.32165  1.000 45.43000 ? 135 ARG A CG  1 
ATOM   1081 C CD  . ARG A 1 135 ? 11.78532  6.55994   23.65581  1.000 45.12000 ? 135 ARG A CD  1 
ATOM   1082 N NE  . ARG A 1 135 ? 12.03980  7.59884   24.64109  1.000 52.21000 ? 135 ARG A NE  1 
ATOM   1083 C CZ  . ARG A 1 135 ? 11.12919  8.07977   25.47865  1.000 52.43000 ? 135 ARG A CZ  1 
ATOM   1084 N NH1 . ARG A 1 135 ? 9.88933   7.61194   25.49622  1.000 55.34000 ? 135 ARG A NH1 1 
ATOM   1085 N NH2 . ARG A 1 135 ? 11.47523  9.04732   26.32910  1.000 48.64000 ? 135 ARG A NH2 1 
ATOM   1086 N N   . ASN A 1 136 ? 11.23805  5.41691   19.09459  1.000 47.27000 ? 136 ASN A N   1 
ATOM   1087 C CA  . ASN A 1 136 ? 11.62242  4.09954   18.60619  1.000 44.67000 ? 136 ASN A CA  1 
ATOM   1088 C C   . ASN A 1 136 ? 10.97917  3.94567   17.23488  1.000 44.12000 ? 136 ASN A C   1 
ATOM   1089 O O   . ASN A 1 136 ? 9.86607   3.41061   17.12135  1.000 49.16000 ? 136 ASN A O   1 
ATOM   1090 C CB  . ASN A 1 136 ? 11.18474  3.02397   19.59730  1.000 48.68000 ? 136 ASN A CB  1 
ATOM   1091 C CG  . ASN A 1 136 ? 12.05338  3.02156   20.86976  1.000 53.08000 ? 136 ASN A CG  1 
ATOM   1092 O OD1 . ASN A 1 136 ? 13.28123  2.94191   20.79184  1.000 55.82000 ? 136 ASN A OD1 1 
ATOM   1093 N ND2 . ASN A 1 136 ? 11.41308  3.14656   22.04152  1.000 53.74000 ? 136 ASN A ND2 1 
ATOM   1094 N N   . PRO A 1 137 ? 11.62206  4.44657   16.17919  1.000 40.90000 ? 137 PRO A N   1 
ATOM   1095 C CA  . PRO A 1 137 ? 11.05064  4.31071   14.83505  1.000 41.22000 ? 137 PRO A CA  1 
ATOM   1096 C C   . PRO A 1 137 ? 10.92833  2.84075   14.46346  1.000 42.93000 ? 137 PRO A C   1 
ATOM   1097 O O   . PRO A 1 137 ? 11.50063  1.96896   15.11576  1.000 48.00000 ? 137 PRO A O   1 
ATOM   1098 C CB  . PRO A 1 137 ? 12.04690  5.05118   13.94145  1.000 40.54000 ? 137 PRO A CB  1 
ATOM   1099 C CG  . PRO A 1 137 ? 13.27872  5.20706   14.77958  1.000 40.68000 ? 137 PRO A CG  1 
ATOM   1100 C CD  . PRO A 1 137 ? 12.86037  5.23773   16.18830  1.000 38.49000 ? 137 PRO A CD  1 
ATOM   1101 N N   . TYR A 1 138 ? 10.14842  2.56080   13.42060  1.000 40.81000 ? 138 TYR A N   1 
ATOM   1102 C CA  . TYR A 1 138 ? 9.68700   1.19378   13.21039  1.000 38.58000 ? 138 TYR A CA  1 
ATOM   1103 C C   . TYR A 1 138 ? 10.84272  0.21462   13.07568  1.000 40.93000 ? 138 TYR A C   1 
ATOM   1104 O O   . TYR A 1 138 ? 11.73040  0.38223   12.23628  1.000 38.88000 ? 138 TYR A O   1 
ATOM   1105 C CB  . TYR A 1 138 ? 8.79949   1.09014   11.97691  1.000 41.62000 ? 138 TYR A CB  1 
ATOM   1106 C CG  . TYR A 1 138 ? 8.21000   -0.29889  11.83711  1.000 41.75000 ? 138 TYR A CG  1 
ATOM   1107 C CD1 . TYR A 1 138 ? 7.29319   -0.78230  12.77984  1.000 39.44000 ? 138 TYR A CD1 1 
ATOM   1108 C CD2 . TYR A 1 138 ? 8.58700   -1.13769  10.78899  1.000 39.38000 ? 138 TYR A CD2 1 
ATOM   1109 C CE1 . TYR A 1 138 ? 6.76187   -2.04946  12.67605  1.000 37.05000 ? 138 TYR A CE1 1 
ATOM   1110 C CE2 . TYR A 1 138 ? 8.05694   -2.41559  10.67689  1.000 39.00000 ? 138 TYR A CE2 1 
ATOM   1111 C CZ  . TYR A 1 138 ? 7.14526   -2.85851  11.62078  1.000 38.90000 ? 138 TYR A CZ  1 
ATOM   1112 O OH  . TYR A 1 138 ? 6.60894   -4.12160  11.52037  1.000 45.42000 ? 138 TYR A OH  1 
ATOM   1113 N N   . ARG A 1 139 ? 10.80787  -0.82155  13.91185  1.000 41.98000 ? 139 ARG A N   1 
ATOM   1114 C CA  . ARG A 1 139 ? 11.77489  -1.90482  13.90419  1.000 41.84000 ? 139 ARG A CA  1 
ATOM   1115 C C   . ARG A 1 139 ? 11.07548  -3.24858  14.04839  1.000 43.33000 ? 139 ARG A C   1 
ATOM   1116 O O   . ARG A 1 139 ? 11.63564  -4.18410  14.63287  1.000 51.95000 ? 139 ARG A O   1 
ATOM   1117 C CB  . ARG A 1 139 ? 12.77859  -1.76149  15.04452  1.000 50.37000 ? 139 ARG A CB  1 
ATOM   1118 C CG  . ARG A 1 139 ? 13.95943  -0.82722  14.80725  1.000 55.14000 ? 139 ARG A CG  1 
ATOM   1119 C CD  . ARG A 1 139 ? 14.56231  -0.45510  16.17416  1.000 63.18000 ? 139 ARG A CD  1 
ATOM   1120 N NE  . ARG A 1 139 ? 13.53048  -0.33000  17.20732  1.000 64.53000 ? 139 ARG A NE  1 
ATOM   1121 C CZ  . ARG A 1 139 ? 13.36107  -1.17214  18.22409  1.000 67.55000 ? 139 ARG A CZ  1 
ATOM   1122 N NH1 . ARG A 1 139 ? 14.16539  -2.21451  18.40342  1.000 74.57000 ? 139 ARG A NH1 1 
ATOM   1123 N NH2 . ARG A 1 139 ? 12.35836  -0.96662  19.08065  1.000 63.27000 ? 139 ARG A NH2 1 
ATOM   1124 N N   . GLY A 1 140 ? 9.84568   -3.35754  13.55694  1.000 42.14000 ? 140 GLY A N   1 
ATOM   1125 C CA  . GLY A 1 140 ? 9.11107   -4.60271  13.64064  1.000 42.15000 ? 140 GLY A CA  1 
ATOM   1126 C C   . GLY A 1 140 ? 9.52193   -5.60391  12.57791  1.000 39.57000 ? 140 GLY A C   1 
ATOM   1127 O O   . GLY A 1 140 ? 10.27751  -5.31065  11.64871  1.000 39.34000 ? 140 GLY A O   1 
ATOM   1128 N N   . ASN A 1 141 ? 8.97868   -6.81163  12.71301  1.000 41.06000 ? 141 ASN A N   1 
ATOM   1129 C CA  . ASN A 1 141 ? 9.47944   -7.93144  11.92778  1.000 44.45000 ? 141 ASN A CA  1 
ATOM   1130 C C   . ASN A 1 141 ? 9.12560   -7.84191  10.45479  1.000 44.95000 ? 141 ASN A C   1 
ATOM   1131 O O   . ASN A 1 141 ? 9.57923   -8.70406  9.69298   1.000 48.23000 ? 141 ASN A O   1 
ATOM   1132 C CB  . ASN A 1 141 ? 8.95548   -9.23726  12.50843  1.000 46.42000 ? 141 ASN A CB  1 
ATOM   1133 C CG  . ASN A 1 141 ? 9.37407   -9.42894  13.93515  1.000 46.86000 ? 141 ASN A CG  1 
ATOM   1134 O OD1 . ASN A 1 141 ? 8.60702   -9.13414  14.85970  1.000 53.49000 ? 141 ASN A OD1 1 
ATOM   1135 N ND2 . ASN A 1 141 ? 10.60629  -9.90250  14.13603  1.000 46.17000 ? 141 ASN A ND2 1 
ATOM   1136 N N   . TYR A 1 142 ? 8.34407   -6.84301  10.03371  1.000 43.77000 ? 142 TYR A N   1 
ATOM   1137 C CA  . TYR A 1 142 ? 8.05589   -6.61112  8.62409   1.000 38.40000 ? 142 TYR A CA  1 
ATOM   1138 C C   . TYR A 1 142 ? 8.96328   -5.55838  7.99887   1.000 41.10000 ? 142 TYR A C   1 
ATOM   1139 O O   . TYR A 1 142 ? 8.88413   -5.33620  6.78545   1.000 40.79000 ? 142 TYR A O   1 
ATOM   1140 C CB  . TYR A 1 142 ? 6.60056   -6.18586  8.44611   1.000 37.71000 ? 142 TYR A CB  1 
ATOM   1141 C CG  . TYR A 1 142 ? 5.61348   -7.12334  9.07062   1.000 38.92000 ? 142 TYR A CG  1 
ATOM   1142 C CD1 . TYR A 1 142 ? 5.25891   -8.30447  8.44199   1.000 42.06000 ? 142 TYR A CD1 1 
ATOM   1143 C CD2 . TYR A 1 142 ? 5.02919   -6.82471  10.28890  1.000 37.63000 ? 142 TYR A CD2 1 
ATOM   1144 C CE1 . TYR A 1 142 ? 4.33988   -9.16868  9.01053   1.000 40.54000 ? 142 TYR A CE1 1 
ATOM   1145 C CE2 . TYR A 1 142 ? 4.11674   -7.67959  10.87080  1.000 40.15000 ? 142 TYR A CE2 1 
ATOM   1146 C CZ  . TYR A 1 142 ? 3.77588   -8.85215  10.22607  1.000 41.67000 ? 142 TYR A CZ  1 
ATOM   1147 O OH  . TYR A 1 142 ? 2.86587   -9.70772  10.80322  1.000 43.22000 ? 142 TYR A OH  1 
ATOM   1148 N N   . GLN A 1 143 ? 9.80945   -4.90047  8.79611   1.000 42.04000 ? 143 GLN A N   1 
ATOM   1149 C CA  . GLN A 1 143 ? 10.70368  -3.87170  8.27384   1.000 43.09000 ? 143 GLN A CA  1 
ATOM   1150 C C   . GLN A 1 143 ? 11.53328  -4.39974  7.10896   1.000 41.37000 ? 143 GLN A C   1 
ATOM   1151 O O   . GLN A 1 143 ? 11.93380  -5.56720  7.08232   1.000 45.27000 ? 143 GLN A O   1 
ATOM   1152 C CB  . GLN A 1 143 ? 11.61770  -3.35505  9.39484   1.000 42.12000 ? 143 GLN A CB  1 
ATOM   1153 C CG  . GLN A 1 143 ? 12.51805  -2.16118  9.03700   1.000 38.84000 ? 143 GLN A CG  1 
ATOM   1154 C CD  . GLN A 1 143 ? 11.77914  -0.90364  8.60329   1.000 41.30000 ? 143 GLN A CD  1 
ATOM   1155 O OE1 . GLN A 1 143 ? 10.63807  -0.95170  8.13427   1.000 44.25000 ? 143 GLN A OE1 1 
ATOM   1156 N NE2 . GLN A 1 143 ? 12.44272  0.24695   8.75820   1.000 39.33000 ? 143 GLN A NE2 1 
ATOM   1157 N N   . GLY A 1 144 ? 11.76770  -3.53875  6.12543   1.000 40.49000 ? 144 GLY A N   1 
ATOM   1158 C CA  . GLY A 1 144 ? 12.57116  -3.92785  4.99303   1.000 42.87000 ? 144 GLY A CA  1 
ATOM   1159 C C   . GLY A 1 144 ? 11.89897  -4.88215  4.04139   1.000 46.79000 ? 144 GLY A C   1 
ATOM   1160 O O   . GLY A 1 144 ? 12.51053  -5.24900  3.02845   1.000 49.83000 ? 144 GLY A O   1 
ATOM   1161 N N   . SER A 1 145 ? 10.64677  -5.23333  4.26934   1.000 44.53000 ? 145 SER A N   1 
ATOM   1162 C CA  . SER A 1 145 ? 9.97913   -6.18468  3.40288   1.000 43.14000 ? 145 SER A CA  1 
ATOM   1163 C C   . SER A 1 145 ? 9.91697   -5.72678  1.96979   1.000 44.78000 ? 145 SER A C   1 
ATOM   1164 O O   . SER A 1 145 ? 9.55035   -4.60210  1.69254   1.000 46.07000 ? 145 SER A O   1 
ATOM   1165 C CB  . SER A 1 145 ? 8.56146   -6.46673  3.86720   1.000 41.61000 ? 145 SER A CB  1 
ATOM   1166 O OG  . SER A 1 145 ? 7.79193   -7.01127  2.82055   1.000 51.29000 ? 145 SER A OG  1 
ATOM   1167 N N   . THR A 1 146 ? 10.26194  -6.61320  1.06111   1.000 47.29000 ? 146 THR A N   1 
ATOM   1168 C CA  . THR A 1 146 ? 10.22072  -6.30969  -0.34452  1.000 46.32000 ? 146 THR A CA  1 
ATOM   1169 C C   . THR A 1 146 ? 9.36502   -7.36824  -0.98748  1.000 47.80000 ? 146 THR A C   1 
ATOM   1170 O O   . THR A 1 146 ? 9.31941   -7.49448  -2.19538  1.000 43.14000 ? 146 THR A O   1 
ATOM   1171 C CB  . THR A 1 146 ? 11.62989  -6.32389  -0.92808  1.000 49.13000 ? 146 THR A CB  1 
ATOM   1172 O OG1 . THR A 1 146 ? 12.31556  -7.49775  -0.47844  1.000 49.51000 ? 146 THR A OG1 1 
ATOM   1173 C CG2 . THR A 1 146 ? 12.38612  -5.10010  -0.47166  1.000 45.52000 ? 146 THR A CG2 1 
ATOM   1174 N N   . ARG A 1 147 ? 8.67607   -8.12784  -0.16213  1.000 48.52000 ? 147 ARG A N   1 
ATOM   1175 C CA  . ARG A 1 147 ? 7.83715   -9.18415  -0.65362  1.000 49.28000 ? 147 ARG A CA  1 
ATOM   1176 C C   . ARG A 1 147 ? 6.54872   -9.23036  0.12622   1.000 46.34000 ? 147 ARG A C   1 
ATOM   1177 O O   . ARG A 1 147 ? 6.42793   -8.63347  1.17708   1.000 43.52000 ? 147 ARG A O   1 
ATOM   1178 C CB  . ARG A 1 147 ? 8.54132   -10.52872 -0.52429  1.000 49.25000 ? 147 ARG A CB  1 
ATOM   1179 C CG  . ARG A 1 147 ? 9.88175   -10.63000 -1.21531  1.000 52.00000 ? 147 ARG A CG  1 
ATOM   1180 C CD  . ARG A 1 147 ? 10.70805  -11.73765 -0.58898  1.000 59.49000 ? 147 ARG A CD  1 
ATOM   1181 N NE  . ARG A 1 147 ? 12.12685  -11.40964 -0.53302  1.000 65.08000 ? 147 ARG A NE  1 
ATOM   1182 C CZ  . ARG A 1 147 ? 12.66126  -10.55113 0.32739   1.000 68.21000 ? 147 ARG A CZ  1 
ATOM   1183 N NH1 . ARG A 1 147 ? 11.89818  -9.92309  1.20892   1.000 64.20000 ? 147 ARG A NH1 1 
ATOM   1184 N NH2 . ARG A 1 147 ? 13.96288  -10.31628 0.30206   1.000 71.30000 ? 147 ARG A NH2 1 
ATOM   1185 N N   . LEU A 1 148 ? 5.58375   -9.95925  -0.40432  1.000 47.39000 ? 148 LEU A N   1 
ATOM   1186 C CA  . LEU A 1 148 ? 4.34350   -10.09839 0.30472   1.000 45.28000 ? 148 LEU A CA  1 
ATOM   1187 C C   . LEU A 1 148 ? 4.70907   -10.68873 1.60830   1.000 44.49000 ? 148 LEU A C   1 
ATOM   1188 O O   . LEU A 1 148 ? 5.41537   -11.67857 1.67835   1.000 45.01000 ? 148 LEU A O   1 
ATOM   1189 C CB  . LEU A 1 148 ? 3.33944   -10.97044 -0.42837  1.000 46.40000 ? 148 LEU A CB  1 
ATOM   1190 C CG  . LEU A 1 148 ? 2.03890   -11.19947 0.32788   1.000 43.11000 ? 148 LEU A CG  1 
ATOM   1191 C CD1 . LEU A 1 148 ? 1.31032   -9.88848  0.53227   1.000 40.59000 ? 148 LEU A CD1 1 
ATOM   1192 C CD2 . LEU A 1 148 ? 1.18141   -12.18906 -0.43053  1.000 43.79000 ? 148 LEU A CD2 1 
ATOM   1193 N N   . ALA A 1 149 ? 4.23439   -10.06547 2.65293   1.000 43.06000 ? 149 ALA A N   1 
ATOM   1194 C CA  . ALA A 1 149 ? 4.60049   -10.50298 3.95309   1.000 42.61000 ? 149 ALA A CA  1 
ATOM   1195 C C   . ALA A 1 149 ? 3.37299   -10.90641 4.66624   1.000 45.08000 ? 149 ALA A C   1 
ATOM   1196 O O   . ALA A 1 149 ? 2.45005   -10.12295 4.83295   1.000 44.46000 ? 149 ALA A O   1 
ATOM   1197 C CB  . ALA A 1 149 ? 5.28971   -9.39058  4.68332   1.000 44.30000 ? 149 ALA A CB  1 
ATOM   1198 N N   . PHE A 1 150 ? 3.36780   -12.13748 5.11687   1.000 42.78000 ? 150 PHE A N   1 
ATOM   1199 C CA  . PHE A 1 150 ? 2.19666   -12.64300 5.75485   1.000 41.06000 ? 150 PHE A CA  1 
ATOM   1200 C C   . PHE A 1 150 ? 2.23524   -12.41230 7.23588   1.000 39.65000 ? 150 PHE A C   1 
ATOM   1201 O O   . PHE A 1 150 ? 3.19454   -11.88798 7.76001   1.000 41.24000 ? 150 PHE A O   1 
ATOM   1202 C CB  . PHE A 1 150 ? 2.05170   -14.12266 5.44060   1.000 41.45000 ? 150 PHE A CB  1 
ATOM   1203 C CG  . PHE A 1 150 ? 1.75755   -14.40980 3.99986   1.000 45.51000 ? 150 PHE A CG  1 
ATOM   1204 C CD1 . PHE A 1 150 ? 2.78099   -14.53519 3.08528   1.000 46.76000 ? 150 PHE A CD1 1 
ATOM   1205 C CD2 . PHE A 1 150 ? 0.45828   -14.56649 3.56583   1.000 45.23000 ? 150 PHE A CD2 1 
ATOM   1206 C CE1 . PHE A 1 150 ? 2.51251   -14.80330 1.76278   1.000 48.17000 ? 150 PHE A CE1 1 
ATOM   1207 C CE2 . PHE A 1 150 ? 0.18379   -14.83849 2.24504   1.000 41.27000 ? 150 PHE A CE2 1 
ATOM   1208 C CZ  . PHE A 1 150 ? 1.21159   -14.95755 1.34207   1.000 43.02000 ? 150 PHE A CZ  1 
ATOM   1209 N N   . SER A 1 151 ? 1.16910   -12.80721 7.89782   1.000 42.98000 ? 151 SER A N   1 
ATOM   1210 C CA  . SER A 1 151 ? 1.08793   -12.60641 9.31229   1.000 41.39000 ? 151 SER A CA  1 
ATOM   1211 C C   . SER A 1 151 ? 2.10550   -13.38238 10.04249  1.000 46.18000 ? 151 SER A C   1 
ATOM   1212 O O   . SER A 1 151 ? 2.22600   -14.57891 9.89161   1.000 52.88000 ? 151 SER A O   1 
ATOM   1213 C CB  . SER A 1 151 ? -0.27070  -12.95862 9.90384   1.000 42.83000 ? 151 SER A CB  1 
ATOM   1214 O OG  . SER A 1 151 ? -0.25758  -12.83713 11.30738  1.000 50.27000 ? 151 SER A OG  1 
ATOM   1215 N N   . LYS A 1 152 ? 2.84650   -12.67802 10.82252  1.000 49.94000 ? 152 LYS A N   1 
ATOM   1216 C CA  . LYS A 1 152 ? 3.84878   -13.26003 11.70621  1.000 50.56000 ? 152 LYS A CA  1 
ATOM   1217 C C   . LYS A 1 152 ? 3.34815   -13.41488 13.14440  1.000 52.54000 ? 152 LYS A C   1 
ATOM   1218 O O   . LYS A 1 152 ? 4.16244   -13.63715 14.04584  1.000 61.07000 ? 152 LYS A O   1 
ATOM   1219 C CB  . LYS A 1 152 ? 5.12800   -12.40277 11.66775  1.000 44.82000 ? 152 LYS A CB  1 
ATOM   1220 C CG  . LYS A 1 152 ? 5.72778   -12.22560 10.26840  1.000 44.17000 ? 152 LYS A CG  1 
ATOM   1221 C CD  . LYS A 1 152 ? 6.89160   -11.23176 10.26823  1.000 42.32000 ? 152 LYS A CD  1 
ATOM   1222 C CE  . LYS A 1 152 ? 7.98994   -11.62793 9.27124   1.000 47.92000 ? 152 LYS A CE  1 
ATOM   1223 N NZ  . LYS A 1 152 ? 7.58955   -11.40699 7.86324   1.000 50.27000 ? 152 LYS A NZ  1 
ATOM   1224 N N   . ARG A 1 153 ? 2.03308   -13.31658 13.37922  1.000 49.07000 ? 153 ARG A N   1 
ATOM   1225 C CA  . ARG A 1 153 ? 1.50399   -13.23740 14.74572  1.000 55.19000 ? 153 ARG A CA  1 
ATOM   1226 C C   . ARG A 1 153 ? 1.72743   -14.52480 15.50482  1.000 59.34000 ? 153 ARG A C   1 
ATOM   1227 O O   . ARG A 1 153 ? 2.10488   -14.52109 16.68276  1.000 62.81000 ? 153 ARG A O   1 
ATOM   1228 C CB  . ARG A 1 153 ? -0.00173  -12.93410 14.70144  1.000 53.75000 ? 153 ARG A CB  1 
ATOM   1229 C CG  . ARG A 1 153 ? -0.66518  -12.53902 16.01917  1.000 51.64000 ? 153 ARG A CG  1 
ATOM   1230 C CD  . ARG A 1 153 ? -2.05721  -11.95584 15.77112  1.000 48.89000 ? 153 ARG A CD  1 
ATOM   1231 N NE  . ARG A 1 153 ? -2.95141  -12.88482 15.08440  1.000 48.57000 ? 153 ARG A NE  1 
ATOM   1232 C CZ  . ARG A 1 153 ? -3.92657  -13.57471 15.67020  1.000 47.35000 ? 153 ARG A CZ  1 
ATOM   1233 N NH1 . ARG A 1 153 ? -4.14199  -13.49602 16.97466  1.000 45.94000 ? 153 ARG A NH1 1 
ATOM   1234 N NH2 . ARG A 1 153 ? -4.71459  -14.35436 14.92522  1.000 46.00000 ? 153 ARG A NH2 1 
ATOM   1235 N N   . LYS A 1 154 ? 1.50178   -15.63662 14.83152  1.000 64.13000 ? 154 LYS A N   1 
ATOM   1236 C CA  . LYS A 1 154 ? 1.36209   -16.91468 15.51106  1.000 68.78000 ? 154 LYS A CA  1 
ATOM   1237 C C   . LYS A 1 154 ? 2.67292   -17.34521 16.15618  1.000 63.66000 ? 154 LYS A C   1 
ATOM   1238 O O   . LYS A 1 154 ? 2.67689   -18.06463 17.16428  1.000 63.97000 ? 154 LYS A O   1 
ATOM   1239 C CB  . LYS A 1 154 ? 0.81449   -17.92165 14.49807  1.000 64.86000 ? 154 LYS A CB  1 
ATOM   1240 C CG  . LYS A 1 154 ? -0.57511  -17.45650 14.07914  1.000 61.28000 ? 154 LYS A CG  1 
ATOM   1241 C CD  . LYS A 1 154 ? -1.38934  -17.49123 15.36203  1.000 61.23000 ? 154 LYS A CD  1 
ATOM   1242 C CE  . LYS A 1 154 ? -2.81227  -17.03211 15.23229  1.000 62.02000 ? 154 LYS A CE  1 
ATOM   1243 N NZ  . LYS A 1 154 ? -3.46128  -17.15604 16.58045  1.000 62.00000 ? 154 LYS A NZ  1 
HETATM 1244 O O   . HOH B 2 .   ? 4.37852   24.07460  5.20923   1.000 48.08000 ? 201 HOH A O   1 
HETATM 1245 O O   . HOH B 2 .   ? 11.69520  8.48119   3.63680   1.000 55.35000 ? 202 HOH A O   1 
HETATM 1246 O O   . HOH B 2 .   ? -3.63756  -4.28229  4.54918   1.000 32.84000 ? 203 HOH A O   1 
HETATM 1247 O O   . HOH B 2 .   ? 13.87997  8.46223   16.58464  1.000 44.71000 ? 204 HOH A O   1 
HETATM 1248 O O   . HOH B 2 .   ? -6.73503  5.97318   6.69598   1.000 39.73000 ? 205 HOH A O   1 
HETATM 1249 O O   . HOH B 2 .   ? -11.15507 -14.87561 0.98597   1.000 48.87000 ? 206 HOH A O   1 
HETATM 1250 O O   . HOH B 2 .   ? 10.92916  9.08373   -3.36239  1.000 50.78000 ? 207 HOH A O   1 
HETATM 1251 O O   . HOH B 2 .   ? 1.55720   -0.89323  11.45915  1.000 38.84000 ? 208 HOH A O   1 
HETATM 1252 O O   . HOH B 2 .   ? -17.81626 10.91459  -5.77649  1.000 41.00000 ? 209 HOH A O   1 
HETATM 1253 O O   . HOH B 2 .   ? 9.63360   0.90719   17.39961  1.000 50.78000 ? 210 HOH A O   1 
HETATM 1254 O O   . HOH B 2 .   ? -4.68219  13.75487  -1.70958  1.000 39.23000 ? 211 HOH A O   1 
HETATM 1255 O O   . HOH B 2 .   ? -9.02122  -2.77959  8.80040   1.000 33.62000 ? 212 HOH A O   1 
HETATM 1256 O O   . HOH B 2 .   ? -6.90211  8.13546   9.32054   0.33  40.41000 ? 213 HOH A O   1 
HETATM 1257 O O   . HOH B 2 .   ? 0.29237   13.10649  2.51477   1.000 41.42000 ? 214 HOH A O   1 
HETATM 1258 O O   . HOH B 2 .   ? 5.21691   -4.74221  13.61477  1.000 41.95000 ? 215 HOH A O   1 
HETATM 1259 O O   . HOH B 2 .   ? -0.31953  -21.81735 -2.11698  1.000 48.70000 ? 216 HOH A O   1 
HETATM 1260 O O   . HOH B 2 .   ? -2.06806  3.35337   6.78960   1.000 36.27000 ? 217 HOH A O   1 
HETATM 1261 O O   . HOH B 2 .   ? -17.21169 -4.92805  -8.21407  1.000 42.87000 ? 218 HOH A O   1 
HETATM 1262 O O   . HOH B 2 .   ? -18.79899 1.89535   -8.95580  1.000 40.02000 ? 219 HOH A O   1 
HETATM 1263 O O   . HOH B 2 .   ? -8.79260  -14.94599 -1.25630  1.000 52.26000 ? 220 HOH A O   1 
HETATM 1264 O O   . HOH B 2 .   ? -10.07606 8.37644   -6.21115  1.000 42.40000 ? 221 HOH A O   1 
HETATM 1265 O O   . HOH B 2 .   ? 11.97601  3.63642   -1.56992  1.000 50.32000 ? 222 HOH A O   1 
HETATM 1266 O O   . HOH B 2 .   ? -8.13776  7.34199   -0.84082  1.000 34.21000 ? 223 HOH A O   1 
HETATM 1267 O O   . HOH B 2 .   ? -15.64593 -5.32378  -10.31825 1.000 40.88000 ? 224 HOH A O   1 
HETATM 1268 O O   . HOH B 2 .   ? -2.31107  15.74575  11.67898  0.33  32.99000 ? 225 HOH A O   1 
HETATM 1269 O O   . HOH B 2 .   ? -5.51135  -18.10584 -6.69931  1.000 49.36000 ? 226 HOH A O   1 
HETATM 1270 O O   . HOH B 2 .   ? 2.99844   -9.21746  13.52381  1.000 44.88000 ? 227 HOH A O   1 
HETATM 1271 O O   . HOH B 2 .   ? -14.10613 -3.95874  -11.40173 1.000 45.03000 ? 228 HOH A O   1 
HETATM 1272 O O   . HOH B 2 .   ? -3.58552  3.33958   -12.23863 1.000 45.43000 ? 229 HOH A O   1 
HETATM 1273 O O   . HOH B 2 .   ? -3.62761  -13.00591 -11.99066 1.000 43.91000 ? 230 HOH A O   1 
HETATM 1274 O O   . HOH B 2 .   ? -11.94356 0.15265   5.33568   1.000 38.12000 ? 231 HOH A O   1 
HETATM 1275 O O   . HOH B 2 .   ? 8.97698   -1.09593  16.02471  1.000 47.16000 ? 232 HOH A O   1 
HETATM 1276 O O   . HOH B 2 .   ? 0.48803   5.86121   -11.33673 1.000 50.05000 ? 233 HOH A O   1 
HETATM 1277 O O   . HOH B 2 .   ? -6.55892  8.60331   -5.11423  1.000 43.89000 ? 234 HOH A O   1 
HETATM 1278 O O   . HOH B 2 .   ? 3.47457   -1.01815  14.51381  1.000 46.33000 ? 235 HOH A O   1 
HETATM 1279 O O   . HOH B 2 .   ? -21.86414 -6.71594  -6.53440  1.000 44.43000 ? 236 HOH A O   1 
HETATM 1280 O O   . HOH B 2 .   ? -0.73967  16.77328  -6.97744  1.000 46.55000 ? 237 HOH A O   1 
HETATM 1281 O O   . HOH B 2 .   ? 14.05268  10.15645  9.65366   1.000 46.44000 ? 238 HOH A O   1 
HETATM 1282 O O   . HOH B 2 .   ? -9.95188  6.59171   -7.50559  1.000 43.33000 ? 239 HOH A O   1 
HETATM 1283 O O   . HOH B 2 .   ? 11.55069  6.92713   -7.99069  1.000 49.21000 ? 240 HOH A O   1 
HETATM 1284 O O   . HOH B 2 .   ? -12.26418 -4.99631  -12.33035 1.000 41.76000 ? 241 HOH A O   1 
HETATM 1285 O O   . HOH B 2 .   ? -0.94017  13.35211  -10.54417 1.000 48.50000 ? 242 HOH A O   1 
HETATM 1286 O O   . HOH B 2 .   ? 1.37132   -20.20801 -4.26026  1.000 40.76000 ? 243 HOH A O   1 
HETATM 1287 O O   . HOH B 2 .   ? 8.62459   16.20647  13.41860  1.000 44.84000 ? 244 HOH A O   1 
HETATM 1288 O O   . HOH B 2 .   ? -7.94704  -0.55806  9.38023   1.000 36.64000 ? 245 HOH A O   1 
HETATM 1289 O O   . HOH B 2 .   ? 6.31279   -4.83508  -6.07427  1.000 46.52000 ? 246 HOH A O   1 
HETATM 1290 O O   . HOH B 2 .   ? 11.07477  -3.16646  -4.05039  1.000 46.85000 ? 247 HOH A O   1 
HETATM 1291 O O   . HOH B 2 .   ? 11.52961  -0.71289  -5.38854  1.000 51.85000 ? 248 HOH A O   1 
HETATM 1292 O O   . HOH B 2 .   ? 6.85329   -6.71107  14.79032  1.000 47.17000 ? 249 HOH A O   1 
HETATM 1293 O O   . HOH B 2 .   ? 12.38474  11.44718  -1.36044  1.000 48.67000 ? 250 HOH A O   1 
HETATM 1294 O O   . HOH B 2 .   ? -6.46993  -16.61972 0.94673   1.000 53.63000 ? 251 HOH A O   1 
HETATM 1295 O O   . HOH B 2 .   ? 0.58121   -3.83235  -16.56630 1.000 51.04000 ? 252 HOH A O   1 
HETATM 1296 O O   . HOH B 2 .   ? -8.61708  7.93547   -3.53591  1.000 40.17000 ? 253 HOH A O   1 
HETATM 1297 O O   . HOH B 2 .   ? -5.26222  -13.35190 -9.42550  1.000 43.61000 ? 254 HOH A O   1 
HETATM 1298 O O   . HOH B 2 .   ? 4.45196   -0.87640  8.90773   1.000 29.44000 ? 255 HOH A O   1 
HETATM 1299 O O   . HOH B 2 .   ? -16.25981 10.16175  -2.50748  1.000 31.32000 ? 256 HOH A O   1 
HETATM 1300 O O   . HOH B 2 .   ? -8.32488  0.63037   6.79865   1.000 37.55000 ? 257 HOH A O   1 
HETATM 1301 O O   . HOH B 2 .   ? -9.04806  -17.14452 0.71435   1.000 53.06000 ? 258 HOH A O   1 
HETATM 1302 O O   . HOH B 2 .   ? -0.09075  -2.49371  5.76919   1.000 33.71000 ? 259 HOH A O   1 
HETATM 1303 O O   . HOH B 2 .   ? -14.09566 11.75460  -3.53571  1.000 30.86000 ? 260 HOH A O   1 
HETATM 1304 O O   . HOH B 2 .   ? -8.83952  2.43901   5.60651   1.000 40.64000 ? 261 HOH A O   1 
HETATM 1305 O O   . HOH B 2 .   ? 10.63125  17.92879  16.52690  1.000 47.69000 ? 262 HOH A O   1 
HETATM 1306 O O   . HOH B 2 .   ? -1.02503  4.62980   -12.78050 1.000 50.40000 ? 263 HOH A O   1 
# 
